data_5CZX
#
_entry.id   5CZX
#
_cell.length_a   88.340
_cell.length_b   123.860
_cell.length_c   150.570
_cell.angle_alpha   90.00
_cell.angle_beta   90.00
_cell.angle_gamma   90.00
#
_symmetry.space_group_name_H-M   'P 21 21 21'
#
loop_
_entity.id
_entity.type
_entity.pdbx_description
1 polymer 'Neurogenic locus notch homolog protein 3'
2 polymer '20358 Fab heavy chain'
3 polymer '20358 Fab light chain'
4 non-polymer 2-acetamido-2-deoxy-beta-D-glucopyranose
5 non-polymer 'CALCIUM ION'
6 non-polymer 1,2-ETHANEDIOL
7 non-polymer 'CHLORIDE ION'
8 water water
#
loop_
_entity_poly.entity_id
_entity_poly.type
_entity_poly.pdbx_seq_one_letter_code
_entity_poly.pdbx_strand_id
1 'polypeptide(L)'
;APEVSEEPRCPRAACQAKRGDQRCDRECNSPGCGWDGGDCSLSVGDPWRQCEALQCWRLFNNSRCDPACSSPACLYDNFD
CHAGGRERTCNPVYEKYCADHFADGRCDQGCNTEECGWDGLDCASEVPALLARGVLVLTVLLPPEELLRSSADFLQRLSA
ILRTSLRFRLDAHGQAMVFPYHRPSPGSEPRARRELAPEVIGSVVMLEIDNRLCLQSPENDHCFPDAQSAADYLGALSAV
ERLDFPYPLRDVRGEPLEPPEPSGSHHHHHH
;
A,B
2 'polypeptide(L)'
;QVQLVQSGAEVKKPGSSVKVSCKASGGTFRTYAMHWVRQAPGQGLEWMGGIVPYHGITDYAQKFQGRVTITADESTSTAY
MELSSLRSEDTAVYYCARDDYSTYAFAYWGQGTLVTVSSASTKGPSVFPLAPSSKSTSGGTAALGCLVKDYFPEPVTVSW
NSGALTSGVHTFPAVLQSSGLYSLSSVVTVPSSSLGTQTYICNVNHKPSNTKVDKRVEPKSCDKTH
;
C,H
3 'polypeptide(L)'
;DIQMTQSPSSLSASVGDRVTITCRASQSIASYLAWYQQKPGKAPKLLIYDASNLQSGVPSRFSGSGSGTDFTLTISSLQP
EDFATYYCQQAYKTPYTFGQGTKVEIKRTVAAPSVFIFPPSDEQLKSGTASVVCLLNNFYPREAKVQWKVDNALQSGNSQ
ESVTEQDSKDSTYSLSSTLTLSKADYEKHKVYACEVTHQGLSSPVTKSFNRGEC
;
D,L
#
# COMPACT_ATOMS: atom_id res chain seq x y z
N CYS A 10 12.02 -34.81 -40.42
CA CYS A 10 10.99 -35.83 -40.67
C CYS A 10 10.96 -36.41 -42.11
N PRO A 11 11.18 -35.63 -43.20
CA PRO A 11 11.18 -36.26 -44.55
C PRO A 11 12.50 -37.00 -44.84
N ARG A 12 13.62 -36.52 -44.23
CA ARG A 12 14.99 -37.03 -44.33
C ARG A 12 15.87 -36.35 -43.27
N ALA A 13 16.77 -37.15 -42.64
CA ALA A 13 17.76 -36.75 -41.61
C ALA A 13 17.20 -35.94 -40.41
N ALA A 14 16.71 -36.65 -39.36
CA ALA A 14 16.16 -36.04 -38.14
C ALA A 14 16.24 -36.97 -36.92
N CYS A 15 15.24 -37.87 -36.74
CA CYS A 15 15.15 -38.80 -35.60
C CYS A 15 14.84 -40.26 -36.00
N GLN A 16 15.70 -40.85 -36.87
CA GLN A 16 15.56 -42.25 -37.31
C GLN A 16 15.90 -43.24 -36.20
N ALA A 17 16.73 -42.81 -35.21
CA ALA A 17 17.17 -43.60 -34.06
C ALA A 17 16.06 -43.78 -33.01
N LYS A 18 14.96 -43.02 -33.15
CA LYS A 18 13.81 -43.07 -32.25
C LYS A 18 12.58 -43.78 -32.85
N ARG A 19 12.56 -44.04 -34.18
CA ARG A 19 11.46 -44.75 -34.84
C ARG A 19 11.42 -46.22 -34.39
N GLY A 20 10.34 -46.61 -33.73
CA GLY A 20 10.16 -47.96 -33.22
C GLY A 20 11.04 -48.32 -32.04
N ASP A 21 11.43 -47.31 -31.23
CA ASP A 21 12.30 -47.49 -30.06
C ASP A 21 11.55 -47.83 -28.76
N GLN A 22 10.24 -48.19 -28.86
CA GLN A 22 9.33 -48.53 -27.74
C GLN A 22 9.18 -47.40 -26.69
N ARG A 23 9.35 -46.15 -27.14
CA ARG A 23 9.23 -44.93 -26.33
C ARG A 23 8.65 -43.84 -27.22
N CYS A 24 7.50 -43.27 -26.81
CA CYS A 24 6.82 -42.22 -27.60
C CYS A 24 7.54 -40.88 -27.47
N ASP A 25 7.92 -40.30 -28.63
CA ASP A 25 8.63 -39.02 -28.77
C ASP A 25 7.77 -38.07 -29.63
N ARG A 26 7.10 -37.09 -28.98
CA ARG A 26 6.18 -36.15 -29.65
C ARG A 26 6.78 -35.31 -30.80
N GLU A 27 8.11 -35.13 -30.81
CA GLU A 27 8.86 -34.39 -31.84
C GLU A 27 8.84 -35.17 -33.17
N CYS A 28 8.74 -36.51 -33.06
CA CYS A 28 8.72 -37.47 -34.16
C CYS A 28 7.31 -38.01 -34.43
N ASN A 29 6.33 -37.59 -33.61
CA ASN A 29 4.94 -38.00 -33.77
C ASN A 29 4.23 -37.14 -34.81
N SER A 30 4.33 -37.60 -36.07
CA SER A 30 3.74 -36.96 -37.26
C SER A 30 3.45 -38.06 -38.30
N PRO A 31 2.53 -37.87 -39.28
CA PRO A 31 2.27 -38.93 -40.27
C PRO A 31 3.49 -39.27 -41.12
N GLY A 32 4.32 -38.26 -41.40
CA GLY A 32 5.56 -38.38 -42.16
C GLY A 32 6.54 -39.34 -41.50
N CYS A 33 6.69 -39.25 -40.17
CA CYS A 33 7.57 -40.11 -39.39
C CYS A 33 6.84 -41.37 -38.86
N GLY A 34 5.66 -41.63 -39.41
CA GLY A 34 4.80 -42.78 -39.07
C GLY A 34 4.39 -42.89 -37.62
N TRP A 35 4.02 -41.74 -37.01
CA TRP A 35 3.60 -41.60 -35.62
C TRP A 35 4.69 -42.11 -34.65
N ASP A 36 5.96 -41.74 -34.99
CA ASP A 36 7.20 -42.11 -34.29
C ASP A 36 7.42 -43.63 -34.42
N GLY A 37 7.20 -44.14 -35.62
CA GLY A 37 7.31 -45.56 -35.93
C GLY A 37 6.35 -46.43 -35.16
N GLY A 38 5.17 -45.89 -34.87
CA GLY A 38 4.12 -46.57 -34.11
C GLY A 38 4.16 -46.44 -32.60
N ASP A 39 5.27 -45.93 -32.01
CA ASP A 39 5.47 -45.78 -30.56
C ASP A 39 4.46 -44.83 -29.91
N CYS A 40 3.94 -43.87 -30.68
CA CYS A 40 2.96 -42.91 -30.20
C CYS A 40 1.53 -43.32 -30.56
N SER A 41 1.37 -44.38 -31.39
CA SER A 41 0.07 -44.90 -31.79
C SER A 41 -0.19 -46.33 -31.25
N LEU A 42 0.34 -46.64 -30.05
CA LEU A 42 0.13 -47.93 -29.36
C LEU A 42 0.51 -49.18 -30.20
N SER A 43 1.57 -49.06 -31.03
CA SER A 43 2.16 -50.08 -31.93
C SER A 43 1.40 -50.30 -33.21
N VAL A 44 0.36 -49.50 -33.43
CA VAL A 44 -0.41 -49.54 -34.66
C VAL A 44 0.40 -48.70 -35.66
N GLY A 45 0.89 -49.34 -36.72
CA GLY A 45 1.69 -48.70 -37.76
C GLY A 45 1.04 -47.45 -38.31
N ASP A 46 -0.09 -47.62 -39.01
CA ASP A 46 -0.88 -46.52 -39.54
C ASP A 46 -2.35 -46.78 -39.19
N PRO A 47 -2.91 -46.13 -38.14
CA PRO A 47 -4.33 -46.37 -37.79
C PRO A 47 -5.25 -46.06 -38.97
N TRP A 48 -4.85 -45.12 -39.85
CA TRP A 48 -5.59 -44.71 -41.05
C TRP A 48 -5.17 -45.46 -42.34
N ARG A 49 -4.43 -46.59 -42.22
CA ARG A 49 -3.94 -47.38 -43.36
C ARG A 49 -4.96 -47.79 -44.43
N GLN A 50 -6.24 -47.92 -44.03
CA GLN A 50 -7.33 -48.31 -44.94
C GLN A 50 -8.22 -47.15 -45.31
N CYS A 51 -8.02 -46.01 -44.65
CA CYS A 51 -8.79 -44.80 -44.90
C CYS A 51 -8.49 -44.32 -46.31
N GLU A 52 -9.55 -44.12 -47.09
CA GLU A 52 -9.47 -43.71 -48.49
C GLU A 52 -9.06 -42.26 -48.70
N ALA A 53 -9.22 -41.39 -47.70
CA ALA A 53 -8.80 -39.99 -47.83
C ALA A 53 -7.58 -39.73 -46.94
N LEU A 54 -6.50 -39.22 -47.53
CA LEU A 54 -5.20 -39.01 -46.88
C LEU A 54 -5.15 -38.00 -45.75
N GLN A 55 -5.96 -36.94 -45.83
CA GLN A 55 -5.97 -35.87 -44.85
C GLN A 55 -7.00 -36.03 -43.71
N CYS A 56 -7.45 -37.28 -43.42
CA CYS A 56 -8.45 -37.48 -42.36
C CYS A 56 -7.97 -37.27 -40.94
N TRP A 57 -6.73 -37.68 -40.61
CA TRP A 57 -6.12 -37.49 -39.30
C TRP A 57 -6.15 -36.01 -38.81
N ARG A 58 -6.08 -35.03 -39.75
CA ARG A 58 -6.10 -33.60 -39.46
C ARG A 58 -7.49 -33.16 -39.00
N LEU A 59 -8.53 -33.92 -39.42
CA LEU A 59 -9.94 -33.66 -39.11
C LEU A 59 -10.47 -34.59 -37.99
N PHE A 60 -9.61 -35.49 -37.48
CA PHE A 60 -9.95 -36.49 -36.45
C PHE A 60 -10.20 -35.86 -35.09
N ASN A 61 -9.42 -34.81 -34.80
CA ASN A 61 -9.27 -34.03 -33.56
C ASN A 61 -10.16 -32.77 -33.44
N ASN A 62 -10.99 -32.44 -34.47
CA ASN A 62 -11.76 -31.19 -34.57
C ASN A 62 -13.14 -31.01 -33.91
N SER A 63 -13.74 -32.03 -33.22
CA SER A 63 -15.07 -31.90 -32.57
C SER A 63 -16.18 -31.54 -33.54
N ARG A 64 -16.02 -31.88 -34.85
CA ARG A 64 -17.05 -31.63 -35.85
C ARG A 64 -17.14 -32.74 -36.90
N CYS A 65 -18.34 -32.94 -37.45
CA CYS A 65 -18.56 -33.97 -38.44
C CYS A 65 -17.92 -33.63 -39.79
N ASP A 66 -17.09 -34.55 -40.28
CA ASP A 66 -16.44 -34.47 -41.59
C ASP A 66 -16.88 -35.74 -42.30
N PRO A 67 -18.04 -35.68 -43.00
CA PRO A 67 -18.61 -36.88 -43.65
C PRO A 67 -17.67 -37.72 -44.52
N ALA A 68 -16.70 -37.06 -45.20
CA ALA A 68 -15.72 -37.75 -46.05
C ALA A 68 -14.79 -38.64 -45.22
N CYS A 69 -14.68 -38.38 -43.90
CA CYS A 69 -13.84 -39.13 -42.95
C CYS A 69 -14.66 -40.01 -41.99
N SER A 70 -15.95 -40.22 -42.28
CA SER A 70 -16.85 -40.96 -41.40
C SER A 70 -16.94 -42.45 -41.56
N SER A 71 -16.33 -43.00 -42.62
CA SER A 71 -16.34 -44.45 -42.90
C SER A 71 -15.63 -45.26 -41.79
N PRO A 72 -15.90 -46.58 -41.64
CA PRO A 72 -15.17 -47.37 -40.63
C PRO A 72 -13.65 -47.34 -40.84
N ALA A 73 -13.21 -47.40 -42.11
CA ALA A 73 -11.79 -47.38 -42.49
C ALA A 73 -11.12 -46.06 -42.04
N CYS A 74 -11.91 -44.97 -42.03
CA CYS A 74 -11.51 -43.64 -41.60
C CYS A 74 -11.80 -43.34 -40.10
N LEU A 75 -11.97 -44.43 -39.32
CA LEU A 75 -12.17 -44.46 -37.87
C LEU A 75 -13.35 -43.58 -37.36
N TYR A 76 -14.46 -43.58 -38.12
CA TYR A 76 -15.72 -42.89 -37.83
C TYR A 76 -15.59 -41.41 -37.54
N ASP A 77 -14.47 -40.77 -38.01
CA ASP A 77 -14.13 -39.36 -37.77
C ASP A 77 -14.23 -39.11 -36.25
N ASN A 78 -13.63 -40.01 -35.46
CA ASN A 78 -13.63 -39.96 -34.01
C ASN A 78 -15.07 -39.80 -33.43
N PHE A 79 -16.06 -40.47 -34.04
CA PHE A 79 -17.49 -40.46 -33.66
C PHE A 79 -18.21 -39.12 -33.71
N ASP A 80 -17.64 -38.10 -34.37
CA ASP A 80 -18.26 -36.79 -34.47
C ASP A 80 -19.44 -36.66 -35.43
N CYS A 81 -19.66 -37.66 -36.28
CA CYS A 81 -20.81 -37.72 -37.17
C CYS A 81 -21.90 -38.58 -36.53
N HIS A 82 -21.49 -39.58 -35.74
CA HIS A 82 -22.41 -40.46 -35.05
C HIS A 82 -23.00 -39.77 -33.79
N ALA A 83 -22.12 -39.15 -32.99
CA ALA A 83 -22.47 -38.48 -31.73
C ALA A 83 -22.12 -37.02 -31.89
N GLY A 84 -23.03 -36.30 -32.52
CA GLY A 84 -22.95 -34.88 -32.86
C GLY A 84 -23.06 -33.88 -31.73
N GLY A 85 -23.88 -34.19 -30.71
CA GLY A 85 -24.07 -33.29 -29.56
C GLY A 85 -23.33 -33.73 -28.32
N ARG A 86 -23.66 -33.13 -27.09
CA ARG A 86 -23.16 -33.47 -25.74
C ARG A 86 -23.04 -35.01 -25.51
N GLU A 87 -23.88 -35.82 -26.19
CA GLU A 87 -23.83 -37.29 -26.11
C GLU A 87 -22.50 -37.89 -26.54
N ARG A 88 -21.61 -37.05 -27.06
CA ARG A 88 -20.26 -37.42 -27.42
C ARG A 88 -19.46 -37.86 -26.17
N THR A 89 -19.77 -37.28 -24.99
CA THR A 89 -19.06 -37.71 -23.78
C THR A 89 -20.01 -37.98 -22.63
N CYS A 90 -19.58 -38.85 -21.70
CA CYS A 90 -20.33 -39.15 -20.49
C CYS A 90 -20.23 -37.91 -19.61
N ASN A 91 -21.34 -37.56 -18.92
CA ASN A 91 -21.31 -36.42 -17.99
C ASN A 91 -20.14 -36.55 -16.97
N PRO A 92 -19.26 -35.52 -16.80
CA PRO A 92 -18.15 -35.66 -15.80
C PRO A 92 -18.60 -35.92 -14.36
N VAL A 93 -19.82 -35.47 -14.00
CA VAL A 93 -20.45 -35.68 -12.71
C VAL A 93 -20.81 -37.20 -12.48
N TYR A 94 -20.85 -38.00 -13.57
CA TYR A 94 -21.14 -39.45 -13.52
C TYR A 94 -19.88 -40.30 -13.49
N GLU A 95 -18.68 -39.68 -13.61
CA GLU A 95 -17.43 -40.44 -13.71
C GLU A 95 -17.21 -41.49 -12.60
N LYS A 96 -17.27 -41.07 -11.34
CA LYS A 96 -17.09 -42.01 -10.22
C LYS A 96 -18.27 -42.99 -10.14
N TYR A 97 -19.50 -42.45 -10.20
CA TYR A 97 -20.71 -43.26 -10.14
C TYR A 97 -20.72 -44.41 -11.15
N CYS A 98 -20.49 -44.11 -12.43
CA CYS A 98 -20.56 -45.15 -13.46
C CYS A 98 -19.50 -46.24 -13.34
N ALA A 99 -18.29 -45.84 -12.86
CA ALA A 99 -17.18 -46.77 -12.60
C ALA A 99 -17.52 -47.67 -11.37
N ASP A 100 -18.15 -47.09 -10.35
CA ASP A 100 -18.55 -47.81 -9.13
C ASP A 100 -19.72 -48.78 -9.34
N HIS A 101 -20.61 -48.48 -10.33
CA HIS A 101 -21.83 -49.25 -10.56
C HIS A 101 -21.82 -50.13 -11.82
N PHE A 102 -20.68 -50.20 -12.52
CA PHE A 102 -20.51 -50.92 -13.77
C PHE A 102 -20.61 -52.43 -13.53
N ALA A 103 -21.45 -53.15 -14.31
CA ALA A 103 -21.58 -54.61 -14.21
C ALA A 103 -21.70 -55.13 -12.77
N ASP A 104 -22.55 -54.49 -11.97
CA ASP A 104 -22.78 -54.89 -10.57
C ASP A 104 -24.09 -55.68 -10.45
N GLY A 105 -24.71 -56.03 -11.58
CA GLY A 105 -25.97 -56.75 -11.60
C GLY A 105 -27.20 -55.93 -11.26
N ARG A 106 -27.09 -54.61 -11.22
CA ARG A 106 -28.22 -53.71 -10.97
C ARG A 106 -28.24 -52.66 -12.10
N CYS A 107 -29.39 -52.48 -12.74
CA CYS A 107 -29.56 -51.51 -13.83
C CYS A 107 -29.51 -50.09 -13.29
N ASP A 108 -28.50 -49.33 -13.72
CA ASP A 108 -28.32 -47.90 -13.34
C ASP A 108 -28.55 -47.07 -14.59
N GLN A 109 -29.74 -46.50 -14.73
CA GLN A 109 -30.16 -45.74 -15.93
C GLN A 109 -29.26 -44.60 -16.35
N GLY A 110 -28.68 -43.88 -15.37
CA GLY A 110 -27.74 -42.79 -15.65
C GLY A 110 -26.54 -43.22 -16.46
N CYS A 111 -26.11 -44.49 -16.29
CA CYS A 111 -24.96 -45.06 -16.97
C CYS A 111 -25.34 -45.85 -18.22
N ASN A 112 -26.64 -45.99 -18.48
CA ASN A 112 -27.21 -46.77 -19.56
C ASN A 112 -27.21 -46.06 -20.92
N THR A 113 -26.02 -45.63 -21.37
CA THR A 113 -25.81 -44.96 -22.67
C THR A 113 -24.46 -45.44 -23.16
N GLU A 114 -24.25 -45.45 -24.48
CA GLU A 114 -22.97 -45.89 -25.03
C GLU A 114 -21.76 -45.07 -24.57
N GLU A 115 -21.90 -43.76 -24.40
CA GLU A 115 -20.78 -42.88 -23.96
C GLU A 115 -20.33 -43.11 -22.51
N CYS A 116 -21.19 -43.71 -21.66
CA CYS A 116 -20.92 -43.97 -20.24
C CYS A 116 -20.47 -45.42 -19.94
N GLY A 117 -20.52 -46.26 -20.98
CA GLY A 117 -20.14 -47.68 -20.87
C GLY A 117 -21.31 -48.65 -20.81
N TRP A 118 -22.57 -48.20 -21.06
CA TRP A 118 -23.79 -49.05 -21.05
C TRP A 118 -24.08 -49.75 -19.69
N ASP A 119 -23.53 -49.22 -18.58
CA ASP A 119 -23.66 -49.80 -17.23
C ASP A 119 -23.13 -51.25 -17.17
N GLY A 120 -22.15 -51.54 -18.03
CA GLY A 120 -21.59 -52.88 -18.15
C GLY A 120 -22.61 -53.95 -18.51
N LEU A 121 -23.66 -53.55 -19.26
CA LEU A 121 -24.78 -54.36 -19.73
C LEU A 121 -25.78 -54.82 -18.67
N ASP A 122 -25.80 -54.15 -17.48
CA ASP A 122 -26.75 -54.48 -16.40
C ASP A 122 -28.22 -54.24 -16.81
N CYS A 123 -28.47 -53.36 -17.78
CA CYS A 123 -29.84 -53.06 -18.25
C CYS A 123 -30.20 -53.90 -19.45
N ALA A 124 -29.29 -54.76 -19.94
CA ALA A 124 -29.53 -55.59 -21.12
C ALA A 124 -29.17 -57.06 -20.92
N SER A 125 -29.38 -57.58 -19.69
CA SER A 125 -29.03 -58.98 -19.36
C SER A 125 -29.75 -60.04 -20.24
N GLU A 126 -30.93 -59.68 -20.79
CA GLU A 126 -31.72 -60.62 -21.62
C GLU A 126 -31.46 -60.50 -23.13
N VAL A 127 -30.54 -59.58 -23.54
CA VAL A 127 -30.17 -59.41 -24.95
C VAL A 127 -28.93 -60.27 -25.17
N PRO A 128 -28.93 -61.23 -26.13
CA PRO A 128 -27.75 -62.09 -26.31
C PRO A 128 -26.51 -61.30 -26.72
N ALA A 129 -25.35 -61.81 -26.30
CA ALA A 129 -24.05 -61.25 -26.67
C ALA A 129 -23.91 -61.34 -28.17
N LEU A 130 -23.30 -60.33 -28.77
CA LEU A 130 -23.05 -60.25 -30.19
C LEU A 130 -21.62 -59.75 -30.25
N LEU A 131 -20.68 -60.69 -30.21
CA LEU A 131 -19.26 -60.36 -30.16
C LEU A 131 -18.68 -59.96 -31.48
N ALA A 132 -17.77 -58.98 -31.46
CA ALA A 132 -17.01 -58.58 -32.65
C ALA A 132 -16.00 -59.73 -32.89
N ARG A 133 -15.50 -59.86 -34.11
CA ARG A 133 -14.52 -60.89 -34.45
C ARG A 133 -13.19 -60.67 -33.71
N GLY A 134 -12.63 -61.73 -33.17
CA GLY A 134 -11.34 -61.68 -32.53
C GLY A 134 -11.30 -61.18 -31.11
N VAL A 135 -10.09 -61.04 -30.59
CA VAL A 135 -9.80 -60.64 -29.22
C VAL A 135 -8.91 -59.40 -29.24
N LEU A 136 -9.22 -58.45 -28.35
CA LEU A 136 -8.46 -57.21 -28.24
C LEU A 136 -7.41 -57.50 -27.22
N VAL A 137 -6.12 -57.38 -27.64
CA VAL A 137 -4.97 -57.67 -26.77
C VAL A 137 -4.30 -56.37 -26.36
N LEU A 138 -4.15 -56.18 -25.05
CA LEU A 138 -3.57 -54.96 -24.46
C LEU A 138 -2.42 -55.26 -23.53
N THR A 139 -1.27 -54.58 -23.74
CA THR A 139 -0.13 -54.70 -22.82
C THR A 139 -0.19 -53.48 -21.93
N VAL A 140 -0.39 -53.71 -20.63
CA VAL A 140 -0.50 -52.66 -19.62
C VAL A 140 0.64 -52.90 -18.63
N LEU A 141 1.49 -51.88 -18.40
CA LEU A 141 2.65 -51.97 -17.51
C LEU A 141 2.30 -51.93 -16.02
N LEU A 142 1.40 -52.81 -15.63
CA LEU A 142 0.89 -52.96 -14.27
C LEU A 142 0.75 -54.47 -14.00
N PRO A 143 1.09 -54.98 -12.79
CA PRO A 143 0.95 -56.44 -12.55
C PRO A 143 -0.52 -56.92 -12.57
N PRO A 144 -0.79 -58.18 -12.98
CA PRO A 144 -2.18 -58.67 -13.04
C PRO A 144 -3.08 -58.41 -11.83
N GLU A 145 -2.56 -58.58 -10.61
CA GLU A 145 -3.29 -58.35 -9.35
C GLU A 145 -3.75 -56.90 -9.21
N GLU A 146 -2.84 -55.93 -9.48
CA GLU A 146 -3.13 -54.50 -9.44
C GLU A 146 -4.20 -54.14 -10.49
N LEU A 147 -4.00 -54.61 -11.73
CA LEU A 147 -4.91 -54.41 -12.86
C LEU A 147 -6.33 -54.93 -12.54
N LEU A 148 -6.41 -56.10 -11.91
CA LEU A 148 -7.72 -56.66 -11.58
C LEU A 148 -8.41 -56.03 -10.37
N ARG A 149 -7.62 -55.34 -9.52
CA ARG A 149 -8.10 -54.63 -8.34
C ARG A 149 -8.99 -53.43 -8.77
N SER A 150 -8.78 -52.95 -10.02
CA SER A 150 -9.59 -51.86 -10.60
C SER A 150 -10.14 -52.28 -11.98
N SER A 151 -10.53 -53.56 -12.12
CA SER A 151 -11.05 -54.09 -13.37
C SER A 151 -12.38 -53.45 -13.85
N ALA A 152 -13.33 -53.15 -12.96
CA ALA A 152 -14.60 -52.48 -13.32
C ALA A 152 -14.30 -51.10 -13.95
N ASP A 153 -13.43 -50.29 -13.28
CA ASP A 153 -13.00 -48.97 -13.76
C ASP A 153 -12.33 -49.09 -15.13
N PHE A 154 -11.41 -50.07 -15.28
CA PHE A 154 -10.67 -50.35 -16.51
C PHE A 154 -11.63 -50.65 -17.68
N LEU A 155 -12.59 -51.58 -17.49
CA LEU A 155 -13.55 -51.97 -18.54
C LEU A 155 -14.55 -50.87 -18.80
N GLN A 156 -15.04 -50.20 -17.75
CA GLN A 156 -16.00 -49.10 -17.91
C GLN A 156 -15.41 -47.98 -18.77
N ARG A 157 -14.15 -47.61 -18.52
CA ARG A 157 -13.44 -46.55 -19.26
C ARG A 157 -13.19 -46.94 -20.68
N LEU A 158 -12.78 -48.20 -20.91
CA LEU A 158 -12.56 -48.67 -22.28
C LEU A 158 -13.89 -48.78 -23.02
N SER A 159 -14.96 -49.17 -22.32
CA SER A 159 -16.29 -49.28 -22.94
C SER A 159 -16.78 -47.89 -23.37
N ALA A 160 -16.57 -46.88 -22.50
CA ALA A 160 -16.95 -45.49 -22.76
C ALA A 160 -16.20 -44.93 -23.98
N ILE A 161 -14.88 -45.21 -24.07
CA ILE A 161 -14.03 -44.75 -25.19
C ILE A 161 -14.45 -45.39 -26.52
N LEU A 162 -14.65 -46.73 -26.52
CA LEU A 162 -15.00 -47.44 -27.75
C LEU A 162 -16.47 -47.35 -28.11
N ARG A 163 -17.30 -46.82 -27.17
CA ARG A 163 -18.76 -46.63 -27.32
C ARG A 163 -19.47 -47.96 -27.52
N THR A 164 -18.97 -48.98 -26.84
CA THR A 164 -19.50 -50.34 -26.92
C THR A 164 -19.17 -51.05 -25.64
N SER A 165 -19.58 -52.30 -25.49
CA SER A 165 -19.29 -53.00 -24.24
C SER A 165 -18.04 -53.88 -24.31
N LEU A 166 -17.13 -53.65 -23.36
CA LEU A 166 -15.92 -54.44 -23.25
C LEU A 166 -15.91 -55.27 -21.99
N ARG A 167 -15.35 -56.50 -22.11
CA ARG A 167 -15.26 -57.44 -21.00
C ARG A 167 -14.00 -58.28 -21.17
N PHE A 168 -13.53 -58.87 -20.08
CA PHE A 168 -12.38 -59.78 -20.14
C PHE A 168 -12.81 -61.07 -20.82
N ARG A 169 -11.98 -61.56 -21.75
CA ARG A 169 -12.21 -62.89 -22.34
C ARG A 169 -11.97 -63.89 -21.17
N LEU A 170 -12.88 -64.86 -21.00
CA LEU A 170 -12.74 -65.86 -19.94
C LEU A 170 -12.20 -67.15 -20.53
N ASP A 171 -11.41 -67.91 -19.73
CA ASP A 171 -10.90 -69.21 -20.17
C ASP A 171 -11.88 -70.33 -19.71
N ALA A 172 -11.58 -71.64 -20.01
CA ALA A 172 -12.45 -72.79 -19.67
C ALA A 172 -12.85 -72.85 -18.21
N HIS A 173 -11.99 -72.33 -17.31
CA HIS A 173 -12.22 -72.31 -15.87
C HIS A 173 -12.94 -71.04 -15.40
N GLY A 174 -13.41 -70.23 -16.36
CA GLY A 174 -14.14 -69.00 -16.13
C GLY A 174 -13.30 -67.87 -15.58
N GLN A 175 -11.97 -67.95 -15.76
CA GLN A 175 -11.05 -66.93 -15.27
C GLN A 175 -10.71 -65.94 -16.35
N ALA A 176 -10.56 -64.67 -15.96
CA ALA A 176 -10.17 -63.56 -16.83
C ALA A 176 -8.82 -63.85 -17.45
N MET A 177 -8.71 -63.65 -18.76
CA MET A 177 -7.48 -63.88 -19.49
C MET A 177 -6.49 -62.72 -19.41
N VAL A 178 -5.94 -62.54 -18.21
CA VAL A 178 -4.96 -61.52 -17.84
C VAL A 178 -3.73 -62.31 -17.40
N PHE A 179 -2.65 -62.18 -18.16
CA PHE A 179 -1.40 -62.91 -17.96
C PHE A 179 -0.23 -61.99 -17.58
N PRO A 180 0.73 -62.44 -16.74
CA PRO A 180 1.88 -61.57 -16.44
C PRO A 180 2.76 -61.33 -17.67
N TYR A 181 3.25 -60.09 -17.82
CA TYR A 181 4.08 -59.68 -18.94
C TYR A 181 5.53 -59.53 -18.46
N HIS A 182 6.47 -60.19 -19.16
CA HIS A 182 7.89 -60.23 -18.79
C HIS A 182 8.74 -59.36 -19.69
N VAL A 200 5.69 -59.90 -14.22
CA VAL A 200 6.77 -59.23 -13.49
C VAL A 200 6.79 -57.71 -13.70
N ILE A 201 6.63 -57.24 -14.97
CA ILE A 201 6.65 -55.83 -15.36
C ILE A 201 5.27 -55.26 -15.76
N GLY A 202 4.38 -56.14 -16.23
CA GLY A 202 3.04 -55.77 -16.64
C GLY A 202 2.04 -56.89 -16.80
N SER A 203 1.10 -56.69 -17.76
CA SER A 203 0.02 -57.61 -18.08
C SER A 203 -0.25 -57.71 -19.56
N VAL A 204 -0.72 -58.88 -20.00
CA VAL A 204 -1.20 -59.13 -21.36
C VAL A 204 -2.69 -59.42 -21.12
N VAL A 205 -3.53 -58.44 -21.44
CA VAL A 205 -4.98 -58.47 -21.19
C VAL A 205 -5.72 -58.82 -22.47
N MET A 206 -6.61 -59.80 -22.39
CA MET A 206 -7.40 -60.27 -23.54
C MET A 206 -8.85 -59.86 -23.33
N LEU A 207 -9.37 -59.02 -24.25
CA LEU A 207 -10.72 -58.49 -24.14
C LEU A 207 -11.61 -58.85 -25.30
N GLU A 208 -12.89 -59.00 -25.02
CA GLU A 208 -13.87 -59.23 -26.07
C GLU A 208 -14.76 -57.97 -26.16
N ILE A 209 -15.27 -57.72 -27.35
CA ILE A 209 -16.15 -56.58 -27.66
C ILE A 209 -17.56 -57.12 -27.91
N ASP A 210 -18.48 -56.76 -27.02
CA ASP A 210 -19.86 -57.15 -27.14
C ASP A 210 -20.66 -56.00 -27.73
N ASN A 211 -21.05 -56.15 -28.99
CA ASN A 211 -21.84 -55.19 -29.77
C ASN A 211 -23.37 -55.44 -29.69
N ARG A 212 -23.87 -56.11 -28.63
CA ARG A 212 -25.32 -56.38 -28.50
C ARG A 212 -26.21 -55.12 -28.50
N LEU A 213 -25.65 -53.95 -28.09
CA LEU A 213 -26.38 -52.69 -28.06
C LEU A 213 -25.95 -51.74 -29.16
N CYS A 214 -24.99 -52.17 -30.01
CA CYS A 214 -24.48 -51.35 -31.11
C CYS A 214 -25.34 -51.58 -32.37
N LEU A 215 -26.43 -50.81 -32.49
CA LEU A 215 -27.40 -50.92 -33.59
C LEU A 215 -27.06 -49.94 -34.71
N GLN A 216 -26.96 -50.46 -35.95
CA GLN A 216 -26.63 -49.70 -37.17
C GLN A 216 -27.80 -49.65 -38.16
N ASN A 220 -24.98 -43.46 -40.42
CA ASN A 220 -24.81 -44.87 -40.70
C ASN A 220 -23.95 -45.64 -39.64
N ASP A 221 -22.74 -46.11 -40.04
CA ASP A 221 -21.82 -46.97 -39.31
C ASP A 221 -21.11 -46.38 -38.09
N HIS A 222 -21.03 -47.16 -36.99
CA HIS A 222 -20.39 -46.75 -35.73
C HIS A 222 -19.91 -47.93 -34.87
N CYS A 223 -19.98 -49.16 -35.40
CA CYS A 223 -19.66 -50.38 -34.64
C CYS A 223 -18.43 -51.08 -35.14
N PHE A 224 -17.52 -51.43 -34.23
CA PHE A 224 -16.29 -52.13 -34.58
C PHE A 224 -16.62 -53.60 -34.94
N PRO A 225 -16.40 -54.04 -36.20
CA PRO A 225 -16.72 -55.44 -36.53
C PRO A 225 -15.71 -56.46 -36.00
N ASP A 226 -14.49 -55.98 -35.68
CA ASP A 226 -13.40 -56.81 -35.18
C ASP A 226 -12.51 -56.09 -34.19
N ALA A 227 -11.68 -56.86 -33.47
CA ALA A 227 -10.75 -56.34 -32.49
C ALA A 227 -9.65 -55.43 -33.08
N GLN A 228 -9.21 -55.67 -34.33
CA GLN A 228 -8.17 -54.80 -34.93
C GLN A 228 -8.70 -53.40 -35.19
N SER A 229 -9.97 -53.27 -35.60
CA SER A 229 -10.62 -51.99 -35.86
C SER A 229 -10.62 -51.14 -34.60
N ALA A 230 -10.92 -51.78 -33.43
CA ALA A 230 -10.93 -51.15 -32.13
C ALA A 230 -9.52 -50.73 -31.73
N ALA A 231 -8.52 -51.59 -31.99
CA ALA A 231 -7.11 -51.32 -31.71
C ALA A 231 -6.61 -50.12 -32.52
N ASP A 232 -6.97 -50.05 -33.83
CA ASP A 232 -6.60 -48.93 -34.70
C ASP A 232 -7.23 -47.61 -34.19
N TYR A 233 -8.51 -47.65 -33.76
CA TYR A 233 -9.17 -46.46 -33.24
C TYR A 233 -8.44 -45.94 -31.98
N LEU A 234 -8.03 -46.85 -31.09
CA LEU A 234 -7.31 -46.49 -29.87
C LEU A 234 -5.92 -45.92 -30.22
N GLY A 235 -5.29 -46.42 -31.29
CA GLY A 235 -4.01 -45.96 -31.78
C GLY A 235 -4.09 -44.57 -32.36
N ALA A 236 -5.20 -44.28 -33.06
CA ALA A 236 -5.52 -42.99 -33.65
C ALA A 236 -5.72 -41.90 -32.57
N LEU A 237 -6.28 -42.29 -31.38
CA LEU A 237 -6.49 -41.39 -30.25
C LEU A 237 -5.17 -41.09 -29.57
N SER A 238 -4.30 -42.11 -29.47
CA SER A 238 -2.97 -41.96 -28.87
C SER A 238 -2.09 -41.09 -29.79
N ALA A 239 -2.26 -41.22 -31.12
CA ALA A 239 -1.51 -40.48 -32.14
C ALA A 239 -1.81 -38.97 -32.11
N VAL A 240 -3.10 -38.61 -31.91
CA VAL A 240 -3.54 -37.22 -31.83
C VAL A 240 -3.55 -36.70 -30.40
N GLU A 241 -3.01 -37.49 -29.43
CA GLU A 241 -2.94 -37.15 -28.00
C GLU A 241 -4.34 -36.91 -27.35
N ARG A 242 -5.36 -37.65 -27.80
CA ARG A 242 -6.70 -37.52 -27.23
C ARG A 242 -7.19 -38.75 -26.43
N LEU A 243 -6.26 -39.68 -26.13
CA LEU A 243 -6.50 -40.84 -25.31
C LEU A 243 -6.13 -40.50 -23.87
N ASP A 244 -7.14 -40.48 -22.98
CA ASP A 244 -6.94 -40.20 -21.56
C ASP A 244 -7.43 -41.40 -20.78
N PHE A 245 -6.56 -42.42 -20.72
CA PHE A 245 -6.83 -43.68 -20.07
C PHE A 245 -5.84 -43.82 -18.91
N PRO A 246 -6.32 -43.81 -17.65
CA PRO A 246 -5.41 -43.78 -16.50
C PRO A 246 -4.71 -45.11 -16.17
N TYR A 247 -4.11 -45.72 -17.17
CA TYR A 247 -3.41 -46.99 -17.05
C TYR A 247 -2.18 -46.95 -17.95
N PRO A 248 -1.03 -47.52 -17.52
CA PRO A 248 0.17 -47.48 -18.38
C PRO A 248 0.05 -48.45 -19.56
N LEU A 249 -0.77 -48.06 -20.56
CA LEU A 249 -1.07 -48.83 -21.76
C LEU A 249 0.04 -48.66 -22.77
N ARG A 250 0.76 -49.76 -23.06
CA ARG A 250 1.89 -49.77 -23.97
C ARG A 250 1.46 -49.98 -25.42
N ASP A 251 0.70 -51.05 -25.68
CA ASP A 251 0.30 -51.38 -27.04
C ASP A 251 -1.06 -52.08 -27.12
N VAL A 252 -1.63 -52.09 -28.32
CA VAL A 252 -2.91 -52.73 -28.62
C VAL A 252 -2.83 -53.43 -29.99
N ARG A 253 -3.55 -54.56 -30.13
CA ARG A 253 -3.67 -55.36 -31.35
C ARG A 253 -4.91 -56.24 -31.33
N GLY A 254 -5.37 -56.60 -32.51
CA GLY A 254 -6.46 -57.55 -32.70
C GLY A 254 -5.86 -58.90 -33.05
N GLU A 255 -6.35 -59.97 -32.40
CA GLU A 255 -5.91 -61.35 -32.62
C GLU A 255 -7.11 -62.29 -32.80
N PRO A 256 -7.08 -63.24 -33.76
CA PRO A 256 -8.22 -64.18 -33.91
C PRO A 256 -8.24 -65.25 -32.82
N CYS B 10 -10.57 56.07 11.62
CA CYS B 10 -11.02 54.71 11.93
C CYS B 10 -11.52 53.77 10.78
N PRO B 11 -11.61 54.16 9.47
CA PRO B 11 -11.33 55.45 8.84
C PRO B 11 -12.47 56.47 9.04
N ARG B 12 -13.72 56.03 8.78
CA ARG B 12 -14.95 56.80 8.96
C ARG B 12 -15.92 55.96 9.84
N ALA B 13 -15.55 55.80 11.13
CA ALA B 13 -16.26 55.05 12.19
C ALA B 13 -16.60 53.57 11.87
N ALA B 14 -15.59 52.81 11.42
CA ALA B 14 -15.73 51.39 11.12
C ALA B 14 -15.70 50.56 12.42
N CYS B 15 -14.91 51.02 13.42
CA CYS B 15 -14.74 50.38 14.73
C CYS B 15 -15.45 51.12 15.87
N GLN B 16 -16.51 51.90 15.53
CA GLN B 16 -17.41 52.70 16.38
C GLN B 16 -16.91 52.95 17.82
N ALA B 17 -17.66 52.44 18.83
CA ALA B 17 -17.35 52.55 20.25
C ALA B 17 -16.71 51.25 20.76
N LYS B 18 -16.17 50.43 19.82
CA LYS B 18 -15.45 49.19 20.14
C LYS B 18 -14.10 49.57 20.77
N ARG B 19 -13.68 50.84 20.62
CA ARG B 19 -12.47 51.40 21.21
C ARG B 19 -12.72 51.67 22.70
N GLY B 20 -11.79 51.20 23.53
CA GLY B 20 -11.86 51.34 24.98
C GLY B 20 -12.89 50.45 25.65
N ASP B 21 -13.22 49.30 25.01
CA ASP B 21 -14.21 48.35 25.53
C ASP B 21 -13.61 47.28 26.47
N GLN B 22 -12.34 47.49 26.92
CA GLN B 22 -11.52 46.63 27.78
C GLN B 22 -10.90 45.42 27.05
N ARG B 23 -11.56 44.91 25.98
CA ARG B 23 -11.12 43.75 25.19
C ARG B 23 -10.35 44.17 23.92
N CYS B 24 -9.24 43.48 23.59
CA CYS B 24 -8.42 43.75 22.40
C CYS B 24 -9.03 43.11 21.15
N ASP B 25 -9.27 43.93 20.11
CA ASP B 25 -9.85 43.55 18.83
C ASP B 25 -8.87 43.87 17.70
N ARG B 26 -8.25 42.81 17.15
CA ARG B 26 -7.24 42.80 16.07
C ARG B 26 -7.53 43.76 14.90
N GLU B 27 -8.75 43.72 14.34
CA GLU B 27 -9.16 44.54 13.20
C GLU B 27 -9.15 46.04 13.51
N CYS B 28 -9.41 46.40 14.77
CA CYS B 28 -9.42 47.79 15.21
C CYS B 28 -8.05 48.22 15.75
N ASN B 29 -7.07 47.29 15.79
CA ASN B 29 -5.73 47.57 16.25
C ASN B 29 -4.89 48.18 15.12
N SER B 30 -4.97 49.51 15.02
CA SER B 30 -4.28 50.34 14.02
C SER B 30 -4.03 51.73 14.62
N PRO B 31 -3.04 52.53 14.15
CA PRO B 31 -2.84 53.87 14.74
C PRO B 31 -4.04 54.80 14.58
N GLY B 32 -4.77 54.65 13.47
CA GLY B 32 -5.97 55.41 13.16
C GLY B 32 -7.05 55.21 14.20
N CYS B 33 -7.26 53.96 14.62
CA CYS B 33 -8.25 53.60 15.63
C CYS B 33 -7.64 53.62 17.08
N GLY B 34 -6.46 54.21 17.21
CA GLY B 34 -5.73 54.37 18.47
C GLY B 34 -5.40 53.08 19.20
N TRP B 35 -4.96 52.05 18.44
CA TRP B 35 -4.60 50.71 18.92
C TRP B 35 -5.78 50.06 19.64
N ASP B 36 -7.00 50.23 19.05
CA ASP B 36 -8.31 49.78 19.54
C ASP B 36 -8.64 50.52 20.86
N GLY B 37 -8.40 51.83 20.85
CA GLY B 37 -8.62 52.70 22.00
C GLY B 37 -7.78 52.33 23.21
N GLY B 38 -6.56 51.85 22.95
CA GLY B 38 -5.61 51.40 23.97
C GLY B 38 -5.82 49.98 24.47
N ASP B 39 -6.91 49.28 24.02
CA ASP B 39 -7.20 47.90 24.46
C ASP B 39 -6.18 46.86 24.01
N CYS B 40 -5.45 47.13 22.92
CA CYS B 40 -4.43 46.26 22.34
C CYS B 40 -3.01 46.72 22.69
N SER B 41 -2.90 47.91 23.31
CA SER B 41 -1.63 48.51 23.70
C SER B 41 -1.51 48.63 25.22
N LEU B 42 -2.09 47.66 25.96
CA LEU B 42 -2.02 47.60 27.41
C LEU B 42 -2.48 48.87 28.13
N SER B 43 -3.50 49.57 27.56
CA SER B 43 -4.13 50.82 28.04
C SER B 43 -3.34 52.09 27.75
N VAL B 44 -2.18 51.98 27.06
CA VAL B 44 -1.36 53.14 26.70
C VAL B 44 -2.00 53.79 25.45
N GLY B 45 -2.54 55.01 25.62
CA GLY B 45 -3.21 55.78 24.56
C GLY B 45 -2.45 55.77 23.26
N ASP B 46 -1.32 56.49 23.23
CA ASP B 46 -0.41 56.50 22.08
C ASP B 46 1.02 56.29 22.60
N PRO B 47 1.59 55.07 22.45
CA PRO B 47 2.96 54.82 22.94
C PRO B 47 3.98 55.76 22.28
N TRP B 48 3.66 56.18 21.05
CA TRP B 48 4.50 57.06 20.27
C TRP B 48 4.10 58.55 20.36
N ARG B 49 3.25 58.93 21.35
CA ARG B 49 2.77 60.30 21.53
C ARG B 49 3.82 61.43 21.57
N GLN B 50 5.05 61.10 22.01
CA GLN B 50 6.16 62.04 22.13
C GLN B 50 7.22 61.88 21.04
N CYS B 51 7.10 60.85 20.20
CA CYS B 51 8.05 60.60 19.11
C CYS B 51 8.00 61.76 18.10
N GLU B 52 9.15 62.42 17.91
CA GLU B 52 9.29 63.57 17.01
C GLU B 52 9.19 63.19 15.53
N ALA B 53 9.76 62.03 15.17
CA ALA B 53 9.80 61.54 13.80
C ALA B 53 8.46 60.99 13.32
N LEU B 54 8.38 60.79 11.99
CA LEU B 54 7.28 60.33 11.12
C LEU B 54 6.29 59.30 11.72
N GLN B 55 6.15 58.17 11.04
CA GLN B 55 5.29 57.08 11.43
C GLN B 55 6.24 55.95 11.85
N CYS B 56 6.98 56.21 12.96
CA CYS B 56 7.97 55.31 13.55
C CYS B 56 7.49 53.90 13.87
N TRP B 57 6.20 53.76 14.26
CA TRP B 57 5.56 52.47 14.56
C TRP B 57 5.69 51.45 13.41
N ARG B 58 5.75 51.94 12.13
CA ARG B 58 5.89 51.10 10.92
C ARG B 58 7.28 50.50 10.85
N LEU B 59 8.26 51.18 11.48
CA LEU B 59 9.66 50.77 11.49
C LEU B 59 10.07 50.10 12.84
N PHE B 60 9.13 50.04 13.81
CA PHE B 60 9.34 49.48 15.15
C PHE B 60 9.59 47.96 15.16
N ASN B 61 8.86 47.23 14.34
CA ASN B 61 8.97 45.78 14.31
C ASN B 61 9.65 45.18 13.08
N ASN B 62 10.59 45.92 12.47
CA ASN B 62 11.32 45.48 11.28
C ASN B 62 12.64 44.75 11.52
N SER B 63 13.04 44.53 12.79
CA SER B 63 14.30 43.84 13.16
C SER B 63 15.55 44.51 12.56
N ARG B 64 15.49 45.83 12.31
CA ARG B 64 16.59 46.59 11.73
C ARG B 64 16.65 48.01 12.26
N CYS B 65 17.88 48.55 12.32
CA CYS B 65 18.10 49.90 12.83
C CYS B 65 17.57 51.00 11.90
N ASP B 66 16.72 51.85 12.46
CA ASP B 66 16.17 53.02 11.78
C ASP B 66 16.52 54.20 12.70
N PRO B 67 17.73 54.79 12.46
CA PRO B 67 18.22 55.85 13.35
C PRO B 67 17.27 57.01 13.65
N ALA B 68 16.40 57.38 12.70
CA ALA B 68 15.43 58.46 12.88
C ALA B 68 14.38 58.14 13.97
N CYS B 69 14.18 56.83 14.26
CA CYS B 69 13.24 56.36 15.26
C CYS B 69 13.92 55.81 16.54
N SER B 70 15.25 56.08 16.72
CA SER B 70 16.06 55.57 17.83
C SER B 70 16.09 56.38 19.13
N SER B 71 15.43 57.56 19.18
CA SER B 71 15.41 58.39 20.38
C SER B 71 14.60 57.72 21.51
N PRO B 72 14.76 58.12 22.81
CA PRO B 72 13.89 57.55 23.86
C PRO B 72 12.40 57.77 23.61
N ALA B 73 12.03 58.99 23.11
CA ALA B 73 10.65 59.38 22.77
C ALA B 73 10.06 58.50 21.66
N CYS B 74 10.93 57.94 20.81
CA CYS B 74 10.57 57.04 19.72
C CYS B 74 10.81 55.57 20.09
N LEU B 75 10.91 55.31 21.40
CA LEU B 75 11.07 53.98 22.02
C LEU B 75 12.26 53.19 21.45
N TYR B 76 13.40 53.89 21.26
CA TYR B 76 14.69 53.31 20.81
C TYR B 76 14.61 52.43 19.59
N ASP B 77 13.56 52.61 18.73
CA ASP B 77 13.29 51.78 17.54
C ASP B 77 13.32 50.28 17.95
N ASN B 78 12.70 49.95 19.10
CA ASN B 78 12.65 48.59 19.66
C ASN B 78 14.07 47.98 19.91
N PHE B 79 15.02 48.85 20.36
CA PHE B 79 16.43 48.52 20.66
C PHE B 79 17.24 47.99 19.49
N ASP B 80 16.72 48.11 18.25
CA ASP B 80 17.41 47.60 17.06
C ASP B 80 18.65 48.36 16.57
N CYS B 81 18.90 49.54 17.16
CA CYS B 81 20.10 50.35 16.91
C CYS B 81 21.11 50.12 18.05
N HIS B 82 20.60 49.93 19.27
CA HIS B 82 21.40 49.67 20.46
C HIS B 82 21.97 48.24 20.47
N ALA B 83 21.16 47.26 20.03
CA ALA B 83 21.58 45.86 20.02
C ALA B 83 21.20 45.14 18.73
N GLY B 84 22.21 44.64 18.02
CA GLY B 84 22.03 43.92 16.77
C GLY B 84 22.29 42.42 16.87
N GLY B 85 21.86 41.71 15.84
CA GLY B 85 22.05 40.28 15.76
C GLY B 85 21.80 39.50 17.04
N ARG B 86 22.86 38.94 17.61
CA ARG B 86 22.65 38.04 18.71
C ARG B 86 22.32 38.64 20.03
N GLU B 87 23.07 39.66 20.48
CA GLU B 87 22.84 40.31 21.77
C GLU B 87 21.49 40.96 21.95
N ARG B 88 20.72 41.03 20.87
CA ARG B 88 19.35 41.54 20.86
C ARG B 88 18.44 40.62 21.73
N THR B 89 18.75 39.32 21.79
CA THR B 89 17.94 38.41 22.61
C THR B 89 18.81 37.51 23.46
N CYS B 90 18.26 37.04 24.57
CA CYS B 90 18.95 36.08 25.42
C CYS B 90 18.99 34.75 24.67
N ASN B 91 20.11 34.00 24.78
CA ASN B 91 20.21 32.68 24.15
C ASN B 91 18.98 31.80 24.52
N PRO B 92 18.23 31.19 23.55
CA PRO B 92 17.07 30.32 23.94
C PRO B 92 17.43 29.15 24.85
N VAL B 93 18.67 28.66 24.78
CA VAL B 93 19.20 27.59 25.62
C VAL B 93 19.31 28.05 27.11
N TYR B 94 19.30 29.35 27.36
CA TYR B 94 19.38 29.94 28.72
C TYR B 94 18.02 30.29 29.29
N GLU B 95 16.93 30.17 28.51
CA GLU B 95 15.59 30.60 28.93
C GLU B 95 15.15 30.07 30.29
N LYS B 96 15.15 28.76 30.45
CA LYS B 96 14.73 28.16 31.74
C LYS B 96 15.79 28.44 32.82
N TYR B 97 17.06 28.25 32.48
CA TYR B 97 18.17 28.45 33.42
C TYR B 97 18.15 29.85 34.05
N CYS B 98 18.07 30.92 33.22
CA CYS B 98 18.10 32.28 33.76
C CYS B 98 16.90 32.62 34.62
N ALA B 99 15.71 32.07 34.30
CA ALA B 99 14.49 32.27 35.10
C ALA B 99 14.63 31.52 36.42
N ASP B 100 15.24 30.31 36.41
CA ASP B 100 15.43 29.49 37.63
C ASP B 100 16.49 30.05 38.57
N HIS B 101 17.44 30.83 38.05
CA HIS B 101 18.58 31.34 38.79
C HIS B 101 18.59 32.83 39.05
N PHE B 102 17.51 33.50 38.65
CA PHE B 102 17.37 34.93 38.78
C PHE B 102 17.27 35.31 40.26
N ALA B 103 18.08 36.29 40.72
CA ALA B 103 18.04 36.78 42.10
C ALA B 103 18.00 35.65 43.15
N ASP B 104 18.87 34.62 42.96
CA ASP B 104 18.96 33.49 43.89
C ASP B 104 20.15 33.66 44.82
N GLY B 105 20.78 34.83 44.79
CA GLY B 105 21.94 35.13 45.63
C GLY B 105 23.24 34.47 45.20
N ARG B 106 23.29 33.96 43.96
CA ARG B 106 24.50 33.36 43.40
C ARG B 106 24.70 33.97 42.02
N CYS B 107 25.91 34.47 41.75
CA CYS B 107 26.25 35.09 40.47
C CYS B 107 26.35 34.04 39.37
N ASP B 108 25.48 34.14 38.38
CA ASP B 108 25.46 33.21 37.23
C ASP B 108 25.86 34.06 36.01
N GLN B 109 27.14 33.94 35.59
CA GLN B 109 27.72 34.73 34.51
C GLN B 109 26.99 34.66 33.17
N GLY B 110 26.45 33.50 32.83
CA GLY B 110 25.68 33.32 31.62
C GLY B 110 24.45 34.22 31.54
N CYS B 111 23.87 34.56 32.69
CA CYS B 111 22.68 35.40 32.77
C CYS B 111 23.02 36.86 33.03
N ASN B 112 24.32 37.15 33.21
CA ASN B 112 24.84 38.48 33.56
C ASN B 112 24.99 39.43 32.36
N THR B 113 23.90 39.63 31.63
CA THR B 113 23.81 40.51 30.44
C THR B 113 22.44 41.15 30.50
N GLU B 114 22.30 42.33 29.92
CA GLU B 114 21.01 43.01 29.93
C GLU B 114 19.88 42.26 29.22
N GLU B 115 20.17 41.56 28.10
CA GLU B 115 19.15 40.81 27.35
C GLU B 115 18.61 39.57 28.11
N CYS B 116 19.36 39.07 29.13
CA CYS B 116 18.97 37.90 29.92
C CYS B 116 18.36 38.23 31.29
N GLY B 117 18.34 39.52 31.64
CA GLY B 117 17.80 39.98 32.91
C GLY B 117 18.83 40.35 33.97
N TRP B 118 20.14 40.42 33.62
CA TRP B 118 21.25 40.75 34.55
C TRP B 118 21.38 39.81 35.78
N ASP B 119 20.84 38.58 35.68
CA ASP B 119 20.85 37.60 36.79
C ASP B 119 20.12 38.13 38.05
N GLY B 120 19.18 39.05 37.85
CA GLY B 120 18.46 39.69 38.94
C GLY B 120 19.38 40.44 39.89
N LEU B 121 20.53 40.94 39.36
CA LEU B 121 21.57 41.70 40.07
C LEU B 121 22.43 40.90 41.07
N ASP B 122 22.43 39.55 40.96
CA ASP B 122 23.27 38.67 41.81
C ASP B 122 24.78 38.93 41.64
N CYS B 123 25.20 39.46 40.47
CA CYS B 123 26.61 39.75 40.20
C CYS B 123 26.98 41.18 40.54
N ALA B 124 26.00 41.98 41.01
CA ALA B 124 26.21 43.41 41.28
C ALA B 124 25.67 43.83 42.66
N SER B 125 25.79 42.93 43.66
CA SER B 125 25.30 43.21 45.02
C SER B 125 25.94 44.43 45.70
N GLU B 126 27.16 44.82 45.27
CA GLU B 126 27.87 45.97 45.87
C GLU B 126 27.69 47.27 45.09
N VAL B 127 26.89 47.27 44.01
CA VAL B 127 26.60 48.46 43.22
C VAL B 127 25.28 49.00 43.76
N PRO B 128 25.22 50.27 44.26
CA PRO B 128 23.95 50.79 44.78
C PRO B 128 22.86 50.87 43.71
N ALA B 129 21.62 50.73 44.14
CA ALA B 129 20.44 50.83 43.33
C ALA B 129 20.38 52.24 42.77
N LEU B 130 19.95 52.36 41.52
CA LEU B 130 19.79 53.63 40.84
C LEU B 130 18.42 53.50 40.19
N LEU B 131 17.38 53.86 40.94
CA LEU B 131 16.01 53.69 40.49
C LEU B 131 15.56 54.71 39.47
N ALA B 132 14.73 54.26 38.49
CA ALA B 132 14.09 55.17 37.54
C ALA B 132 12.98 55.85 38.35
N ARG B 133 12.51 57.02 37.89
CA ARG B 133 11.45 57.76 38.58
C ARG B 133 10.12 57.00 38.53
N GLY B 134 9.42 56.96 39.64
CA GLY B 134 8.09 56.37 39.71
C GLY B 134 8.05 54.86 39.86
N VAL B 135 6.84 54.33 39.80
CA VAL B 135 6.54 52.91 39.98
C VAL B 135 5.79 52.42 38.75
N LEU B 136 6.18 51.23 38.24
CA LEU B 136 5.52 50.64 37.09
C LEU B 136 4.38 49.78 37.66
N VAL B 137 3.14 50.11 37.28
CA VAL B 137 1.94 49.42 37.78
C VAL B 137 1.39 48.48 36.72
N LEU B 138 1.22 47.21 37.07
CA LEU B 138 0.69 46.21 36.14
C LEU B 138 -0.53 45.54 36.72
N THR B 139 -1.52 45.24 35.86
CA THR B 139 -2.69 44.45 36.23
C THR B 139 -2.52 43.14 35.51
N VAL B 140 -2.39 42.04 36.28
CA VAL B 140 -2.20 40.68 35.76
C VAL B 140 -3.37 39.86 36.24
N LEU B 141 -4.08 39.20 35.32
CA LEU B 141 -5.28 38.40 35.65
C LEU B 141 -4.96 37.04 36.26
N LEU B 142 -4.19 37.06 37.34
CA LEU B 142 -3.71 35.92 38.10
C LEU B 142 -3.75 36.29 39.57
N PRO B 143 -4.18 35.40 40.50
CA PRO B 143 -4.24 35.79 41.93
C PRO B 143 -2.88 36.08 42.54
N PRO B 144 -2.77 36.99 43.54
CA PRO B 144 -1.44 37.32 44.12
C PRO B 144 -0.53 36.16 44.50
N GLU B 145 -1.09 35.08 45.10
CA GLU B 145 -0.35 33.89 45.53
C GLU B 145 0.31 33.18 44.33
N GLU B 146 -0.45 32.98 43.24
CA GLU B 146 0.01 32.35 42.01
C GLU B 146 1.12 33.22 41.39
N LEU B 147 0.87 34.54 41.27
CA LEU B 147 1.83 35.51 40.72
C LEU B 147 3.16 35.52 41.52
N LEU B 148 3.11 35.62 42.86
CA LEU B 148 4.27 35.63 43.75
C LEU B 148 5.10 34.34 43.65
N ARG B 149 4.45 33.18 43.53
CA ARG B 149 5.14 31.88 43.37
C ARG B 149 6.14 31.86 42.17
N SER B 150 5.72 32.39 41.01
CA SER B 150 6.56 32.45 39.82
C SER B 150 7.12 33.88 39.63
N SER B 151 7.38 34.59 40.74
CA SER B 151 7.87 35.98 40.68
C SER B 151 9.23 36.12 40.03
N ALA B 152 10.14 35.11 40.21
CA ALA B 152 11.47 35.15 39.58
C ALA B 152 11.34 35.02 38.06
N ASP B 153 10.48 34.10 37.56
CA ASP B 153 10.22 33.97 36.12
C ASP B 153 9.62 35.28 35.59
N PHE B 154 8.62 35.84 36.31
CA PHE B 154 7.93 37.07 35.94
C PHE B 154 8.90 38.26 35.84
N LEU B 155 9.79 38.40 36.82
CA LEU B 155 10.71 39.54 36.87
C LEU B 155 11.87 39.39 35.92
N GLN B 156 12.40 38.17 35.76
CA GLN B 156 13.49 37.87 34.83
C GLN B 156 13.03 38.17 33.41
N ARG B 157 11.81 37.74 33.06
CA ARG B 157 11.28 37.96 31.71
C ARG B 157 11.05 39.43 31.42
N LEU B 158 10.48 40.17 32.36
CA LEU B 158 10.23 41.59 32.19
C LEU B 158 11.56 42.36 32.19
N SER B 159 12.56 41.90 33.00
CA SER B 159 13.88 42.51 33.03
C SER B 159 14.55 42.34 31.67
N ALA B 160 14.43 41.12 31.07
CA ALA B 160 14.98 40.80 29.77
C ALA B 160 14.37 41.69 28.68
N ILE B 161 13.04 41.86 28.70
CA ILE B 161 12.30 42.67 27.73
C ILE B 161 12.70 44.15 27.81
N LEU B 162 12.75 44.70 29.04
CA LEU B 162 13.08 46.12 29.23
C LEU B 162 14.57 46.43 29.17
N ARG B 163 15.43 45.39 29.15
CA ARG B 163 16.90 45.43 29.09
C ARG B 163 17.48 46.14 30.33
N THR B 164 16.80 45.97 31.48
CA THR B 164 17.16 46.58 32.75
C THR B 164 16.67 45.71 33.88
N SER B 165 16.91 46.10 35.13
CA SER B 165 16.49 45.26 36.25
C SER B 165 15.15 45.71 36.85
N LEU B 166 14.22 44.76 37.04
CA LEU B 166 12.91 45.03 37.66
C LEU B 166 12.74 44.21 38.91
N ARG B 167 12.11 44.82 39.90
CA ARG B 167 11.88 44.21 41.20
C ARG B 167 10.54 44.69 41.73
N PHE B 168 10.00 43.95 42.72
CA PHE B 168 8.78 44.36 43.38
C PHE B 168 9.07 45.55 44.30
N ARG B 169 8.22 46.59 44.24
CA ARG B 169 8.31 47.68 45.21
C ARG B 169 7.92 47.06 46.57
N LEU B 170 8.69 47.35 47.61
CA LEU B 170 8.39 46.82 48.95
C LEU B 170 7.69 47.90 49.79
N ASP B 171 6.78 47.47 50.71
CA ASP B 171 6.10 48.39 51.63
C ASP B 171 6.95 48.60 52.88
N ALA B 172 6.43 49.33 53.89
CA ALA B 172 7.15 49.62 55.15
C ALA B 172 7.54 48.35 55.91
N HIS B 173 6.77 47.26 55.75
CA HIS B 173 6.99 45.97 56.40
C HIS B 173 7.86 45.02 55.54
N GLY B 174 8.43 45.56 54.46
CA GLY B 174 9.30 44.82 53.55
C GLY B 174 8.59 43.80 52.67
N GLN B 175 7.27 43.95 52.52
CA GLN B 175 6.48 43.02 51.71
C GLN B 175 6.27 43.56 50.31
N ALA B 176 6.26 42.65 49.33
CA ALA B 176 6.03 42.96 47.92
C ALA B 176 4.66 43.60 47.75
N MET B 177 4.62 44.69 46.97
CA MET B 177 3.40 45.43 46.73
C MET B 177 2.56 44.84 45.60
N VAL B 178 1.99 43.66 45.90
CA VAL B 178 1.13 42.88 45.01
C VAL B 178 -0.21 42.78 45.74
N PHE B 179 -1.25 43.40 45.15
CA PHE B 179 -2.58 43.51 45.74
C PHE B 179 -3.63 42.75 44.95
N PRO B 180 -4.67 42.17 45.62
CA PRO B 180 -5.73 41.49 44.86
C PRO B 180 -6.54 42.48 44.03
N TYR B 181 -6.87 42.08 42.79
CA TYR B 181 -7.62 42.91 41.86
C TYR B 181 -9.05 42.35 41.75
N HIS B 182 -10.04 43.24 41.94
CA HIS B 182 -11.46 42.88 41.94
C HIS B 182 -12.19 43.30 40.68
N VAL B 200 -9.34 38.64 43.84
CA VAL B 200 -10.35 37.67 43.40
C VAL B 200 -10.17 37.23 41.92
N ILE B 201 -9.91 38.18 41.00
CA ILE B 201 -9.76 37.94 39.56
C ILE B 201 -8.31 38.10 39.05
N GLY B 202 -7.53 38.93 39.73
CA GLY B 202 -6.15 39.17 39.35
C GLY B 202 -5.31 39.84 40.42
N SER B 203 -4.24 40.51 39.97
CA SER B 203 -3.31 41.18 40.87
C SER B 203 -2.94 42.52 40.33
N VAL B 204 -2.68 43.46 41.25
CA VAL B 204 -2.19 44.80 40.93
C VAL B 204 -0.77 44.73 41.46
N VAL B 205 0.20 44.82 40.56
CA VAL B 205 1.62 44.65 40.86
C VAL B 205 2.34 45.98 40.70
N MET B 206 3.12 46.33 41.74
CA MET B 206 3.90 47.56 41.77
C MET B 206 5.37 47.22 41.66
N LEU B 207 6.01 47.72 40.59
CA LEU B 207 7.42 47.41 40.36
C LEU B 207 8.27 48.63 40.32
N GLU B 208 9.54 48.45 40.65
CA GLU B 208 10.55 49.51 40.52
C GLU B 208 11.58 49.10 39.47
N ILE B 209 12.13 50.08 38.74
CA ILE B 209 13.14 49.90 37.70
C ILE B 209 14.49 50.31 38.30
N ASP B 210 15.44 49.35 38.40
CA ASP B 210 16.77 49.60 38.91
C ASP B 210 17.74 49.65 37.72
N ASN B 211 18.19 50.88 37.39
CA ASN B 211 19.11 51.16 36.30
C ASN B 211 20.59 51.18 36.75
N ARG B 212 20.95 50.48 37.85
CA ARG B 212 22.35 50.47 38.34
C ARG B 212 23.38 49.96 37.33
N LEU B 213 22.93 49.10 36.38
CA LEU B 213 23.80 48.54 35.35
C LEU B 213 23.54 49.13 33.97
N CYS B 214 22.58 50.09 33.87
CA CYS B 214 22.21 50.70 32.60
C CYS B 214 23.13 51.92 32.36
N LEU B 215 24.30 51.67 31.76
CA LEU B 215 25.33 52.71 31.50
C LEU B 215 25.17 53.24 30.08
N GLN B 216 25.03 54.55 29.95
CA GLN B 216 24.80 55.18 28.64
C GLN B 216 25.70 56.38 28.37
N ASN B 220 24.18 56.46 22.42
CA ASN B 220 24.01 56.69 23.86
C ASN B 220 22.70 56.06 24.40
N ASP B 221 21.70 56.91 24.76
CA ASP B 221 20.42 56.60 25.38
C ASP B 221 19.72 55.28 25.04
N HIS B 222 19.54 54.46 26.08
CA HIS B 222 18.88 53.16 25.99
C HIS B 222 18.23 52.77 27.32
N CYS B 223 18.20 53.71 28.27
CA CYS B 223 17.70 53.51 29.63
C CYS B 223 16.42 54.25 29.89
N PHE B 224 15.41 53.57 30.48
CA PHE B 224 14.14 54.20 30.82
C PHE B 224 14.31 55.13 32.03
N PRO B 225 14.11 56.46 31.88
CA PRO B 225 14.31 57.33 33.05
C PRO B 225 13.17 57.27 34.05
N ASP B 226 12.00 56.78 33.62
CA ASP B 226 10.81 56.71 34.46
C ASP B 226 9.94 55.51 34.11
N ALA B 227 9.01 55.18 35.03
CA ALA B 227 8.09 54.07 34.84
C ALA B 227 7.12 54.21 33.65
N GLN B 228 6.70 55.46 33.30
CA GLN B 228 5.79 55.64 32.15
C GLN B 228 6.46 55.28 30.83
N SER B 229 7.76 55.62 30.69
CA SER B 229 8.54 55.33 29.49
C SER B 229 8.57 53.82 29.24
N ALA B 230 8.75 53.04 30.32
CA ALA B 230 8.79 51.58 30.29
C ALA B 230 7.41 51.04 29.91
N ALA B 231 6.34 51.63 30.49
CA ALA B 231 4.94 51.25 30.21
C ALA B 231 4.62 51.49 28.74
N ASP B 232 5.08 52.65 28.18
CA ASP B 232 4.91 53.04 26.76
C ASP B 232 5.56 52.02 25.84
N TYR B 233 6.80 51.60 26.18
CA TYR B 233 7.55 50.62 25.40
C TYR B 233 6.83 49.28 25.37
N LEU B 234 6.31 48.83 26.53
CA LEU B 234 5.56 47.57 26.62
C LEU B 234 4.23 47.64 25.82
N GLY B 235 3.58 48.82 25.83
CA GLY B 235 2.35 49.08 25.09
C GLY B 235 2.54 48.97 23.59
N ALA B 236 3.68 49.48 23.12
CA ALA B 236 4.11 49.44 21.73
C ALA B 236 4.31 47.99 21.27
N LEU B 237 5.00 47.18 22.10
CA LEU B 237 5.25 45.77 21.79
C LEU B 237 3.93 45.02 21.70
N SER B 238 2.99 45.29 22.61
CA SER B 238 1.65 44.69 22.62
C SER B 238 0.88 45.13 21.33
N ALA B 239 0.88 46.45 21.01
CA ALA B 239 0.21 47.02 19.82
C ALA B 239 0.70 46.35 18.53
N VAL B 240 2.02 46.18 18.41
CA VAL B 240 2.69 45.61 17.25
C VAL B 240 2.78 44.06 17.26
N GLU B 241 2.17 43.42 18.28
CA GLU B 241 2.11 41.95 18.51
C GLU B 241 3.50 41.31 18.70
N ARG B 242 4.43 42.03 19.36
CA ARG B 242 5.78 41.50 19.56
C ARG B 242 6.08 41.19 21.03
N LEU B 243 5.06 41.34 21.90
CA LEU B 243 5.17 41.06 23.32
C LEU B 243 4.81 39.61 23.55
N ASP B 244 5.80 38.82 24.00
CA ASP B 244 5.62 37.41 24.29
C ASP B 244 5.93 37.19 25.78
N PHE B 245 4.96 37.54 26.62
CA PHE B 245 5.06 37.47 28.07
C PHE B 245 4.03 36.47 28.55
N PRO B 246 4.46 35.32 29.12
CA PRO B 246 3.50 34.24 29.46
C PRO B 246 2.67 34.48 30.74
N TYR B 247 2.07 35.66 30.82
CA TYR B 247 1.24 36.07 31.96
C TYR B 247 0.06 36.83 31.42
N PRO B 248 -1.17 36.65 32.00
CA PRO B 248 -2.33 37.41 31.49
C PRO B 248 -2.28 38.88 31.88
N LEU B 249 -1.38 39.62 31.24
CA LEU B 249 -1.13 41.05 31.47
C LEU B 249 -2.20 41.89 30.77
N ARG B 250 -3.01 42.59 31.57
CA ARG B 250 -4.11 43.42 31.07
C ARG B 250 -3.67 44.84 30.73
N ASP B 251 -3.01 45.52 31.66
CA ASP B 251 -2.60 46.91 31.45
C ASP B 251 -1.32 47.28 32.19
N VAL B 252 -0.70 48.38 31.75
CA VAL B 252 0.52 48.97 32.34
C VAL B 252 0.41 50.51 32.39
N ARG B 253 1.02 51.13 33.41
CA ARG B 253 1.10 52.59 33.62
C ARG B 253 2.24 52.94 34.57
N GLY B 254 2.72 54.18 34.45
CA GLY B 254 3.70 54.76 35.35
C GLY B 254 2.98 55.65 36.35
N GLU B 255 3.31 55.50 37.65
CA GLU B 255 2.73 56.28 38.75
C GLU B 255 3.84 56.84 39.66
N PRO B 256 3.74 58.11 40.13
CA PRO B 256 4.77 58.64 41.04
C PRO B 256 4.63 58.09 42.46
N GLN C 1 36.65 28.80 8.62
CA GLN C 1 37.51 27.64 8.87
C GLN C 1 37.21 26.90 10.22
N VAL C 2 35.94 27.01 10.70
CA VAL C 2 35.50 26.24 11.87
C VAL C 2 35.28 24.79 11.34
N GLN C 3 35.82 23.80 12.04
CA GLN C 3 35.64 22.40 11.69
C GLN C 3 35.19 21.62 12.93
N LEU C 4 34.21 20.72 12.76
CA LEU C 4 33.70 19.86 13.85
C LEU C 4 34.00 18.41 13.49
N VAL C 5 34.78 17.71 14.33
CA VAL C 5 35.15 16.30 14.09
C VAL C 5 34.59 15.46 15.20
N GLN C 6 33.77 14.46 14.84
CA GLN C 6 33.08 13.57 15.76
C GLN C 6 33.79 12.23 15.92
N SER C 7 33.51 11.54 17.05
CA SER C 7 34.03 10.20 17.31
C SER C 7 33.36 9.17 16.38
N GLY C 8 33.93 7.97 16.30
CA GLY C 8 33.47 6.92 15.42
C GLY C 8 32.15 6.25 15.78
N ALA C 9 31.62 5.49 14.82
CA ALA C 9 30.37 4.73 14.90
C ALA C 9 30.34 3.79 16.11
N GLU C 10 29.16 3.62 16.72
CA GLU C 10 28.96 2.83 17.94
C GLU C 10 27.87 1.80 17.75
N VAL C 11 28.02 0.63 18.41
CA VAL C 11 27.06 -0.49 18.36
C VAL C 11 26.76 -0.81 19.79
N LYS C 12 25.49 -0.84 20.19
CA LYS C 12 25.13 -1.05 21.58
C LYS C 12 23.95 -1.99 21.73
N LYS C 13 23.87 -2.68 22.88
CA LYS C 13 22.73 -3.52 23.22
C LYS C 13 21.69 -2.65 23.97
N PRO C 14 20.37 -2.94 23.87
CA PRO C 14 19.39 -2.17 24.66
C PRO C 14 19.73 -2.16 26.16
N GLY C 15 19.57 -1.00 26.81
CA GLY C 15 19.87 -0.79 28.22
C GLY C 15 21.25 -0.22 28.46
N SER C 16 22.13 -0.33 27.46
CA SER C 16 23.49 0.19 27.57
C SER C 16 23.50 1.70 27.43
N SER C 17 24.69 2.33 27.53
CA SER C 17 24.91 3.77 27.37
C SER C 17 25.91 4.00 26.25
N VAL C 18 25.85 5.21 25.64
CA VAL C 18 26.76 5.61 24.59
C VAL C 18 27.23 7.03 24.92
N LYS C 19 28.50 7.34 24.63
CA LYS C 19 29.02 8.69 24.81
C LYS C 19 29.74 9.08 23.55
N VAL C 20 29.19 10.10 22.86
CA VAL C 20 29.74 10.59 21.60
C VAL C 20 30.48 11.91 21.85
N SER C 21 31.58 12.14 21.16
CA SER C 21 32.36 13.36 21.32
C SER C 21 32.39 14.17 20.04
N CYS C 22 32.60 15.47 20.18
CA CYS C 22 32.70 16.37 19.05
C CYS C 22 33.74 17.44 19.34
N LYS C 23 34.81 17.47 18.55
CA LYS C 23 35.87 18.45 18.74
C LYS C 23 35.72 19.60 17.75
N ALA C 24 35.64 20.84 18.26
CA ALA C 24 35.58 22.05 17.44
C ALA C 24 37.01 22.63 17.31
N SER C 25 37.36 23.11 16.12
CA SER C 25 38.64 23.76 15.85
C SER C 25 38.42 24.92 14.88
N GLY C 26 39.23 25.96 14.99
CA GLY C 26 39.16 27.12 14.09
C GLY C 26 38.20 28.22 14.50
N GLY C 27 37.58 28.09 15.68
CA GLY C 27 36.62 29.07 16.17
C GLY C 27 37.26 30.24 16.89
N THR C 28 36.61 31.42 16.83
CA THR C 28 37.07 32.64 17.49
C THR C 28 36.02 33.19 18.47
N PHE C 29 34.73 32.85 18.26
CA PHE C 29 33.61 33.28 19.08
C PHE C 29 33.62 32.50 20.39
N ARG C 30 33.79 33.20 21.51
CA ARG C 30 33.93 32.67 22.87
C ARG C 30 32.72 31.91 23.41
N THR C 31 31.52 32.46 23.24
CA THR C 31 30.29 31.93 23.81
C THR C 31 29.44 31.10 22.84
N TYR C 32 30.10 30.36 21.95
CA TYR C 32 29.47 29.47 20.97
C TYR C 32 28.70 28.36 21.71
N ALA C 33 27.66 27.82 21.07
CA ALA C 33 26.92 26.69 21.62
C ALA C 33 27.21 25.46 20.77
N MET C 34 27.25 24.30 21.42
CA MET C 34 27.43 23.01 20.80
C MET C 34 26.12 22.29 21.03
N HIS C 35 25.50 21.79 19.96
CA HIS C 35 24.21 21.10 20.02
C HIS C 35 24.31 19.70 19.51
N TRP C 36 23.39 18.83 19.94
CA TRP C 36 23.28 17.45 19.50
C TRP C 36 21.91 17.30 18.81
N VAL C 37 21.95 16.85 17.55
CA VAL C 37 20.77 16.70 16.70
C VAL C 37 20.83 15.28 16.13
N ARG C 38 19.73 14.52 16.20
CA ARG C 38 19.81 13.19 15.65
C ARG C 38 18.91 12.99 14.46
N GLN C 39 19.21 11.99 13.67
CA GLN C 39 18.44 11.67 12.47
C GLN C 39 18.31 10.15 12.34
N ALA C 40 17.12 9.64 12.64
CA ALA C 40 16.83 8.21 12.51
C ALA C 40 16.80 7.84 11.01
N PRO C 41 17.11 6.57 10.64
CA PRO C 41 17.14 6.22 9.21
C PRO C 41 15.88 6.59 8.41
N GLY C 42 16.06 7.33 7.32
CA GLY C 42 14.97 7.83 6.47
C GLY C 42 14.07 8.89 7.10
N GLN C 43 14.42 9.39 8.30
CA GLN C 43 13.60 10.37 9.02
C GLN C 43 14.19 11.79 8.98
N GLY C 44 13.54 12.71 9.67
CA GLY C 44 13.94 14.09 9.81
C GLY C 44 14.92 14.33 10.95
N LEU C 45 15.06 15.60 11.35
CA LEU C 45 16.01 16.06 12.36
C LEU C 45 15.32 16.35 13.70
N GLU C 46 15.99 16.00 14.78
CA GLU C 46 15.48 16.13 16.12
C GLU C 46 16.57 16.67 17.06
N TRP C 47 16.34 17.85 17.63
CA TRP C 47 17.29 18.46 18.57
C TRP C 47 17.16 17.76 19.93
N MET C 48 18.28 17.34 20.48
CA MET C 48 18.32 16.64 21.78
C MET C 48 18.66 17.58 22.94
N GLY C 49 19.52 18.52 22.67
CA GLY C 49 19.98 19.46 23.66
C GLY C 49 21.20 20.21 23.20
N GLY C 50 21.64 21.16 24.02
CA GLY C 50 22.81 21.96 23.71
C GLY C 50 23.53 22.46 24.93
N ILE C 51 24.76 22.93 24.75
CA ILE C 51 25.61 23.46 25.83
C ILE C 51 26.38 24.68 25.33
N VAL C 52 26.65 25.64 26.22
CA VAL C 52 27.52 26.76 25.93
C VAL C 52 28.74 26.47 26.82
N PRO C 53 29.82 25.85 26.28
CA PRO C 53 30.96 25.46 27.13
C PRO C 53 31.57 26.56 28.00
N TYR C 54 31.56 27.82 27.52
CA TYR C 54 32.10 28.96 28.26
C TYR C 54 31.38 29.19 29.60
N HIS C 55 30.05 29.00 29.62
CA HIS C 55 29.25 29.19 30.83
C HIS C 55 28.85 27.88 31.50
N GLY C 56 28.97 26.77 30.78
CA GLY C 56 28.60 25.44 31.26
C GLY C 56 27.10 25.22 31.36
N ILE C 57 26.28 26.14 30.80
CA ILE C 57 24.82 26.06 30.83
C ILE C 57 24.35 25.09 29.77
N THR C 58 23.46 24.16 30.15
CA THR C 58 22.90 23.17 29.23
C THR C 58 21.38 23.29 29.21
N ASP C 59 20.79 22.78 28.12
CA ASP C 59 19.35 22.70 27.95
C ASP C 59 19.10 21.46 27.13
N TYR C 60 18.06 20.72 27.48
CA TYR C 60 17.73 19.45 26.84
C TYR C 60 16.29 19.42 26.44
N ALA C 61 15.97 18.56 25.44
CA ALA C 61 14.57 18.34 25.04
C ALA C 61 13.97 17.46 26.18
N GLN C 62 12.79 17.81 26.70
CA GLN C 62 12.14 17.08 27.79
C GLN C 62 12.04 15.55 27.56
N LYS C 63 11.81 15.09 26.32
CA LYS C 63 11.75 13.65 26.03
C LYS C 63 13.02 12.86 26.33
N PHE C 64 14.16 13.52 26.45
CA PHE C 64 15.40 12.82 26.79
C PHE C 64 15.84 13.07 28.24
N GLN C 65 14.99 13.80 29.03
CA GLN C 65 15.27 14.11 30.43
C GLN C 65 15.56 12.87 31.27
N GLY C 66 16.75 12.88 31.88
CA GLY C 66 17.23 11.77 32.69
C GLY C 66 18.10 10.80 31.91
N ARG C 67 17.92 10.74 30.57
CA ARG C 67 18.68 9.84 29.69
C ARG C 67 19.85 10.53 28.99
N VAL C 68 19.75 11.85 28.76
CA VAL C 68 20.81 12.54 28.06
C VAL C 68 21.65 13.39 29.01
N THR C 69 22.98 13.46 28.77
CA THR C 69 23.88 14.30 29.53
C THR C 69 24.82 14.89 28.56
N ILE C 70 24.81 16.22 28.50
CA ILE C 70 25.70 16.92 27.62
C ILE C 70 26.73 17.65 28.45
N THR C 71 28.00 17.45 28.11
CA THR C 71 29.11 18.07 28.83
C THR C 71 30.07 18.64 27.81
N ALA C 72 31.06 19.37 28.29
CA ALA C 72 32.05 19.95 27.42
C ALA C 72 33.33 20.16 28.19
N ASP C 73 34.44 20.15 27.48
CA ASP C 73 35.77 20.42 28.01
C ASP C 73 36.20 21.62 27.22
N GLU C 74 36.09 22.82 27.83
CA GLU C 74 36.40 24.05 27.14
C GLU C 74 37.84 24.22 26.70
N SER C 75 38.80 23.56 27.40
CA SER C 75 40.21 23.61 27.05
C SER C 75 40.49 22.93 25.71
N THR C 76 39.76 21.84 25.41
CA THR C 76 39.91 21.07 24.16
C THR C 76 38.85 21.43 23.11
N SER C 77 37.88 22.30 23.48
CA SER C 77 36.71 22.70 22.68
C SER C 77 35.91 21.45 22.21
N THR C 78 35.86 20.41 23.09
CA THR C 78 35.18 19.14 22.87
C THR C 78 33.89 19.05 23.67
N ALA C 79 32.77 18.77 22.97
CA ALA C 79 31.47 18.60 23.58
C ALA C 79 31.18 17.11 23.59
N TYR C 80 30.35 16.65 24.51
CA TYR C 80 30.05 15.23 24.62
C TYR C 80 28.57 15.06 24.78
N MET C 81 28.07 13.95 24.28
CA MET C 81 26.68 13.60 24.44
C MET C 81 26.62 12.18 24.95
N GLU C 82 26.07 12.00 26.17
CA GLU C 82 25.92 10.68 26.75
C GLU C 82 24.45 10.36 26.79
N LEU C 83 24.07 9.22 26.23
CA LEU C 83 22.67 8.78 26.18
C LEU C 83 22.62 7.44 26.83
N SER C 84 21.81 7.30 27.89
CA SER C 84 21.73 6.08 28.69
C SER C 84 20.42 5.33 28.45
N SER C 85 20.29 4.11 29.03
CA SER C 85 19.13 3.22 28.88
C SER C 85 18.68 3.16 27.40
N LEU C 86 19.65 2.92 26.48
CA LEU C 86 19.43 2.87 25.03
C LEU C 86 18.37 1.87 24.64
N ARG C 87 17.52 2.28 23.65
CA ARG C 87 16.43 1.50 23.06
C ARG C 87 16.67 1.40 21.56
N SER C 88 16.04 0.44 20.87
CA SER C 88 16.22 0.29 19.41
C SER C 88 15.82 1.56 18.64
N GLU C 89 14.84 2.32 19.16
CA GLU C 89 14.37 3.59 18.59
C GLU C 89 15.44 4.69 18.69
N ASP C 90 16.55 4.48 19.46
CA ASP C 90 17.64 5.43 19.55
C ASP C 90 18.64 5.27 18.40
N THR C 91 18.49 4.20 17.57
CA THR C 91 19.32 3.98 16.37
C THR C 91 19.18 5.22 15.45
N ALA C 92 20.31 5.89 15.18
CA ALA C 92 20.31 7.11 14.40
C ALA C 92 21.72 7.56 14.15
N VAL C 93 21.87 8.56 13.28
CA VAL C 93 23.10 9.29 13.07
C VAL C 93 22.92 10.50 13.99
N TYR C 94 23.90 10.74 14.87
CA TYR C 94 23.92 11.83 15.83
C TYR C 94 24.89 12.88 15.33
N TYR C 95 24.38 14.07 15.12
CA TYR C 95 25.17 15.18 14.65
C TYR C 95 25.46 16.15 15.76
N CYS C 96 26.65 16.66 15.71
CA CYS C 96 27.14 17.75 16.52
C CYS C 96 26.94 19.00 15.63
N ALA C 97 26.39 20.08 16.16
CA ALA C 97 26.17 21.34 15.42
C ALA C 97 26.59 22.50 16.31
N ARG C 98 27.14 23.58 15.71
CA ARG C 98 27.63 24.74 16.45
C ARG C 98 27.07 25.99 15.81
N ASP C 99 26.80 27.03 16.63
CA ASP C 99 26.30 28.29 16.12
C ASP C 99 27.49 29.20 15.75
N ASP C 100 27.27 30.50 15.60
CA ASP C 100 28.36 31.43 15.32
C ASP C 100 28.09 32.78 15.94
N TYR C 101 29.04 33.70 15.83
CA TYR C 101 28.94 35.07 16.38
C TYR C 101 27.72 35.79 15.84
N SER C 102 27.24 35.40 14.65
CA SER C 102 26.09 36.03 14.01
C SER C 102 24.72 35.47 14.34
N THR C 103 24.61 34.17 14.70
CA THR C 103 23.31 33.55 14.95
C THR C 103 23.29 32.47 16.00
N TYR C 104 22.06 32.12 16.46
CA TYR C 104 21.80 30.94 17.28
C TYR C 104 21.57 29.71 16.38
N ALA C 105 21.36 29.90 15.05
CA ALA C 105 21.16 28.81 14.07
C ALA C 105 22.38 27.93 13.96
N PHE C 106 22.23 26.74 13.38
CA PHE C 106 23.33 25.77 13.31
C PHE C 106 24.22 25.99 12.07
N ALA C 107 25.18 26.92 12.21
CA ALA C 107 26.13 27.34 11.17
C ALA C 107 27.10 26.25 10.76
N TYR C 108 27.55 25.41 11.72
CA TYR C 108 28.52 24.34 11.43
C TYR C 108 27.99 23.02 11.91
N TRP C 109 28.29 21.96 11.17
CA TRP C 109 27.86 20.60 11.49
C TRP C 109 29.02 19.62 11.43
N GLY C 110 29.02 18.66 12.34
CA GLY C 110 29.97 17.55 12.31
C GLY C 110 29.59 16.57 11.20
N GLN C 111 30.43 15.54 10.95
CA GLN C 111 30.16 14.56 9.89
C GLN C 111 29.10 13.53 10.30
N GLY C 112 28.76 13.50 11.59
CA GLY C 112 27.79 12.54 12.10
C GLY C 112 28.43 11.29 12.64
N THR C 113 27.79 10.71 13.65
CA THR C 113 28.20 9.47 14.30
C THR C 113 26.98 8.53 14.26
N LEU C 114 27.11 7.38 13.62
CA LEU C 114 26.03 6.41 13.63
C LEU C 114 26.07 5.63 14.95
N VAL C 115 24.92 5.50 15.61
CA VAL C 115 24.76 4.73 16.83
C VAL C 115 23.71 3.71 16.56
N THR C 116 24.09 2.43 16.53
CA THR C 116 23.12 1.36 16.32
C THR C 116 22.77 0.70 17.65
N VAL C 117 21.47 0.65 17.99
CA VAL C 117 21.01 0.00 19.23
C VAL C 117 20.17 -1.20 18.85
N SER C 118 20.60 -2.40 19.28
CA SER C 118 19.92 -3.64 18.92
C SER C 118 20.38 -4.80 19.80
N SER C 119 19.53 -5.84 19.89
CA SER C 119 19.81 -7.10 20.60
C SER C 119 20.75 -7.97 19.77
N ALA C 120 20.91 -7.64 18.46
CA ALA C 120 21.76 -8.39 17.54
C ALA C 120 23.23 -8.13 17.87
N SER C 121 24.11 -9.00 17.44
CA SER C 121 25.54 -8.88 17.67
C SER C 121 26.27 -8.77 16.32
N THR C 122 27.43 -8.13 16.30
CA THR C 122 28.25 -7.92 15.11
C THR C 122 28.45 -9.24 14.31
N LYS C 123 28.10 -9.21 13.01
CA LYS C 123 28.14 -10.37 12.14
C LYS C 123 28.37 -9.91 10.72
N GLY C 124 29.28 -10.59 10.04
CA GLY C 124 29.63 -10.33 8.65
C GLY C 124 28.59 -10.92 7.74
N PRO C 125 28.43 -10.38 6.51
CA PRO C 125 27.38 -10.90 5.63
C PRO C 125 27.76 -12.18 4.92
N SER C 126 26.73 -12.87 4.42
CA SER C 126 26.84 -13.98 3.50
C SER C 126 26.55 -13.29 2.15
N VAL C 127 27.38 -13.56 1.13
CA VAL C 127 27.23 -12.93 -0.18
C VAL C 127 26.84 -14.02 -1.18
N PHE C 128 25.68 -13.87 -1.84
CA PHE C 128 25.17 -14.82 -2.81
C PHE C 128 25.06 -14.17 -4.18
N PRO C 129 25.35 -14.91 -5.27
CA PRO C 129 25.24 -14.28 -6.58
C PRO C 129 23.77 -14.20 -7.03
N LEU C 130 23.44 -13.16 -7.80
CA LEU C 130 22.12 -13.01 -8.41
C LEU C 130 22.46 -13.22 -9.87
N ALA C 131 22.39 -14.48 -10.32
CA ALA C 131 22.83 -14.92 -11.63
C ALA C 131 22.01 -14.40 -12.80
N PRO C 132 22.67 -13.89 -13.85
CA PRO C 132 21.90 -13.49 -15.04
C PRO C 132 21.49 -14.72 -15.84
N SER C 133 20.41 -14.58 -16.63
CA SER C 133 19.92 -15.62 -17.55
C SER C 133 20.07 -15.16 -19.01
N GLY C 140 19.84 -6.95 -26.50
CA GLY C 140 19.19 -7.16 -25.21
C GLY C 140 20.04 -6.69 -24.03
N THR C 141 19.42 -6.63 -22.83
CA THR C 141 20.05 -6.21 -21.58
C THR C 141 19.87 -7.31 -20.54
N ALA C 142 20.93 -7.59 -19.81
CA ALA C 142 20.88 -8.57 -18.76
C ALA C 142 21.14 -7.87 -17.43
N ALA C 143 20.67 -8.47 -16.32
CA ALA C 143 20.94 -7.96 -14.98
C ALA C 143 21.59 -9.06 -14.19
N LEU C 144 22.54 -8.66 -13.37
CA LEU C 144 23.22 -9.55 -12.43
C LEU C 144 23.46 -8.78 -11.13
N GLY C 145 23.76 -9.50 -10.09
CA GLY C 145 23.99 -8.83 -8.82
C GLY C 145 24.52 -9.73 -7.74
N CYS C 146 24.62 -9.17 -6.55
CA CYS C 146 25.02 -9.85 -5.33
C CYS C 146 24.05 -9.52 -4.23
N LEU C 147 23.57 -10.54 -3.53
CA LEU C 147 22.71 -10.46 -2.37
C LEU C 147 23.64 -10.50 -1.16
N VAL C 148 23.67 -9.41 -0.40
CA VAL C 148 24.53 -9.22 0.77
C VAL C 148 23.60 -9.33 1.95
N LYS C 149 23.52 -10.55 2.48
CA LYS C 149 22.57 -10.97 3.47
C LYS C 149 23.10 -11.20 4.86
N ASP C 150 22.27 -10.86 5.83
CA ASP C 150 22.41 -11.14 7.26
C ASP C 150 23.64 -10.56 7.95
N TYR C 151 23.85 -9.25 7.81
CA TYR C 151 24.98 -8.65 8.49
C TYR C 151 24.47 -7.71 9.56
N PHE C 152 25.35 -7.34 10.48
CA PHE C 152 25.04 -6.39 11.54
C PHE C 152 26.34 -5.82 12.08
N PRO C 153 26.41 -4.49 12.36
CA PRO C 153 25.40 -3.46 12.02
C PRO C 153 25.72 -2.89 10.63
N GLU C 154 25.11 -1.76 10.30
CA GLU C 154 25.43 -1.02 9.09
C GLU C 154 26.76 -0.34 9.37
N PRO C 155 27.53 0.08 8.37
CA PRO C 155 27.29 -0.01 6.93
C PRO C 155 28.10 -1.11 6.24
N VAL C 156 27.74 -1.39 5.01
CA VAL C 156 28.46 -2.31 4.15
C VAL C 156 28.75 -1.51 2.87
N THR C 157 29.95 -1.64 2.29
CA THR C 157 30.19 -0.99 0.99
C THR C 157 30.25 -2.09 -0.09
N VAL C 158 29.78 -1.75 -1.28
CA VAL C 158 29.82 -2.69 -2.41
C VAL C 158 30.39 -1.98 -3.63
N SER C 159 31.37 -2.60 -4.27
CA SER C 159 31.88 -2.12 -5.56
C SER C 159 31.82 -3.30 -6.56
N TRP C 160 31.97 -3.01 -7.85
CA TRP C 160 31.97 -4.04 -8.90
C TRP C 160 33.29 -3.88 -9.63
N ASN C 161 34.03 -5.00 -9.83
CA ASN C 161 35.32 -4.99 -10.54
C ASN C 161 36.27 -3.94 -9.98
N SER C 162 36.40 -3.93 -8.63
CA SER C 162 37.26 -3.05 -7.84
C SER C 162 37.02 -1.56 -8.08
N GLY C 163 35.77 -1.21 -8.37
CA GLY C 163 35.40 0.17 -8.65
C GLY C 163 35.50 0.58 -10.11
N ALA C 164 35.99 -0.31 -11.01
CA ALA C 164 36.07 0.01 -12.44
C ALA C 164 34.70 -0.04 -13.11
N LEU C 165 33.74 -0.81 -12.54
CA LEU C 165 32.39 -0.89 -13.10
C LEU C 165 31.48 -0.01 -12.23
N THR C 166 31.00 1.11 -12.80
CA THR C 166 30.14 2.06 -12.08
C THR C 166 28.85 2.29 -12.85
N SER C 167 28.95 2.32 -14.18
CA SER C 167 27.81 2.54 -15.05
C SER C 167 26.78 1.40 -14.97
N GLY C 168 25.54 1.77 -14.66
CA GLY C 168 24.43 0.85 -14.51
C GLY C 168 24.36 0.12 -13.18
N VAL C 169 25.26 0.47 -12.24
CA VAL C 169 25.30 -0.14 -10.90
C VAL C 169 24.24 0.51 -9.99
N HIS C 170 23.51 -0.34 -9.24
CA HIS C 170 22.56 0.12 -8.23
C HIS C 170 22.73 -0.70 -6.98
N THR C 171 23.33 -0.11 -5.91
CA THR C 171 23.47 -0.76 -4.61
C THR C 171 22.37 -0.17 -3.77
N PHE C 172 21.40 -1.01 -3.46
CA PHE C 172 20.22 -0.64 -2.72
C PHE C 172 20.48 -0.35 -1.26
N PRO C 173 19.79 0.67 -0.67
CA PRO C 173 19.90 0.87 0.78
C PRO C 173 19.44 -0.42 1.49
N ALA C 174 20.10 -0.78 2.59
CA ALA C 174 19.77 -1.98 3.34
C ALA C 174 18.40 -1.92 3.96
N VAL C 175 17.79 -3.07 4.16
CA VAL C 175 16.53 -3.24 4.84
C VAL C 175 16.84 -3.99 6.13
N LEU C 176 16.24 -3.58 7.25
CA LEU C 176 16.38 -4.28 8.53
C LEU C 176 15.36 -5.43 8.54
N GLN C 177 15.83 -6.69 8.62
CA GLN C 177 14.96 -7.87 8.64
C GLN C 177 14.41 -8.10 10.05
N SER C 178 13.30 -8.89 10.18
CA SER C 178 12.67 -9.23 11.47
C SER C 178 13.62 -9.97 12.41
N SER C 179 14.68 -10.57 11.86
CA SER C 179 15.74 -11.26 12.61
C SER C 179 16.69 -10.26 13.30
N GLY C 180 16.59 -8.97 12.95
CA GLY C 180 17.47 -7.91 13.47
C GLY C 180 18.75 -7.75 12.66
N LEU C 181 18.88 -8.53 11.57
CA LEU C 181 20.06 -8.43 10.71
C LEU C 181 19.68 -7.66 9.44
N TYR C 182 20.67 -6.98 8.84
CA TYR C 182 20.42 -6.21 7.62
C TYR C 182 20.65 -7.06 6.39
N SER C 183 20.10 -6.59 5.27
CA SER C 183 20.26 -7.25 3.99
C SER C 183 20.11 -6.23 2.86
N LEU C 184 20.89 -6.40 1.82
CA LEU C 184 20.80 -5.55 0.64
C LEU C 184 21.21 -6.33 -0.57
N SER C 185 20.89 -5.78 -1.74
CA SER C 185 21.32 -6.30 -3.04
C SER C 185 22.04 -5.16 -3.76
N SER C 186 23.04 -5.53 -4.57
CA SER C 186 23.71 -4.63 -5.46
C SER C 186 23.58 -5.28 -6.82
N VAL C 187 23.11 -4.53 -7.81
CA VAL C 187 22.86 -5.05 -9.15
C VAL C 187 23.59 -4.21 -10.17
N VAL C 188 23.74 -4.77 -11.37
CA VAL C 188 24.30 -4.08 -12.52
C VAL C 188 23.59 -4.62 -13.76
N THR C 189 23.20 -3.71 -14.67
CA THR C 189 22.63 -4.13 -15.95
C THR C 189 23.75 -3.97 -16.95
N VAL C 190 23.89 -4.94 -17.85
CA VAL C 190 24.97 -4.99 -18.83
C VAL C 190 24.41 -5.53 -20.16
N PRO C 191 25.10 -5.35 -21.31
CA PRO C 191 24.61 -5.96 -22.55
C PRO C 191 24.58 -7.50 -22.42
N SER C 192 23.52 -8.15 -22.95
CA SER C 192 23.42 -9.63 -22.91
C SER C 192 24.67 -10.34 -23.50
N SER C 193 25.25 -9.78 -24.57
CA SER C 193 26.44 -10.31 -25.24
C SER C 193 27.71 -10.25 -24.37
N SER C 194 27.76 -9.34 -23.38
CA SER C 194 28.94 -9.24 -22.50
C SER C 194 28.99 -10.41 -21.47
N LEU C 195 27.88 -11.12 -21.30
CA LEU C 195 27.83 -12.26 -20.36
C LEU C 195 28.84 -13.36 -20.71
N GLY C 196 29.05 -13.62 -21.99
CA GLY C 196 29.99 -14.66 -22.41
C GLY C 196 31.38 -14.13 -22.72
N THR C 197 31.64 -12.81 -22.54
CA THR C 197 32.94 -12.21 -22.89
C THR C 197 33.58 -11.39 -21.77
N GLN C 198 32.83 -11.12 -20.68
CA GLN C 198 33.30 -10.29 -19.59
C GLN C 198 33.11 -10.99 -18.25
N THR C 199 33.86 -10.52 -17.23
CA THR C 199 33.83 -11.04 -15.87
C THR C 199 33.25 -9.99 -14.94
N TYR C 200 32.36 -10.41 -14.02
CA TYR C 200 31.73 -9.51 -13.07
C TYR C 200 31.94 -10.02 -11.66
N ILE C 201 32.62 -9.19 -10.84
CA ILE C 201 32.95 -9.51 -9.44
C ILE C 201 32.41 -8.42 -8.50
N CYS C 202 31.62 -8.78 -7.50
CA CYS C 202 31.19 -7.78 -6.55
C CYS C 202 32.16 -7.82 -5.35
N ASN C 203 32.57 -6.66 -4.86
CA ASN C 203 33.51 -6.59 -3.73
C ASN C 203 32.72 -6.02 -2.58
N VAL C 204 32.54 -6.82 -1.54
CA VAL C 204 31.75 -6.47 -0.37
C VAL C 204 32.70 -6.23 0.82
N ASN C 205 32.53 -5.08 1.49
CA ASN C 205 33.34 -4.74 2.67
C ASN C 205 32.45 -4.37 3.83
N HIS C 206 32.56 -5.15 4.92
CA HIS C 206 31.86 -4.91 6.18
C HIS C 206 32.90 -4.62 7.25
N LYS C 207 33.32 -3.35 7.34
CA LYS C 207 34.32 -2.90 8.31
C LYS C 207 34.00 -3.27 9.77
N PRO C 208 32.72 -3.16 10.28
CA PRO C 208 32.44 -3.57 11.67
C PRO C 208 32.86 -4.99 12.06
N SER C 209 32.83 -5.96 11.12
CA SER C 209 33.21 -7.34 11.42
C SER C 209 34.55 -7.70 10.77
N ASN C 210 35.21 -6.70 10.15
CA ASN C 210 36.47 -6.88 9.43
C ASN C 210 36.32 -7.99 8.36
N THR C 211 35.18 -7.97 7.63
CA THR C 211 34.84 -8.93 6.59
C THR C 211 35.01 -8.24 5.21
N LYS C 212 35.73 -8.92 4.31
CA LYS C 212 35.95 -8.50 2.93
C LYS C 212 35.60 -9.72 2.06
N VAL C 213 34.62 -9.61 1.15
CA VAL C 213 34.22 -10.75 0.31
C VAL C 213 34.24 -10.35 -1.17
N ASP C 214 34.87 -11.16 -2.05
CA ASP C 214 34.84 -10.98 -3.51
C ASP C 214 34.09 -12.15 -4.09
N LYS C 215 33.02 -11.90 -4.85
CA LYS C 215 32.19 -12.94 -5.43
C LYS C 215 32.06 -12.76 -6.93
N ARG C 216 32.47 -13.79 -7.69
CA ARG C 216 32.37 -13.81 -9.16
C ARG C 216 30.94 -14.15 -9.49
N VAL C 217 30.27 -13.35 -10.32
CA VAL C 217 28.87 -13.62 -10.69
C VAL C 217 28.84 -14.19 -12.12
N GLU C 218 28.55 -15.49 -12.24
CA GLU C 218 28.50 -16.19 -13.53
C GLU C 218 27.07 -16.39 -14.01
N PRO C 219 26.82 -16.35 -15.36
CA PRO C 219 25.47 -16.67 -15.86
C PRO C 219 25.09 -18.11 -15.52
N LYS C 220 23.78 -18.36 -15.32
CA LYS C 220 23.22 -19.68 -14.99
C LYS C 220 23.13 -20.52 -16.27
N ASP D 1 5.74 21.65 22.46
CA ASP D 1 6.73 22.09 21.48
C ASP D 1 6.08 22.95 20.38
N ILE D 2 6.89 23.74 19.65
CA ILE D 2 6.40 24.51 18.48
C ILE D 2 6.46 23.55 17.27
N GLN D 3 5.30 23.28 16.64
CA GLN D 3 5.22 22.39 15.48
C GLN D 3 5.47 23.19 14.23
N MET D 4 6.41 22.70 13.41
CA MET D 4 6.78 23.36 12.15
C MET D 4 6.15 22.55 11.01
N THR D 5 5.33 23.18 10.17
CA THR D 5 4.69 22.46 9.05
C THR D 5 5.26 22.99 7.75
N GLN D 6 5.98 22.14 7.07
CA GLN D 6 6.62 22.48 5.81
C GLN D 6 5.73 22.02 4.67
N SER D 7 5.71 22.79 3.59
CA SER D 7 4.86 22.52 2.45
C SER D 7 5.57 22.99 1.17
N PRO D 8 5.59 22.15 0.11
CA PRO D 8 5.08 20.77 0.06
C PRO D 8 6.12 19.80 0.60
N SER D 9 5.80 18.53 0.77
CA SER D 9 6.74 17.53 1.26
C SER D 9 7.69 17.07 0.13
N SER D 10 7.21 17.14 -1.13
CA SER D 10 7.92 16.70 -2.34
C SER D 10 7.65 17.65 -3.46
N LEU D 11 8.65 17.88 -4.30
CA LEU D 11 8.59 18.81 -5.42
C LEU D 11 9.48 18.26 -6.54
N SER D 12 8.98 18.33 -7.80
CA SER D 12 9.69 17.90 -9.01
C SER D 12 9.95 19.16 -9.80
N ALA D 13 11.21 19.41 -10.17
CA ALA D 13 11.56 20.65 -10.87
C ALA D 13 12.69 20.42 -11.86
N SER D 14 12.93 21.41 -12.73
CA SER D 14 14.01 21.36 -13.73
C SER D 14 14.99 22.46 -13.44
N VAL D 15 16.23 22.29 -13.90
CA VAL D 15 17.26 23.33 -13.78
C VAL D 15 16.69 24.63 -14.40
N GLY D 16 16.82 25.76 -13.71
CA GLY D 16 16.32 27.06 -14.13
C GLY D 16 14.97 27.43 -13.55
N ASP D 17 14.22 26.46 -13.00
CA ASP D 17 12.91 26.73 -12.37
C ASP D 17 13.01 27.55 -11.08
N ARG D 18 11.97 28.33 -10.80
CA ARG D 18 11.83 29.10 -9.57
C ARG D 18 11.07 28.18 -8.63
N VAL D 19 11.67 27.92 -7.46
CA VAL D 19 11.10 27.04 -6.45
C VAL D 19 10.77 27.80 -5.17
N THR D 20 9.56 27.59 -4.61
CA THR D 20 9.10 28.19 -3.34
C THR D 20 8.71 27.07 -2.35
N ILE D 21 9.26 27.13 -1.14
CA ILE D 21 8.96 26.18 -0.06
C ILE D 21 8.44 27.00 1.12
N THR D 22 7.30 26.60 1.68
CA THR D 22 6.70 27.32 2.79
C THR D 22 6.81 26.55 4.10
N CYS D 23 6.85 27.29 5.19
CA CYS D 23 6.99 26.80 6.54
C CYS D 23 6.00 27.53 7.44
N ARG D 24 5.20 26.78 8.17
CA ARG D 24 4.20 27.34 9.10
C ARG D 24 4.53 26.92 10.54
N ALA D 25 4.57 27.87 11.47
CA ALA D 25 4.80 27.58 12.89
C ALA D 25 3.45 27.58 13.62
N SER D 26 3.30 26.66 14.60
CA SER D 26 2.09 26.50 15.42
C SER D 26 1.76 27.73 16.27
N GLN D 27 2.74 28.63 16.49
CA GLN D 27 2.59 29.90 17.20
C GLN D 27 3.62 30.85 16.61
N SER D 28 3.48 32.15 16.88
CA SER D 28 4.41 33.17 16.37
C SER D 28 5.82 32.98 16.90
N ILE D 29 6.81 33.09 15.98
CA ILE D 29 8.23 32.95 16.25
C ILE D 29 8.98 34.17 15.79
N ALA D 30 8.26 35.28 15.61
CA ALA D 30 8.81 36.56 15.13
C ALA D 30 9.61 36.29 13.83
N SER D 31 10.92 36.57 13.80
CA SER D 31 11.73 36.30 12.61
C SER D 31 12.78 35.16 12.86
N TYR D 32 12.65 34.42 13.98
CA TYR D 32 13.64 33.42 14.37
C TYR D 32 13.49 32.06 13.68
N LEU D 33 13.68 32.04 12.35
CA LEU D 33 13.54 30.82 11.55
C LEU D 33 14.74 30.62 10.62
N ALA D 34 15.30 29.42 10.61
CA ALA D 34 16.44 29.05 9.75
C ALA D 34 16.00 28.03 8.70
N TRP D 35 16.72 28.00 7.56
CA TRP D 35 16.54 27.05 6.46
C TRP D 35 17.83 26.29 6.24
N TYR D 36 17.74 24.96 6.12
CA TYR D 36 18.88 24.06 5.91
C TYR D 36 18.68 23.27 4.65
N GLN D 37 19.78 22.88 4.04
CA GLN D 37 19.82 22.01 2.88
C GLN D 37 20.52 20.73 3.34
N GLN D 38 20.02 19.57 2.91
CA GLN D 38 20.68 18.29 3.18
C GLN D 38 20.64 17.36 1.99
N LYS D 39 21.81 16.81 1.64
CA LYS D 39 21.98 15.83 0.58
C LYS D 39 22.21 14.44 1.17
N PRO D 40 21.82 13.36 0.44
CA PRO D 40 22.01 11.99 0.99
C PRO D 40 23.45 11.70 1.42
N GLY D 41 23.59 11.11 2.61
CA GLY D 41 24.88 10.76 3.17
C GLY D 41 25.66 11.95 3.70
N LYS D 42 25.05 13.16 3.73
CA LYS D 42 25.73 14.35 4.22
C LYS D 42 24.98 15.04 5.35
N ALA D 43 25.71 15.87 6.08
CA ALA D 43 25.15 16.64 7.18
C ALA D 43 24.34 17.83 6.60
N PRO D 44 23.34 18.36 7.35
CA PRO D 44 22.66 19.58 6.88
C PRO D 44 23.65 20.75 6.75
N LYS D 45 23.24 21.75 5.99
CA LYS D 45 24.01 22.94 5.74
C LYS D 45 23.08 24.15 5.91
N LEU D 46 23.53 25.14 6.69
CA LEU D 46 22.74 26.35 6.91
C LEU D 46 22.72 27.21 5.65
N LEU D 47 21.52 27.63 5.20
CA LEU D 47 21.37 28.50 4.05
C LEU D 47 20.93 29.89 4.47
N ILE D 48 19.89 29.95 5.30
CA ILE D 48 19.29 31.23 5.72
C ILE D 48 19.12 31.19 7.24
N TYR D 49 19.43 32.29 7.93
CA TYR D 49 19.19 32.38 9.37
C TYR D 49 18.30 33.60 9.65
N ASP D 50 17.53 33.54 10.71
CA ASP D 50 16.61 34.62 11.08
C ASP D 50 15.72 35.14 9.95
N ALA D 51 15.05 34.17 9.29
CA ALA D 51 14.07 34.28 8.21
C ALA D 51 14.56 34.81 6.88
N SER D 52 15.45 35.82 6.86
CA SER D 52 15.91 36.45 5.60
C SER D 52 17.40 36.70 5.44
N ASN D 53 18.23 36.28 6.38
CA ASN D 53 19.67 36.53 6.25
C ASN D 53 20.32 35.37 5.54
N LEU D 54 20.96 35.67 4.42
CA LEU D 54 21.66 34.71 3.62
C LEU D 54 22.99 34.38 4.30
N GLN D 55 23.27 33.08 4.52
CA GLN D 55 24.53 32.70 5.15
C GLN D 55 25.69 32.92 4.16
N SER D 56 26.87 33.35 4.67
CA SER D 56 28.01 33.58 3.76
C SER D 56 28.42 32.27 3.12
N GLY D 57 28.78 32.32 1.84
CA GLY D 57 29.15 31.14 1.08
C GLY D 57 27.96 30.54 0.36
N VAL D 58 26.73 31.00 0.69
CA VAL D 58 25.50 30.49 0.06
C VAL D 58 25.17 31.42 -1.15
N PRO D 59 24.91 30.86 -2.35
CA PRO D 59 24.56 31.73 -3.51
C PRO D 59 23.28 32.55 -3.32
N SER D 60 23.29 33.80 -3.82
CA SER D 60 22.16 34.74 -3.73
C SER D 60 20.83 34.31 -4.40
N ARG D 61 20.80 33.16 -5.12
CA ARG D 61 19.58 32.61 -5.72
C ARG D 61 18.67 32.10 -4.59
N PHE D 62 19.25 31.91 -3.37
CA PHE D 62 18.49 31.51 -2.20
C PHE D 62 18.07 32.76 -1.47
N SER D 63 16.79 32.84 -1.11
CA SER D 63 16.32 33.97 -0.32
C SER D 63 15.19 33.51 0.58
N GLY D 64 15.10 34.15 1.74
CA GLY D 64 14.07 33.81 2.72
C GLY D 64 13.20 35.00 3.05
N SER D 65 11.94 34.76 3.39
CA SER D 65 11.05 35.83 3.82
C SER D 65 10.01 35.29 4.79
N GLY D 66 9.30 36.22 5.43
CA GLY D 66 8.26 35.90 6.37
C GLY D 66 8.58 36.33 7.78
N SER D 67 7.54 36.37 8.62
CA SER D 67 7.58 36.76 10.03
C SER D 67 6.30 36.26 10.69
N GLY D 68 6.38 35.97 11.98
CA GLY D 68 5.24 35.49 12.74
C GLY D 68 5.12 33.99 12.68
N THR D 69 4.13 33.50 11.93
CA THR D 69 3.88 32.07 11.74
C THR D 69 4.13 31.55 10.31
N ASP D 70 4.26 32.42 9.29
CA ASP D 70 4.43 32.00 7.88
C ASP D 70 5.73 32.43 7.24
N PHE D 71 6.47 31.47 6.70
CA PHE D 71 7.80 31.69 6.14
C PHE D 71 7.97 31.08 4.79
N THR D 72 8.84 31.66 3.96
CA THR D 72 9.08 31.19 2.59
C THR D 72 10.56 31.12 2.23
N LEU D 73 10.97 29.98 1.68
CA LEU D 73 12.29 29.82 1.09
C LEU D 73 12.08 29.82 -0.45
N THR D 74 12.75 30.74 -1.13
CA THR D 74 12.67 30.81 -2.59
C THR D 74 14.00 30.49 -3.19
N ILE D 75 14.01 29.62 -4.23
CA ILE D 75 15.22 29.39 -5.02
C ILE D 75 14.87 29.95 -6.41
N SER D 76 15.41 31.17 -6.74
CA SER D 76 15.07 31.94 -7.98
C SER D 76 15.16 31.18 -9.28
N SER D 77 16.22 30.40 -9.46
CA SER D 77 16.45 29.52 -10.61
C SER D 77 17.31 28.37 -10.13
N LEU D 78 16.67 27.22 -10.01
CA LEU D 78 17.26 26.00 -9.50
C LEU D 78 18.47 25.55 -10.31
N GLN D 79 19.54 25.20 -9.62
CA GLN D 79 20.76 24.72 -10.23
C GLN D 79 20.92 23.22 -9.97
N PRO D 80 21.77 22.48 -10.73
CA PRO D 80 21.92 21.03 -10.48
C PRO D 80 22.31 20.68 -9.05
N GLU D 81 23.15 21.51 -8.41
CA GLU D 81 23.64 21.27 -7.05
C GLU D 81 22.57 21.58 -6.00
N ASP D 82 21.40 22.11 -6.44
CA ASP D 82 20.29 22.47 -5.54
C ASP D 82 19.29 21.33 -5.32
N PHE D 83 19.42 20.19 -6.02
CA PHE D 83 18.51 19.05 -5.80
C PHE D 83 18.97 18.39 -4.48
N ALA D 84 18.03 18.36 -3.50
CA ALA D 84 18.30 17.97 -2.12
C ALA D 84 17.01 18.07 -1.33
N THR D 85 17.11 17.83 -0.02
CA THR D 85 16.03 18.00 0.96
C THR D 85 16.30 19.29 1.69
N TYR D 86 15.23 20.07 1.92
CA TYR D 86 15.30 21.36 2.61
C TYR D 86 14.48 21.28 3.89
N TYR D 87 14.99 21.83 4.99
CA TYR D 87 14.30 21.84 6.28
C TYR D 87 14.21 23.26 6.82
N CYS D 88 13.07 23.62 7.43
CA CYS D 88 12.97 24.87 8.17
C CYS D 88 13.20 24.47 9.63
N GLN D 89 13.60 25.44 10.48
CA GLN D 89 13.81 25.18 11.90
C GLN D 89 13.49 26.44 12.68
N GLN D 90 12.64 26.34 13.72
CA GLN D 90 12.44 27.53 14.56
C GLN D 90 13.60 27.60 15.58
N ALA D 91 14.19 28.78 15.72
CA ALA D 91 15.30 29.06 16.64
C ALA D 91 14.78 30.01 17.73
N TYR D 92 13.49 29.96 17.96
CA TYR D 92 12.82 30.87 18.89
C TYR D 92 12.79 30.37 20.33
N LYS D 93 12.46 29.10 20.52
CA LYS D 93 12.30 28.57 21.88
C LYS D 93 12.70 27.13 21.88
N THR D 94 13.39 26.67 22.94
CA THR D 94 13.74 25.27 23.06
C THR D 94 12.51 24.44 23.51
N PRO D 95 12.36 23.17 23.11
CA PRO D 95 13.24 22.42 22.21
C PRO D 95 13.18 22.96 20.78
N TYR D 96 14.36 23.17 20.16
CA TYR D 96 14.42 23.64 18.76
C TYR D 96 13.75 22.57 17.91
N THR D 97 12.85 22.99 17.01
CA THR D 97 12.09 22.04 16.19
C THR D 97 12.24 22.33 14.69
N PHE D 98 12.25 21.27 13.88
CA PHE D 98 12.40 21.31 12.44
C PHE D 98 11.10 20.94 11.74
N GLY D 99 10.94 21.42 10.50
CA GLY D 99 9.82 20.99 9.65
C GLY D 99 10.13 19.58 9.20
N GLN D 100 9.15 18.91 8.59
CA GLN D 100 9.36 17.52 8.16
C GLN D 100 10.27 17.35 6.93
N GLY D 101 10.60 18.45 6.25
CA GLY D 101 11.46 18.40 5.09
C GLY D 101 10.71 18.45 3.78
N THR D 102 11.36 19.01 2.75
CA THR D 102 10.87 19.11 1.38
C THR D 102 11.91 18.50 0.48
N LYS D 103 11.58 17.38 -0.19
CA LYS D 103 12.53 16.76 -1.12
C LYS D 103 12.36 17.35 -2.51
N VAL D 104 13.43 17.95 -3.06
CA VAL D 104 13.40 18.56 -4.39
C VAL D 104 14.14 17.62 -5.34
N GLU D 105 13.35 16.95 -6.18
CA GLU D 105 13.85 15.97 -7.15
C GLU D 105 13.83 16.50 -8.60
N ILE D 106 14.61 15.86 -9.50
CA ILE D 106 14.75 16.26 -10.91
C ILE D 106 13.56 15.71 -11.72
N LYS D 107 12.83 16.63 -12.36
CA LYS D 107 11.74 16.30 -13.27
C LYS D 107 12.37 15.71 -14.56
N ARG D 108 11.75 14.68 -15.13
CA ARG D 108 12.19 14.11 -16.42
C ARG D 108 10.97 13.39 -17.07
N THR D 109 11.14 12.87 -18.30
CA THR D 109 10.03 12.19 -18.98
C THR D 109 9.78 10.85 -18.29
N VAL D 110 8.56 10.32 -18.41
CA VAL D 110 8.19 9.01 -17.86
C VAL D 110 9.06 7.91 -18.51
N ALA D 111 9.57 6.99 -17.68
CA ALA D 111 10.37 5.85 -18.15
C ALA D 111 9.90 4.63 -17.43
N ALA D 112 9.45 3.63 -18.20
CA ALA D 112 8.98 2.36 -17.67
C ALA D 112 10.16 1.58 -17.10
N PRO D 113 9.98 0.77 -16.04
CA PRO D 113 11.12 -0.03 -15.56
C PRO D 113 11.35 -1.24 -16.48
N SER D 114 12.59 -1.72 -16.55
CA SER D 114 12.85 -3.03 -17.17
C SER D 114 12.82 -3.94 -15.93
N VAL D 115 12.06 -5.04 -15.98
CA VAL D 115 11.84 -5.89 -14.81
C VAL D 115 12.61 -7.22 -14.92
N PHE D 116 13.27 -7.64 -13.81
CA PHE D 116 14.05 -8.88 -13.73
C PHE D 116 13.70 -9.63 -12.45
N ILE D 117 13.65 -10.96 -12.54
CA ILE D 117 13.38 -11.81 -11.38
C ILE D 117 14.56 -12.79 -11.18
N PHE D 118 15.06 -12.88 -9.95
CA PHE D 118 16.15 -13.79 -9.62
C PHE D 118 15.70 -14.88 -8.66
N PRO D 119 15.78 -16.17 -9.05
CA PRO D 119 15.44 -17.24 -8.09
C PRO D 119 16.51 -17.30 -7.00
N PRO D 120 16.27 -17.96 -5.83
CA PRO D 120 17.33 -18.06 -4.84
C PRO D 120 18.48 -18.88 -5.41
N SER D 121 19.73 -18.56 -5.04
CA SER D 121 20.88 -19.31 -5.53
C SER D 121 20.92 -20.69 -4.84
N ASP D 122 21.60 -21.68 -5.47
CA ASP D 122 21.75 -23.01 -4.88
C ASP D 122 22.58 -22.89 -3.61
N GLU D 123 23.59 -22.00 -3.60
CA GLU D 123 24.44 -21.72 -2.43
C GLU D 123 23.59 -21.27 -1.22
N GLN D 124 22.60 -20.36 -1.41
CA GLN D 124 21.73 -19.92 -0.30
C GLN D 124 20.81 -21.04 0.17
N LEU D 125 20.21 -21.79 -0.78
CA LEU D 125 19.30 -22.93 -0.52
C LEU D 125 19.92 -23.93 0.47
N LYS D 126 21.24 -24.20 0.33
CA LYS D 126 22.06 -25.04 1.22
C LYS D 126 21.98 -24.62 2.71
N SER D 127 21.80 -23.30 3.01
CA SER D 127 21.68 -22.75 4.37
C SER D 127 20.25 -22.83 4.98
N GLY D 128 19.26 -23.22 4.16
CA GLY D 128 17.89 -23.39 4.63
C GLY D 128 16.95 -22.21 4.44
N THR D 129 17.41 -21.19 3.71
CA THR D 129 16.65 -19.99 3.44
C THR D 129 16.57 -19.70 1.94
N ALA D 130 15.48 -19.07 1.50
CA ALA D 130 15.25 -18.73 0.11
C ALA D 130 14.83 -17.27 -0.06
N SER D 131 15.66 -16.49 -0.78
CA SER D 131 15.36 -15.10 -1.10
C SER D 131 15.11 -15.01 -2.60
N VAL D 132 13.93 -14.48 -2.98
CA VAL D 132 13.55 -14.31 -4.38
C VAL D 132 13.60 -12.81 -4.65
N VAL D 133 14.42 -12.37 -5.60
CA VAL D 133 14.57 -10.94 -5.83
C VAL D 133 13.96 -10.46 -7.15
N CYS D 134 13.10 -9.43 -7.07
CA CYS D 134 12.50 -8.78 -8.24
C CYS D 134 13.13 -7.37 -8.34
N LEU D 135 13.74 -7.06 -9.49
CA LEU D 135 14.39 -5.77 -9.74
C LEU D 135 13.58 -4.94 -10.75
N LEU D 136 13.32 -3.67 -10.41
CA LEU D 136 12.70 -2.75 -11.35
C LEU D 136 13.83 -1.78 -11.63
N ASN D 137 14.29 -1.76 -12.86
CA ASN D 137 15.44 -0.97 -13.22
C ASN D 137 15.16 0.32 -13.98
N ASN D 138 15.75 1.45 -13.51
CA ASN D 138 15.76 2.77 -14.16
C ASN D 138 14.40 3.25 -14.62
N PHE D 139 13.55 3.59 -13.67
CA PHE D 139 12.20 4.06 -13.98
C PHE D 139 11.95 5.49 -13.44
N TYR D 140 10.93 6.16 -13.99
CA TYR D 140 10.51 7.51 -13.57
C TYR D 140 9.03 7.67 -13.92
N PRO D 141 8.17 8.20 -13.02
CA PRO D 141 8.45 8.66 -11.64
C PRO D 141 8.75 7.52 -10.66
N ARG D 142 9.18 7.89 -9.43
CA ARG D 142 9.55 6.99 -8.32
C ARG D 142 8.45 6.00 -7.93
N GLU D 143 7.18 6.40 -8.05
CA GLU D 143 6.02 5.58 -7.66
C GLU D 143 5.91 4.31 -8.47
N ALA D 144 5.85 3.17 -7.79
CA ALA D 144 5.73 1.88 -8.44
C ALA D 144 5.08 0.90 -7.49
N LYS D 145 4.30 -0.04 -8.01
CA LYS D 145 3.59 -1.07 -7.24
C LYS D 145 4.11 -2.46 -7.63
N VAL D 146 4.60 -3.24 -6.66
CA VAL D 146 5.14 -4.59 -6.88
C VAL D 146 4.29 -5.57 -6.07
N GLN D 147 3.76 -6.59 -6.72
CA GLN D 147 2.96 -7.62 -6.06
C GLN D 147 3.58 -8.96 -6.32
N TRP D 148 3.71 -9.77 -5.29
CA TRP D 148 4.24 -11.14 -5.41
C TRP D 148 3.10 -12.13 -5.44
N LYS D 149 3.19 -13.10 -6.35
CA LYS D 149 2.24 -14.21 -6.45
C LYS D 149 3.01 -15.53 -6.46
N VAL D 150 2.60 -16.46 -5.61
CA VAL D 150 3.22 -17.79 -5.53
C VAL D 150 2.08 -18.77 -5.86
N ASP D 151 2.14 -19.41 -7.07
CA ASP D 151 1.10 -20.30 -7.59
C ASP D 151 -0.27 -19.61 -7.54
N ASN D 152 -0.32 -18.38 -8.09
CA ASN D 152 -1.50 -17.50 -8.20
C ASN D 152 -1.97 -16.92 -6.89
N ALA D 153 -1.28 -17.23 -5.77
CA ALA D 153 -1.66 -16.70 -4.45
C ALA D 153 -0.88 -15.44 -4.10
N LEU D 154 -1.61 -14.31 -3.95
CA LEU D 154 -1.08 -12.99 -3.59
C LEU D 154 -0.41 -13.10 -2.21
N GLN D 155 0.86 -12.64 -2.13
CA GLN D 155 1.68 -12.69 -0.92
C GLN D 155 1.50 -11.46 -0.09
N SER D 156 1.70 -11.61 1.22
CA SER D 156 1.62 -10.50 2.17
C SER D 156 2.52 -10.76 3.36
N GLY D 157 3.19 -9.70 3.81
CA GLY D 157 4.06 -9.69 4.98
C GLY D 157 5.40 -10.39 4.89
N ASN D 158 5.69 -11.03 3.74
CA ASN D 158 6.96 -11.75 3.53
C ASN D 158 7.91 -11.10 2.49
N SER D 159 7.70 -9.80 2.19
CA SER D 159 8.52 -9.09 1.21
C SER D 159 8.97 -7.74 1.72
N GLN D 160 10.16 -7.31 1.28
CA GLN D 160 10.74 -6.02 1.63
C GLN D 160 11.22 -5.32 0.40
N GLU D 161 10.93 -4.01 0.30
CA GLU D 161 11.35 -3.21 -0.84
C GLU D 161 12.45 -2.26 -0.44
N SER D 162 13.30 -1.91 -1.40
CA SER D 162 14.32 -0.87 -1.21
C SER D 162 14.37 -0.06 -2.50
N VAL D 163 14.48 1.29 -2.38
CA VAL D 163 14.50 2.20 -3.53
C VAL D 163 15.81 3.01 -3.50
N THR D 164 16.48 3.19 -4.63
CA THR D 164 17.71 3.99 -4.64
C THR D 164 17.34 5.49 -4.64
N GLU D 165 18.32 6.36 -4.43
CA GLU D 165 18.16 7.80 -4.55
C GLU D 165 18.12 8.03 -6.09
N GLN D 166 17.62 9.20 -6.53
CA GLN D 166 17.52 9.52 -7.94
C GLN D 166 18.91 9.50 -8.58
N ASP D 167 19.01 8.89 -9.76
CA ASP D 167 20.28 8.82 -10.49
C ASP D 167 20.67 10.22 -10.99
N SER D 168 21.92 10.63 -10.72
CA SER D 168 22.47 11.94 -11.10
C SER D 168 22.61 12.12 -12.62
N LYS D 169 22.79 11.02 -13.36
CA LYS D 169 22.97 11.03 -14.81
C LYS D 169 21.68 10.95 -15.61
N ASP D 170 20.75 10.03 -15.25
CA ASP D 170 19.50 9.88 -16.02
C ASP D 170 18.21 10.23 -15.30
N SER D 171 18.29 10.67 -14.02
CA SER D 171 17.15 11.11 -13.20
C SER D 171 16.12 10.01 -12.91
N THR D 172 16.54 8.75 -13.02
CA THR D 172 15.65 7.60 -12.75
C THR D 172 15.83 7.04 -11.34
N TYR D 173 14.91 6.14 -10.96
CA TYR D 173 14.93 5.41 -9.72
C TYR D 173 15.02 3.92 -10.06
N SER D 174 15.50 3.12 -9.11
CA SER D 174 15.52 1.66 -9.24
C SER D 174 14.99 1.11 -7.95
N LEU D 175 14.33 -0.03 -8.02
CA LEU D 175 13.72 -0.61 -6.84
C LEU D 175 13.96 -2.11 -6.79
N SER D 176 14.19 -2.67 -5.59
CA SER D 176 14.28 -4.12 -5.44
C SER D 176 13.17 -4.56 -4.50
N SER D 177 12.51 -5.67 -4.81
CA SER D 177 11.53 -6.27 -3.90
C SER D 177 12.07 -7.69 -3.65
N THR D 178 12.28 -8.05 -2.37
CA THR D 178 12.83 -9.34 -1.98
C THR D 178 11.77 -10.11 -1.20
N LEU D 179 11.38 -11.28 -1.73
CA LEU D 179 10.45 -12.22 -1.11
C LEU D 179 11.28 -13.20 -0.30
N THR D 180 11.02 -13.30 1.01
CA THR D 180 11.77 -14.22 1.87
C THR D 180 10.90 -15.36 2.35
N LEU D 181 11.36 -16.57 2.10
CA LEU D 181 10.68 -17.80 2.50
C LEU D 181 11.70 -18.78 3.04
N SER D 182 11.22 -19.73 3.84
CA SER D 182 12.05 -20.84 4.33
C SER D 182 12.27 -21.75 3.12
N LYS D 183 13.37 -22.53 3.12
CA LYS D 183 13.65 -23.48 2.05
C LYS D 183 12.45 -24.46 1.92
N ALA D 184 11.88 -24.89 3.06
CA ALA D 184 10.72 -25.79 3.17
C ALA D 184 9.52 -25.23 2.38
N ASP D 185 9.12 -23.96 2.65
CA ASP D 185 8.02 -23.31 1.92
C ASP D 185 8.35 -23.10 0.46
N TYR D 186 9.61 -22.71 0.14
CA TYR D 186 10.05 -22.49 -1.24
C TYR D 186 9.88 -23.73 -2.10
N GLU D 187 10.32 -24.92 -1.58
CA GLU D 187 10.26 -26.21 -2.26
C GLU D 187 8.84 -26.80 -2.41
N LYS D 188 7.86 -26.23 -1.71
CA LYS D 188 6.44 -26.61 -1.75
C LYS D 188 5.70 -25.98 -2.96
N HIS D 189 6.32 -24.97 -3.62
CA HIS D 189 5.66 -24.23 -4.70
C HIS D 189 6.40 -24.20 -6.02
N LYS D 190 5.66 -24.02 -7.14
CA LYS D 190 6.26 -24.02 -8.46
C LYS D 190 6.48 -22.62 -9.09
N VAL D 191 5.42 -21.84 -9.27
CA VAL D 191 5.48 -20.55 -9.97
C VAL D 191 5.70 -19.37 -9.04
N TYR D 192 6.79 -18.64 -9.30
CA TYR D 192 7.14 -17.45 -8.53
C TYR D 192 7.06 -16.27 -9.46
N ALA D 193 6.14 -15.35 -9.19
CA ALA D 193 5.91 -14.19 -10.05
C ALA D 193 5.92 -12.84 -9.34
N CYS D 194 6.51 -11.82 -10.00
CA CYS D 194 6.43 -10.46 -9.51
C CYS D 194 5.71 -9.60 -10.53
N GLU D 195 4.61 -8.97 -10.08
CA GLU D 195 3.78 -8.14 -10.93
C GLU D 195 4.09 -6.68 -10.68
N VAL D 196 4.36 -5.93 -11.76
CA VAL D 196 4.77 -4.55 -11.65
C VAL D 196 3.77 -3.60 -12.33
N THR D 197 3.30 -2.60 -11.57
CA THR D 197 2.42 -1.54 -12.03
C THR D 197 3.20 -0.23 -11.94
N HIS D 198 3.29 0.47 -13.08
CA HIS D 198 4.02 1.72 -13.19
C HIS D 198 3.44 2.54 -14.33
N GLN D 199 3.47 3.87 -14.18
CA GLN D 199 2.99 4.86 -15.13
C GLN D 199 3.55 4.65 -16.56
N GLY D 200 4.81 4.22 -16.67
CA GLY D 200 5.51 3.97 -17.93
C GLY D 200 5.07 2.73 -18.70
N LEU D 201 4.29 1.84 -18.05
CA LEU D 201 3.80 0.57 -18.59
C LEU D 201 2.35 0.74 -18.97
N SER D 202 1.95 0.35 -20.20
CA SER D 202 0.55 0.49 -20.61
C SER D 202 -0.36 -0.47 -19.83
N SER D 203 0.21 -1.57 -19.35
CA SER D 203 -0.48 -2.55 -18.53
C SER D 203 0.50 -3.15 -17.53
N PRO D 204 0.06 -3.61 -16.33
CA PRO D 204 1.01 -4.25 -15.39
C PRO D 204 1.79 -5.40 -16.04
N VAL D 205 3.10 -5.49 -15.72
CA VAL D 205 4.02 -6.50 -16.31
C VAL D 205 4.33 -7.58 -15.28
N THR D 206 4.35 -8.84 -15.69
CA THR D 206 4.69 -9.96 -14.82
C THR D 206 5.95 -10.67 -15.29
N LYS D 207 6.90 -10.88 -14.37
CA LYS D 207 8.13 -11.66 -14.59
C LYS D 207 8.06 -12.80 -13.63
N SER D 208 8.25 -14.00 -14.16
CA SER D 208 8.11 -15.20 -13.36
C SER D 208 9.08 -16.29 -13.76
N PHE D 209 9.15 -17.32 -12.91
CA PHE D 209 9.92 -18.53 -13.18
C PHE D 209 9.22 -19.71 -12.50
N ASN D 210 9.56 -20.93 -12.95
CA ASN D 210 9.08 -22.17 -12.36
C ASN D 210 10.27 -22.74 -11.63
N ARG D 211 10.12 -22.99 -10.31
CA ARG D 211 11.18 -23.54 -9.45
C ARG D 211 11.74 -24.84 -10.06
N GLY D 212 13.06 -24.91 -10.20
CA GLY D 212 13.73 -26.07 -10.79
C GLY D 212 13.75 -26.12 -12.30
N GLU D 213 13.47 -24.98 -12.97
CA GLU D 213 13.47 -24.88 -14.43
C GLU D 213 14.32 -23.69 -14.88
N GLN E 1 -37.58 -19.44 -22.31
CA GLN E 1 -36.28 -18.94 -21.86
C GLN E 1 -35.96 -19.54 -20.48
N VAL E 2 -34.74 -20.14 -20.30
CA VAL E 2 -34.37 -20.71 -18.99
C VAL E 2 -34.14 -19.59 -17.93
N GLN E 3 -34.72 -19.74 -16.72
CA GLN E 3 -34.52 -18.82 -15.61
C GLN E 3 -34.25 -19.62 -14.33
N LEU E 4 -33.27 -19.17 -13.52
CA LEU E 4 -32.93 -19.79 -12.23
C LEU E 4 -33.21 -18.76 -11.13
N VAL E 5 -34.09 -19.11 -10.18
CA VAL E 5 -34.45 -18.22 -9.07
C VAL E 5 -34.05 -18.88 -7.77
N GLN E 6 -33.20 -18.18 -7.00
CA GLN E 6 -32.67 -18.66 -5.74
C GLN E 6 -33.43 -18.10 -4.54
N SER E 7 -33.30 -18.79 -3.40
CA SER E 7 -33.90 -18.35 -2.15
C SER E 7 -33.12 -17.12 -1.61
N GLY E 8 -33.74 -16.38 -0.70
CA GLY E 8 -33.19 -15.15 -0.18
C GLY E 8 -31.95 -15.26 0.68
N ALA E 9 -31.27 -14.11 0.88
CA ALA E 9 -30.07 -13.95 1.71
C ALA E 9 -30.28 -14.55 3.11
N GLU E 10 -29.22 -15.15 3.67
CA GLU E 10 -29.23 -15.82 4.97
C GLU E 10 -28.17 -15.22 5.88
N VAL E 11 -28.48 -15.18 7.19
CA VAL E 11 -27.58 -14.69 8.24
C VAL E 11 -27.52 -15.81 9.27
N LYS E 12 -26.33 -16.30 9.59
CA LYS E 12 -26.18 -17.44 10.47
C LYS E 12 -25.10 -17.23 11.48
N LYS E 13 -25.21 -17.92 12.64
CA LYS E 13 -24.20 -17.89 13.69
C LYS E 13 -23.23 -19.03 13.44
N PRO E 14 -21.94 -18.91 13.81
CA PRO E 14 -21.00 -20.06 13.61
C PRO E 14 -21.54 -21.36 14.23
N GLY E 15 -21.34 -22.50 13.53
CA GLY E 15 -21.78 -23.83 13.93
C GLY E 15 -23.17 -24.20 13.45
N SER E 16 -23.94 -23.21 13.00
CA SER E 16 -25.29 -23.46 12.46
C SER E 16 -25.17 -24.08 11.04
N SER E 17 -26.33 -24.33 10.41
CA SER E 17 -26.45 -24.90 9.06
C SER E 17 -27.29 -23.96 8.22
N VAL E 18 -27.09 -24.04 6.89
CA VAL E 18 -27.85 -23.25 5.94
C VAL E 18 -28.34 -24.18 4.82
N LYS E 19 -29.56 -23.96 4.31
CA LYS E 19 -30.04 -24.72 3.16
C LYS E 19 -30.58 -23.74 2.15
N VAL E 20 -29.93 -23.68 0.98
CA VAL E 20 -30.27 -22.75 -0.10
C VAL E 20 -30.98 -23.53 -1.20
N SER E 21 -32.00 -22.91 -1.82
CA SER E 21 -32.76 -23.55 -2.90
C SER E 21 -32.59 -22.80 -4.22
N CYS E 22 -32.79 -23.50 -5.33
CA CYS E 22 -32.72 -22.90 -6.65
C CYS E 22 -33.75 -23.52 -7.57
N LYS E 23 -34.70 -22.73 -8.06
CA LYS E 23 -35.76 -23.22 -8.93
C LYS E 23 -35.47 -22.88 -10.38
N ALA E 24 -35.44 -23.91 -11.24
CA ALA E 24 -35.26 -23.74 -12.69
C ALA E 24 -36.62 -23.74 -13.38
N SER E 25 -36.78 -22.88 -14.39
CA SER E 25 -38.00 -22.80 -15.19
C SER E 25 -37.63 -22.51 -16.63
N GLY E 26 -38.45 -22.99 -17.56
CA GLY E 26 -38.28 -22.78 -19.00
C GLY E 26 -37.41 -23.77 -19.72
N GLY E 27 -36.98 -24.81 -19.00
CA GLY E 27 -36.12 -25.86 -19.57
C GLY E 27 -36.87 -26.97 -20.28
N THR E 28 -36.28 -27.54 -21.33
CA THR E 28 -36.88 -28.65 -22.10
C THR E 28 -36.02 -29.93 -22.05
N PHE E 29 -34.73 -29.80 -21.69
CA PHE E 29 -33.78 -30.90 -21.60
C PHE E 29 -33.97 -31.61 -20.26
N ARG E 30 -34.29 -32.92 -20.31
CA ARG E 30 -34.61 -33.70 -19.11
C ARG E 30 -33.44 -33.99 -18.21
N THR E 31 -32.24 -34.18 -18.77
CA THR E 31 -31.07 -34.58 -17.95
C THR E 31 -30.10 -33.42 -17.63
N TYR E 32 -30.65 -32.20 -17.47
CA TYR E 32 -29.87 -30.99 -17.11
C TYR E 32 -29.22 -31.23 -15.74
N ALA E 33 -28.10 -30.54 -15.47
CA ALA E 33 -27.43 -30.60 -14.16
C ALA E 33 -27.57 -29.27 -13.48
N MET E 34 -27.68 -29.31 -12.17
CA MET E 34 -27.77 -28.14 -11.33
C MET E 34 -26.51 -28.15 -10.47
N HIS E 35 -25.76 -27.05 -10.46
CA HIS E 35 -24.48 -26.95 -9.75
C HIS E 35 -24.51 -25.84 -8.72
N TRP E 36 -23.65 -25.96 -7.70
CA TRP E 36 -23.49 -24.94 -6.68
C TRP E 36 -22.06 -24.44 -6.73
N VAL E 37 -21.91 -23.13 -6.91
CA VAL E 37 -20.63 -22.45 -7.07
C VAL E 37 -20.61 -21.30 -6.06
N ARG E 38 -19.56 -21.19 -5.26
CA ARG E 38 -19.54 -20.07 -4.31
C ARG E 38 -18.46 -19.06 -4.62
N GLN E 39 -18.66 -17.85 -4.10
CA GLN E 39 -17.73 -16.77 -4.30
C GLN E 39 -17.60 -15.98 -3.01
N ALA E 40 -16.47 -16.15 -2.35
CA ALA E 40 -16.20 -15.42 -1.11
C ALA E 40 -15.92 -13.94 -1.47
N PRO E 41 -16.14 -12.96 -0.54
CA PRO E 41 -15.94 -11.54 -0.90
C PRO E 41 -14.58 -11.21 -1.50
N GLY E 42 -14.61 -10.60 -2.69
CA GLY E 42 -13.41 -10.22 -3.42
C GLY E 42 -12.60 -11.37 -4.01
N GLN E 43 -13.12 -12.61 -3.90
CA GLN E 43 -12.42 -13.79 -4.39
C GLN E 43 -12.99 -14.31 -5.72
N GLY E 44 -12.44 -15.43 -6.19
CA GLY E 44 -12.85 -16.12 -7.40
C GLY E 44 -14.01 -17.08 -7.17
N LEU E 45 -14.21 -17.97 -8.13
CA LEU E 45 -15.29 -18.94 -8.17
C LEU E 45 -14.83 -20.34 -7.80
N GLU E 46 -15.64 -21.03 -7.00
CA GLU E 46 -15.31 -22.35 -6.50
C GLU E 46 -16.54 -23.27 -6.64
N TRP E 47 -16.38 -24.33 -7.42
CA TRP E 47 -17.45 -25.32 -7.62
C TRP E 47 -17.51 -26.22 -6.37
N MET E 48 -18.69 -26.38 -5.80
CA MET E 48 -18.91 -27.19 -4.59
C MET E 48 -19.39 -28.60 -4.92
N GLY E 49 -20.22 -28.68 -5.93
CA GLY E 49 -20.81 -29.94 -6.36
C GLY E 49 -21.97 -29.73 -7.29
N GLY E 50 -22.50 -30.84 -7.81
CA GLY E 50 -23.60 -30.77 -8.77
C GLY E 50 -24.49 -32.00 -8.71
N ILE E 51 -25.70 -31.89 -9.28
CA ILE E 51 -26.67 -32.97 -9.32
C ILE E 51 -27.40 -33.01 -10.67
N VAL E 52 -27.78 -34.21 -11.15
CA VAL E 52 -28.64 -34.36 -12.32
C VAL E 52 -29.96 -34.86 -11.72
N PRO E 53 -30.94 -33.96 -11.48
CA PRO E 53 -32.19 -34.37 -10.81
C PRO E 53 -32.94 -35.56 -11.42
N TYR E 54 -32.88 -35.75 -12.73
CA TYR E 54 -33.54 -36.85 -13.42
C TYR E 54 -33.03 -38.22 -12.95
N HIS E 55 -31.71 -38.33 -12.72
CA HIS E 55 -31.08 -39.57 -12.27
C HIS E 55 -30.79 -39.59 -10.78
N GLY E 56 -30.77 -38.42 -10.15
CA GLY E 56 -30.41 -38.28 -8.74
C GLY E 56 -28.93 -38.44 -8.43
N ILE E 57 -28.07 -38.51 -9.49
CA ILE E 57 -26.62 -38.68 -9.34
C ILE E 57 -25.98 -37.36 -8.94
N THR E 58 -25.15 -37.35 -7.87
CA THR E 58 -24.48 -36.16 -7.36
C THR E 58 -22.99 -36.38 -7.35
N ASP E 59 -22.25 -35.28 -7.35
CA ASP E 59 -20.80 -35.26 -7.24
C ASP E 59 -20.43 -34.00 -6.49
N TYR E 60 -19.44 -34.11 -5.60
CA TYR E 60 -19.01 -32.99 -4.76
C TYR E 60 -17.52 -32.79 -4.85
N ALA E 61 -17.06 -31.56 -4.53
CA ALA E 61 -15.63 -31.27 -4.41
C ALA E 61 -15.23 -31.88 -3.03
N GLN E 62 -14.14 -32.63 -3.00
CA GLN E 62 -13.64 -33.30 -1.80
C GLN E 62 -13.49 -32.37 -0.58
N LYS E 63 -13.07 -31.12 -0.78
CA LYS E 63 -12.93 -30.18 0.35
C LYS E 63 -14.25 -29.88 1.11
N PHE E 64 -15.39 -30.18 0.48
CA PHE E 64 -16.72 -29.96 1.03
C PHE E 64 -17.37 -31.26 1.51
N GLN E 65 -16.58 -32.35 1.57
CA GLN E 65 -17.05 -33.67 1.98
C GLN E 65 -17.47 -33.73 3.46
N GLY E 66 -18.71 -34.12 3.67
CA GLY E 66 -19.32 -34.25 4.98
C GLY E 66 -20.10 -33.02 5.41
N ARG E 67 -19.72 -31.83 4.89
CA ARG E 67 -20.39 -30.56 5.23
C ARG E 67 -21.45 -30.15 4.23
N VAL E 68 -21.30 -30.56 2.95
CA VAL E 68 -22.24 -30.22 1.89
C VAL E 68 -23.18 -31.37 1.50
N THR E 69 -24.46 -31.05 1.34
CA THR E 69 -25.47 -32.00 0.88
C THR E 69 -26.26 -31.36 -0.24
N ILE E 70 -26.20 -31.96 -1.45
CA ILE E 70 -26.93 -31.49 -2.60
C ILE E 70 -28.05 -32.45 -2.93
N THR E 71 -29.26 -31.91 -3.02
CA THR E 71 -30.45 -32.70 -3.32
C THR E 71 -31.26 -31.97 -4.34
N ALA E 72 -32.29 -32.61 -4.85
CA ALA E 72 -33.17 -32.00 -5.84
C ALA E 72 -34.50 -32.64 -5.79
N ASP E 73 -35.51 -31.89 -6.21
CA ASP E 73 -36.86 -32.37 -6.37
C ASP E 73 -37.14 -32.19 -7.84
N GLU E 74 -37.05 -33.31 -8.57
CA GLU E 74 -37.21 -33.34 -10.03
C GLU E 74 -38.52 -32.76 -10.51
N SER E 75 -39.64 -33.04 -9.80
CA SER E 75 -40.98 -32.56 -10.16
C SER E 75 -41.09 -31.05 -10.17
N THR E 76 -40.37 -30.37 -9.25
CA THR E 76 -40.38 -28.90 -9.14
C THR E 76 -39.16 -28.22 -9.83
N SER E 77 -38.22 -29.02 -10.37
CA SER E 77 -36.98 -28.55 -11.01
C SER E 77 -36.19 -27.67 -10.00
N THR E 78 -36.12 -28.13 -8.76
CA THR E 78 -35.50 -27.39 -7.65
C THR E 78 -34.36 -28.19 -7.08
N ALA E 79 -33.21 -27.52 -6.93
CA ALA E 79 -31.98 -28.05 -6.39
C ALA E 79 -31.75 -27.39 -5.04
N TYR E 80 -31.11 -28.11 -4.11
CA TYR E 80 -30.85 -27.59 -2.78
C TYR E 80 -29.42 -27.81 -2.43
N MET E 81 -28.86 -26.90 -1.65
CA MET E 81 -27.51 -27.03 -1.15
C MET E 81 -27.62 -26.80 0.34
N GLU E 82 -27.20 -27.78 1.13
CA GLU E 82 -27.17 -27.65 2.59
C GLU E 82 -25.72 -27.70 3.02
N LEU E 83 -25.31 -26.70 3.80
CA LEU E 83 -23.93 -26.61 4.28
C LEU E 83 -24.01 -26.52 5.79
N SER E 84 -23.34 -27.45 6.47
CA SER E 84 -23.40 -27.55 7.94
C SER E 84 -22.12 -27.09 8.61
N SER E 85 -22.14 -26.97 9.98
CA SER E 85 -21.02 -26.53 10.83
C SER E 85 -20.39 -25.28 10.24
N LEU E 86 -21.24 -24.26 10.02
CA LEU E 86 -20.87 -22.96 9.39
C LEU E 86 -19.82 -22.18 10.14
N ARG E 87 -18.80 -21.71 9.40
CA ARG E 87 -17.68 -20.92 9.93
C ARG E 87 -17.72 -19.53 9.26
N SER E 88 -17.04 -18.53 9.84
CA SER E 88 -17.02 -17.19 9.26
C SER E 88 -16.45 -17.20 7.82
N GLU E 89 -15.52 -18.15 7.52
CA GLU E 89 -14.93 -18.35 6.18
C GLU E 89 -15.93 -18.88 5.15
N ASP E 90 -17.15 -19.29 5.59
CA ASP E 90 -18.19 -19.75 4.67
C ASP E 90 -19.03 -18.57 4.16
N THR E 91 -18.80 -17.34 4.70
CA THR E 91 -19.46 -16.10 4.25
C THR E 91 -19.13 -15.95 2.72
N ALA E 92 -20.17 -15.94 1.90
CA ALA E 92 -19.97 -15.88 0.44
C ALA E 92 -21.32 -15.73 -0.20
N VAL E 93 -21.29 -15.46 -1.51
CA VAL E 93 -22.46 -15.50 -2.37
C VAL E 93 -22.40 -16.92 -2.96
N TYR E 94 -23.49 -17.66 -2.83
CA TYR E 94 -23.66 -19.03 -3.35
C TYR E 94 -24.52 -18.96 -4.59
N TYR E 95 -23.95 -19.38 -5.71
CA TYR E 95 -24.67 -19.38 -6.98
C TYR E 95 -25.10 -20.76 -7.35
N CYS E 96 -26.26 -20.81 -7.93
CA CYS E 96 -26.84 -21.96 -8.56
C CYS E 96 -26.50 -21.76 -10.05
N ALA E 97 -26.02 -22.80 -10.74
CA ALA E 97 -25.71 -22.75 -12.17
C ALA E 97 -26.27 -24.03 -12.84
N ARG E 98 -26.72 -23.92 -14.10
CA ARG E 98 -27.31 -25.02 -14.83
C ARG E 98 -26.66 -25.12 -16.20
N ASP E 99 -26.45 -26.33 -16.69
CA ASP E 99 -25.94 -26.51 -18.05
C ASP E 99 -27.14 -26.44 -19.04
N ASP E 100 -26.99 -27.01 -20.23
CA ASP E 100 -28.08 -27.13 -21.20
C ASP E 100 -27.83 -28.31 -22.13
N TYR E 101 -28.73 -28.52 -23.12
CA TYR E 101 -28.67 -29.64 -24.06
C TYR E 101 -27.37 -29.71 -24.87
N SER E 102 -26.67 -28.55 -25.06
CA SER E 102 -25.45 -28.44 -25.90
C SER E 102 -24.10 -28.52 -25.20
N THR E 103 -24.02 -28.26 -23.89
CA THR E 103 -22.77 -28.30 -23.14
C THR E 103 -22.97 -28.74 -21.73
N TYR E 104 -21.84 -29.12 -21.06
CA TYR E 104 -21.75 -29.34 -19.61
C TYR E 104 -21.32 -28.03 -18.87
N ALA E 105 -20.86 -26.99 -19.62
CA ALA E 105 -20.49 -25.66 -19.06
C ALA E 105 -21.71 -25.00 -18.42
N PHE E 106 -21.48 -23.95 -17.61
CA PHE E 106 -22.55 -23.29 -16.89
C PHE E 106 -23.23 -22.19 -17.71
N ALA E 107 -24.20 -22.62 -18.54
CA ALA E 107 -24.99 -21.79 -19.44
C ALA E 107 -25.91 -20.80 -18.73
N TYR E 108 -26.47 -21.19 -17.58
CA TYR E 108 -27.42 -20.35 -16.85
C TYR E 108 -26.96 -20.23 -15.41
N TRP E 109 -27.14 -19.04 -14.85
CA TRP E 109 -26.79 -18.75 -13.46
C TRP E 109 -27.94 -18.09 -12.72
N GLY E 110 -28.09 -18.45 -11.45
CA GLY E 110 -29.03 -17.80 -10.56
C GLY E 110 -28.50 -16.43 -10.16
N GLN E 111 -29.30 -15.64 -9.43
CA GLN E 111 -28.90 -14.30 -9.02
C GLN E 111 -27.93 -14.32 -7.82
N GLY E 112 -27.79 -15.48 -7.19
CA GLY E 112 -26.91 -15.63 -6.04
C GLY E 112 -27.65 -15.43 -4.73
N THR E 113 -27.15 -16.06 -3.68
CA THR E 113 -27.69 -15.99 -2.34
C THR E 113 -26.54 -15.69 -1.46
N LEU E 114 -26.57 -14.53 -0.82
CA LEU E 114 -25.52 -14.16 0.12
C LEU E 114 -25.80 -14.92 1.42
N VAL E 115 -24.77 -15.59 1.93
CA VAL E 115 -24.84 -16.26 3.23
C VAL E 115 -23.80 -15.60 4.11
N THR E 116 -24.24 -14.87 5.16
CA THR E 116 -23.30 -14.25 6.07
C THR E 116 -23.20 -15.11 7.34
N VAL E 117 -21.96 -15.54 7.68
CA VAL E 117 -21.72 -16.31 8.91
C VAL E 117 -20.89 -15.43 9.86
N SER E 118 -21.49 -15.13 11.02
CA SER E 118 -20.89 -14.24 12.01
C SER E 118 -21.56 -14.39 13.37
N SER E 119 -20.84 -13.98 14.42
CA SER E 119 -21.32 -13.97 15.80
C SER E 119 -22.22 -12.73 16.01
N ALA E 120 -22.17 -11.76 15.08
CA ALA E 120 -22.98 -10.53 15.15
C ALA E 120 -24.44 -10.82 14.88
N SER E 121 -25.32 -9.92 15.33
CA SER E 121 -26.75 -10.07 15.13
C SER E 121 -27.25 -8.85 14.32
N THR E 122 -28.36 -9.05 13.60
CA THR E 122 -28.99 -8.04 12.75
C THR E 122 -29.19 -6.70 13.51
N LYS E 123 -28.67 -5.60 12.91
CA LYS E 123 -28.72 -4.27 13.50
C LYS E 123 -28.74 -3.24 12.37
N GLY E 124 -29.61 -2.25 12.50
CA GLY E 124 -29.76 -1.14 11.57
C GLY E 124 -28.68 -0.11 11.79
N PRO E 125 -28.32 0.68 10.76
CA PRO E 125 -27.23 1.65 10.94
C PRO E 125 -27.65 2.95 11.62
N SER E 126 -26.63 3.68 12.09
CA SER E 126 -26.73 5.05 12.57
C SER E 126 -26.24 5.87 11.35
N VAL E 127 -26.96 6.92 10.99
CA VAL E 127 -26.62 7.74 9.82
C VAL E 127 -26.24 9.14 10.32
N PHE E 128 -25.03 9.60 9.99
CA PHE E 128 -24.51 10.91 10.39
C PHE E 128 -24.21 11.76 9.15
N PRO E 129 -24.51 13.08 9.17
CA PRO E 129 -24.20 13.91 7.98
C PRO E 129 -22.71 14.24 7.88
N LEU E 130 -22.18 14.34 6.67
CA LEU E 130 -20.81 14.76 6.41
C LEU E 130 -21.05 16.11 5.75
N ALA E 131 -21.06 17.15 6.57
CA ALA E 131 -21.40 18.52 6.18
C ALA E 131 -20.42 19.19 5.23
N PRO E 132 -20.94 19.87 4.18
CA PRO E 132 -20.04 20.64 3.30
C PRO E 132 -19.66 21.97 3.96
N SER E 133 -18.51 22.53 3.52
CA SER E 133 -18.02 23.83 4.00
C SER E 133 -18.05 24.87 2.88
N GLY E 139 -12.05 25.55 -6.73
CA GLY E 139 -12.72 25.64 -8.03
C GLY E 139 -14.25 25.62 -7.99
N GLY E 140 -14.84 25.98 -6.84
CA GLY E 140 -16.29 26.05 -6.64
C GLY E 140 -17.03 24.73 -6.57
N THR E 141 -16.36 23.67 -6.16
CA THR E 141 -17.04 22.36 -5.98
C THR E 141 -17.04 22.05 -4.50
N ALA E 142 -18.19 21.62 -4.02
CA ALA E 142 -18.32 21.23 -2.62
C ALA E 142 -18.61 19.75 -2.55
N ALA E 143 -18.26 19.11 -1.43
CA ALA E 143 -18.58 17.69 -1.21
C ALA E 143 -19.38 17.57 0.06
N LEU E 144 -20.37 16.69 0.04
CA LEU E 144 -21.19 16.38 1.18
C LEU E 144 -21.45 14.90 1.20
N GLY E 145 -21.90 14.38 2.32
CA GLY E 145 -22.17 12.96 2.40
C GLY E 145 -22.90 12.53 3.63
N CYS E 146 -23.04 11.22 3.76
CA CYS E 146 -23.64 10.52 4.89
C CYS E 146 -22.74 9.36 5.31
N LEU E 147 -22.43 9.27 6.61
CA LEU E 147 -21.69 8.18 7.22
C LEU E 147 -22.74 7.19 7.75
N VAL E 148 -22.74 5.99 7.20
CA VAL E 148 -23.69 4.91 7.49
C VAL E 148 -22.92 3.88 8.30
N LYS E 149 -23.03 4.02 9.60
CA LYS E 149 -22.24 3.30 10.58
C LYS E 149 -22.96 2.21 11.40
N ASP E 150 -22.22 1.13 11.69
CA ASP E 150 -22.55 0.04 12.60
C ASP E 150 -23.79 -0.77 12.26
N TYR E 151 -23.87 -1.30 11.05
CA TYR E 151 -25.01 -2.13 10.69
C TYR E 151 -24.56 -3.56 10.44
N PHE E 152 -25.49 -4.49 10.45
CA PHE E 152 -25.23 -5.91 10.16
C PHE E 152 -26.54 -6.59 9.75
N PRO E 153 -26.53 -7.47 8.73
CA PRO E 153 -25.43 -7.80 7.81
C PRO E 153 -25.44 -6.81 6.65
N GLU E 154 -24.67 -7.11 5.61
CA GLU E 154 -24.76 -6.39 4.35
C GLU E 154 -26.07 -6.90 3.71
N PRO E 155 -26.68 -6.17 2.76
CA PRO E 155 -26.27 -4.88 2.19
C PRO E 155 -27.10 -3.72 2.72
N VAL E 156 -26.63 -2.53 2.43
CA VAL E 156 -27.33 -1.29 2.71
C VAL E 156 -27.40 -0.56 1.33
N THR E 157 -28.53 0.05 1.00
CA THR E 157 -28.59 0.86 -0.22
C THR E 157 -28.64 2.34 0.18
N VAL E 158 -28.00 3.19 -0.63
CA VAL E 158 -27.99 4.62 -0.36
C VAL E 158 -28.36 5.34 -1.65
N SER E 159 -29.33 6.27 -1.56
CA SER E 159 -29.68 7.13 -2.68
C SER E 159 -29.61 8.58 -2.19
N TRP E 160 -29.63 9.54 -3.10
CA TRP E 160 -29.61 10.98 -2.77
C TRP E 160 -30.83 11.57 -3.44
N ASN E 161 -31.61 12.38 -2.72
CA ASN E 161 -32.83 13.01 -3.24
C ASN E 161 -33.75 12.03 -3.95
N SER E 162 -34.00 10.89 -3.31
CA SER E 162 -34.88 9.79 -3.74
C SER E 162 -34.47 9.21 -5.11
N GLY E 163 -33.18 9.23 -5.39
CA GLY E 163 -32.65 8.72 -6.66
C GLY E 163 -32.58 9.75 -7.78
N ALA E 164 -33.06 11.01 -7.53
CA ALA E 164 -32.96 12.05 -8.56
C ALA E 164 -31.55 12.58 -8.68
N LEU E 165 -30.72 12.45 -7.62
CA LEU E 165 -29.33 12.91 -7.66
C LEU E 165 -28.44 11.66 -7.83
N THR E 166 -27.83 11.50 -9.01
CA THR E 166 -26.98 10.33 -9.32
C THR E 166 -25.59 10.76 -9.76
N SER E 167 -25.53 11.88 -10.47
CA SER E 167 -24.28 12.42 -10.96
C SER E 167 -23.38 12.88 -9.83
N GLY E 168 -22.15 12.36 -9.81
CA GLY E 168 -21.16 12.69 -8.82
C GLY E 168 -21.28 11.93 -7.50
N VAL E 169 -22.24 10.97 -7.43
CA VAL E 169 -22.49 10.17 -6.23
C VAL E 169 -21.48 9.01 -6.16
N HIS E 170 -20.89 8.79 -4.97
CA HIS E 170 -20.00 7.67 -4.73
C HIS E 170 -20.36 7.04 -3.39
N THR E 171 -20.97 5.85 -3.42
CA THR E 171 -21.30 5.08 -2.21
C THR E 171 -20.19 4.04 -2.13
N PHE E 172 -19.34 4.19 -1.14
CA PHE E 172 -18.19 3.32 -0.93
C PHE E 172 -18.53 1.93 -0.48
N PRO E 173 -17.76 0.90 -0.92
CA PRO E 173 -17.99 -0.45 -0.39
C PRO E 173 -17.77 -0.42 1.13
N ALA E 174 -18.60 -1.15 1.87
CA ALA E 174 -18.53 -1.24 3.32
C ALA E 174 -17.24 -1.88 3.79
N VAL E 175 -16.76 -1.48 4.95
CA VAL E 175 -15.61 -2.10 5.63
C VAL E 175 -16.19 -2.83 6.86
N LEU E 176 -15.71 -4.05 7.10
CA LEU E 176 -16.10 -4.84 8.26
C LEU E 176 -15.23 -4.41 9.45
N GLN E 177 -15.85 -3.85 10.49
CA GLN E 177 -15.12 -3.39 11.69
C GLN E 177 -14.80 -4.59 12.62
N SER E 178 -13.82 -4.42 13.53
CA SER E 178 -13.41 -5.46 14.51
C SER E 178 -14.56 -5.88 15.44
N SER E 179 -15.61 -5.03 15.55
CA SER E 179 -16.83 -5.29 16.30
C SER E 179 -17.75 -6.29 15.57
N GLY E 180 -17.46 -6.56 14.30
CA GLY E 180 -18.29 -7.44 13.48
C GLY E 180 -19.40 -6.69 12.77
N LEU E 181 -19.48 -5.36 12.94
CA LEU E 181 -20.48 -4.54 12.28
C LEU E 181 -19.84 -3.83 11.06
N TYR E 182 -20.65 -3.52 10.06
CA TYR E 182 -20.17 -2.85 8.84
C TYR E 182 -20.31 -1.33 8.95
N SER E 183 -19.60 -0.62 8.07
CA SER E 183 -19.65 0.84 8.04
C SER E 183 -19.26 1.32 6.65
N LEU E 184 -19.91 2.38 6.15
CA LEU E 184 -19.57 3.00 4.87
C LEU E 184 -19.94 4.48 4.86
N SER E 185 -19.46 5.20 3.84
CA SER E 185 -19.84 6.59 3.56
C SER E 185 -20.36 6.63 2.13
N SER E 186 -21.30 7.57 1.90
CA SER E 186 -21.82 7.88 0.57
C SER E 186 -21.62 9.37 0.46
N VAL E 187 -20.97 9.81 -0.63
CA VAL E 187 -20.67 11.22 -0.85
C VAL E 187 -21.23 11.67 -2.19
N VAL E 188 -21.31 12.99 -2.37
CA VAL E 188 -21.70 13.60 -3.63
C VAL E 188 -20.97 14.93 -3.72
N THR E 189 -20.45 15.25 -4.93
CA THR E 189 -19.84 16.57 -5.17
C THR E 189 -20.86 17.36 -5.95
N VAL E 190 -21.04 18.62 -5.58
CA VAL E 190 -22.04 19.53 -6.16
C VAL E 190 -21.45 20.92 -6.32
N PRO E 191 -22.04 21.81 -7.15
CA PRO E 191 -21.48 23.19 -7.22
C PRO E 191 -21.58 23.89 -5.86
N SER E 192 -20.54 24.65 -5.46
CA SER E 192 -20.57 25.40 -4.19
C SER E 192 -21.80 26.30 -4.04
N SER E 193 -22.24 26.92 -5.15
CA SER E 193 -23.39 27.84 -5.18
C SER E 193 -24.71 27.15 -4.95
N SER E 194 -24.79 25.82 -5.21
CA SER E 194 -26.04 25.11 -4.98
C SER E 194 -26.29 24.87 -3.47
N LEU E 195 -25.26 25.04 -2.61
CA LEU E 195 -25.40 24.85 -1.17
C LEU E 195 -26.44 25.77 -0.53
N GLY E 196 -26.55 27.01 -1.01
CA GLY E 196 -27.53 27.95 -0.48
C GLY E 196 -28.82 28.02 -1.27
N THR E 197 -28.99 27.19 -2.32
CA THR E 197 -30.19 27.21 -3.18
C THR E 197 -30.86 25.86 -3.37
N GLN E 198 -30.19 24.76 -2.96
CA GLN E 198 -30.71 23.40 -3.13
C GLN E 198 -30.69 22.62 -1.83
N THR E 199 -31.47 21.54 -1.77
CA THR E 199 -31.57 20.66 -0.60
C THR E 199 -30.97 19.30 -0.96
N TYR E 200 -30.20 18.71 -0.03
CA TYR E 200 -29.57 17.39 -0.22
C TYR E 200 -29.94 16.46 0.89
N ILE E 201 -30.56 15.33 0.53
CA ILE E 201 -31.03 14.30 1.48
C ILE E 201 -30.47 12.92 1.10
N CYS E 202 -29.82 12.24 2.03
CA CYS E 202 -29.41 10.87 1.71
C CYS E 202 -30.49 9.90 2.23
N ASN E 203 -30.84 8.91 1.42
CA ASN E 203 -31.87 7.95 1.82
C ASN E 203 -31.16 6.62 2.02
N VAL E 204 -31.18 6.13 3.24
CA VAL E 204 -30.48 4.91 3.60
C VAL E 204 -31.53 3.80 3.85
N ASN E 205 -31.32 2.63 3.23
CA ASN E 205 -32.22 1.50 3.41
C ASN E 205 -31.41 0.27 3.79
N HIS E 206 -31.71 -0.29 4.95
CA HIS E 206 -31.13 -1.54 5.43
C HIS E 206 -32.29 -2.53 5.54
N LYS E 207 -32.59 -3.24 4.44
CA LYS E 207 -33.69 -4.23 4.38
C LYS E 207 -33.57 -5.33 5.44
N PRO E 208 -32.37 -5.91 5.76
CA PRO E 208 -32.32 -6.93 6.83
C PRO E 208 -32.90 -6.51 8.20
N SER E 209 -32.82 -5.24 8.58
CA SER E 209 -33.36 -4.78 9.86
C SER E 209 -34.63 -3.95 9.67
N ASN E 210 -35.14 -3.87 8.41
CA ASN E 210 -36.31 -3.06 8.05
C ASN E 210 -36.12 -1.61 8.52
N THR E 211 -34.89 -1.06 8.33
CA THR E 211 -34.54 0.31 8.70
C THR E 211 -34.48 1.16 7.43
N LYS E 212 -35.17 2.31 7.47
CA LYS E 212 -35.18 3.31 6.41
C LYS E 212 -34.87 4.65 7.08
N VAL E 213 -33.78 5.34 6.66
CA VAL E 213 -33.41 6.62 7.29
C VAL E 213 -33.21 7.70 6.21
N ASP E 214 -33.84 8.88 6.37
CA ASP E 214 -33.65 10.06 5.49
C ASP E 214 -32.96 11.12 6.31
N LYS E 215 -31.80 11.59 5.84
CA LYS E 215 -31.01 12.58 6.55
C LYS E 215 -30.72 13.76 5.64
N ARG E 216 -31.15 14.97 6.08
CA ARG E 216 -30.93 16.21 5.36
C ARG E 216 -29.50 16.63 5.67
N VAL E 217 -28.71 16.92 4.64
CA VAL E 217 -27.32 17.31 4.85
C VAL E 217 -27.20 18.81 4.59
N GLU E 218 -27.02 19.60 5.65
CA GLU E 218 -26.94 21.06 5.55
C GLU E 218 -25.49 21.52 5.65
N PRO E 219 -25.11 22.62 4.96
CA PRO E 219 -23.75 23.18 5.14
C PRO E 219 -23.53 23.61 6.59
N LYS E 220 -22.30 23.41 7.10
CA LYS E 220 -21.95 23.73 8.49
C LYS E 220 -21.75 25.23 8.71
N ASP F 1 -6.61 -32.21 -8.37
CA ASP F 1 -7.46 -31.36 -9.18
C ASP F 1 -6.70 -30.82 -10.38
N ILE F 2 -7.43 -30.32 -11.38
CA ILE F 2 -6.79 -29.69 -12.52
C ILE F 2 -6.63 -28.19 -12.15
N GLN F 3 -5.39 -27.67 -12.16
CA GLN F 3 -5.13 -26.25 -11.83
C GLN F 3 -5.21 -25.41 -13.10
N MET F 4 -5.99 -24.34 -13.06
CA MET F 4 -6.17 -23.45 -14.21
C MET F 4 -5.39 -22.17 -13.93
N THR F 5 -4.47 -21.79 -14.83
CA THR F 5 -3.70 -20.56 -14.62
C THR F 5 -4.03 -19.55 -15.69
N GLN F 6 -4.58 -18.38 -15.30
CA GLN F 6 -4.88 -17.29 -16.24
C GLN F 6 -3.78 -16.25 -16.29
N SER F 7 -3.62 -15.63 -17.43
CA SER F 7 -2.64 -14.56 -17.62
C SER F 7 -3.21 -13.50 -18.59
N PRO F 8 -3.10 -12.18 -18.29
CA PRO F 8 -2.58 -11.59 -17.05
C PRO F 8 -3.66 -11.68 -15.97
N SER F 9 -3.35 -11.35 -14.73
CA SER F 9 -4.34 -11.27 -13.66
C SER F 9 -5.10 -9.92 -13.73
N SER F 10 -4.42 -8.89 -14.23
CA SER F 10 -4.91 -7.52 -14.40
C SER F 10 -4.45 -7.00 -15.74
N LEU F 11 -5.33 -6.29 -16.42
CA LEU F 11 -5.06 -5.75 -17.72
C LEU F 11 -5.75 -4.38 -17.82
N SER F 12 -5.04 -3.36 -18.32
CA SER F 12 -5.53 -2.02 -18.59
C SER F 12 -5.50 -1.90 -20.10
N ALA F 13 -6.62 -1.58 -20.71
CA ALA F 13 -6.75 -1.49 -22.16
C ALA F 13 -7.67 -0.36 -22.55
N SER F 14 -7.65 0.03 -23.82
CA SER F 14 -8.49 1.13 -24.28
C SER F 14 -9.56 0.56 -25.19
N VAL F 15 -10.71 1.25 -25.29
CA VAL F 15 -11.78 0.88 -26.21
C VAL F 15 -11.12 0.76 -27.62
N GLY F 16 -11.43 -0.31 -28.34
CA GLY F 16 -10.90 -0.53 -29.68
C GLY F 16 -9.67 -1.43 -29.74
N ASP F 17 -9.05 -1.71 -28.57
CA ASP F 17 -7.87 -2.58 -28.48
C ASP F 17 -8.26 -4.03 -28.71
N ARG F 18 -7.33 -4.81 -29.28
CA ARG F 18 -7.50 -6.26 -29.42
C ARG F 18 -6.82 -6.83 -28.17
N VAL F 19 -7.60 -7.56 -27.36
CA VAL F 19 -7.19 -8.08 -26.06
C VAL F 19 -7.16 -9.59 -26.12
N THR F 20 -6.09 -10.20 -25.56
CA THR F 20 -5.92 -11.64 -25.44
C THR F 20 -5.72 -12.03 -23.96
N ILE F 21 -6.53 -13.00 -23.49
CA ILE F 21 -6.43 -13.57 -22.13
C ILE F 21 -6.12 -15.05 -22.32
N THR F 22 -5.08 -15.53 -21.66
CA THR F 22 -4.67 -16.93 -21.81
C THR F 22 -4.98 -17.71 -20.55
N CYS F 23 -5.25 -19.00 -20.75
CA CYS F 23 -5.59 -19.95 -19.74
C CYS F 23 -4.74 -21.20 -19.97
N ARG F 24 -4.03 -21.62 -18.92
CA ARG F 24 -3.19 -22.82 -18.97
C ARG F 24 -3.75 -23.85 -17.98
N ALA F 25 -3.98 -25.10 -18.46
CA ALA F 25 -4.43 -26.21 -17.61
C ALA F 25 -3.21 -27.06 -17.22
N SER F 26 -3.20 -27.56 -15.98
CA SER F 26 -2.10 -28.37 -15.43
C SER F 26 -1.91 -29.73 -16.18
N GLN F 27 -2.95 -30.17 -16.90
CA GLN F 27 -2.93 -31.36 -17.74
C GLN F 27 -3.89 -31.10 -18.90
N SER F 28 -3.81 -31.94 -19.96
CA SER F 28 -4.67 -31.78 -21.13
C SER F 28 -6.16 -31.94 -20.80
N ILE F 29 -6.99 -31.03 -21.36
CA ILE F 29 -8.43 -31.02 -21.17
C ILE F 29 -9.14 -31.05 -22.51
N ALA F 30 -8.39 -31.45 -23.56
CA ALA F 30 -8.87 -31.53 -24.94
C ALA F 30 -9.48 -30.14 -25.30
N SER F 31 -10.78 -30.05 -25.63
CA SER F 31 -11.40 -28.77 -25.95
C SER F 31 -12.45 -28.36 -24.89
N TYR F 32 -12.48 -29.01 -23.72
CA TYR F 32 -13.49 -28.79 -22.70
C TYR F 32 -13.23 -27.60 -21.76
N LEU F 33 -13.19 -26.41 -22.34
CA LEU F 33 -12.91 -25.17 -21.60
C LEU F 33 -13.93 -24.08 -21.89
N ALA F 34 -14.47 -23.47 -20.84
CA ALA F 34 -15.45 -22.39 -20.95
C ALA F 34 -14.84 -21.07 -20.46
N TRP F 35 -15.35 -19.95 -20.99
CA TRP F 35 -14.98 -18.60 -20.59
C TRP F 35 -16.22 -17.87 -20.08
N TYR F 36 -16.10 -17.20 -18.94
CA TYR F 36 -17.18 -16.45 -18.29
C TYR F 36 -16.75 -15.02 -18.12
N GLN F 37 -17.74 -14.12 -18.14
CA GLN F 37 -17.56 -12.71 -17.84
C GLN F 37 -18.34 -12.44 -16.56
N GLN F 38 -17.77 -11.63 -15.66
CA GLN F 38 -18.46 -11.22 -14.46
C GLN F 38 -18.22 -9.76 -14.16
N LYS F 39 -19.33 -9.03 -13.95
CA LYS F 39 -19.33 -7.63 -13.58
C LYS F 39 -19.64 -7.48 -12.09
N PRO F 40 -19.12 -6.40 -11.43
CA PRO F 40 -19.39 -6.21 -9.98
C PRO F 40 -20.89 -6.25 -9.63
N GLY F 41 -21.20 -7.00 -8.58
CA GLY F 41 -22.57 -7.16 -8.11
C GLY F 41 -23.44 -8.03 -8.98
N LYS F 42 -22.84 -8.73 -9.98
CA LYS F 42 -23.60 -9.59 -10.88
C LYS F 42 -23.05 -11.00 -10.95
N ALA F 43 -23.90 -11.92 -11.42
CA ALA F 43 -23.54 -13.32 -11.58
C ALA F 43 -22.65 -13.48 -12.81
N PRO F 44 -21.78 -14.53 -12.88
CA PRO F 44 -21.03 -14.76 -14.13
C PRO F 44 -21.98 -15.02 -15.30
N LYS F 45 -21.45 -14.84 -16.50
CA LYS F 45 -22.18 -15.02 -17.72
C LYS F 45 -21.31 -15.84 -18.67
N LEU F 46 -21.88 -16.87 -19.27
CA LEU F 46 -21.14 -17.72 -20.20
C LEU F 46 -20.92 -16.98 -21.52
N LEU F 47 -19.67 -16.94 -22.01
CA LEU F 47 -19.34 -16.29 -23.26
C LEU F 47 -19.01 -17.34 -24.29
N ILE F 48 -18.14 -18.27 -23.92
CA ILE F 48 -17.60 -19.30 -24.82
C ILE F 48 -17.69 -20.64 -24.12
N TYR F 49 -18.17 -21.68 -24.83
CA TYR F 49 -18.19 -23.05 -24.28
C TYR F 49 -17.40 -23.99 -25.18
N ASP F 50 -16.72 -24.94 -24.56
CA ASP F 50 -15.93 -25.96 -25.26
C ASP F 50 -14.90 -25.36 -26.23
N ALA F 51 -14.07 -24.47 -25.66
CA ALA F 51 -12.92 -23.75 -26.25
C ALA F 51 -13.22 -22.66 -27.23
N SER F 52 -14.12 -22.92 -28.21
CA SER F 52 -14.36 -22.02 -29.33
C SER F 52 -15.80 -21.74 -29.72
N ASN F 53 -16.79 -22.27 -29.00
CA ASN F 53 -18.17 -21.99 -29.37
C ASN F 53 -18.67 -20.75 -28.69
N LEU F 54 -19.09 -19.78 -29.50
CA LEU F 54 -19.59 -18.51 -29.03
C LEU F 54 -21.03 -18.73 -28.56
N GLN F 55 -21.33 -18.31 -27.32
CA GLN F 55 -22.70 -18.48 -26.81
C GLN F 55 -23.64 -17.50 -27.52
N SER F 56 -24.88 -17.93 -27.82
CA SER F 56 -25.80 -17.04 -28.53
C SER F 56 -26.11 -15.83 -27.67
N GLY F 57 -26.21 -14.68 -28.33
CA GLY F 57 -26.44 -13.40 -27.68
C GLY F 57 -25.15 -12.71 -27.28
N VAL F 58 -24.00 -13.40 -27.42
CA VAL F 58 -22.67 -12.83 -27.11
C VAL F 58 -22.12 -12.22 -28.43
N PRO F 59 -21.64 -10.94 -28.40
CA PRO F 59 -21.11 -10.34 -29.65
C PRO F 59 -19.93 -11.10 -30.27
N SER F 60 -19.89 -11.13 -31.60
CA SER F 60 -18.88 -11.85 -32.40
C SER F 60 -17.43 -11.38 -32.24
N ARG F 61 -17.22 -10.25 -31.58
CA ARG F 61 -15.88 -9.73 -31.30
C ARG F 61 -15.16 -10.62 -30.25
N PHE F 62 -15.93 -11.49 -29.55
CA PHE F 62 -15.41 -12.47 -28.61
C PHE F 62 -15.16 -13.73 -29.37
N SER F 63 -13.96 -14.30 -29.21
CA SER F 63 -13.65 -15.58 -29.82
C SER F 63 -12.70 -16.36 -28.92
N GLY F 64 -12.87 -17.68 -28.89
CA GLY F 64 -12.05 -18.57 -28.09
C GLY F 64 -11.28 -19.54 -28.94
N SER F 65 -10.05 -19.91 -28.54
CA SER F 65 -9.25 -20.86 -29.29
C SER F 65 -8.34 -21.62 -28.35
N GLY F 66 -7.74 -22.67 -28.87
CA GLY F 66 -6.88 -23.53 -28.10
C GLY F 66 -7.42 -24.92 -27.90
N SER F 67 -6.53 -25.80 -27.44
CA SER F 67 -6.80 -27.22 -27.22
C SER F 67 -5.68 -27.77 -26.39
N GLY F 68 -5.96 -28.85 -25.66
CA GLY F 68 -4.97 -29.48 -24.83
C GLY F 68 -4.82 -28.76 -23.50
N THR F 69 -3.70 -28.04 -23.34
CA THR F 69 -3.40 -27.28 -22.11
C THR F 69 -3.44 -25.75 -22.26
N ASP F 70 -3.41 -25.21 -23.49
CA ASP F 70 -3.34 -23.75 -23.71
C ASP F 70 -4.53 -23.20 -24.45
N PHE F 71 -5.16 -22.20 -23.86
CA PHE F 71 -6.39 -21.61 -24.38
C PHE F 71 -6.30 -20.13 -24.41
N THR F 72 -7.02 -19.51 -25.36
CA THR F 72 -7.02 -18.07 -25.53
C THR F 72 -8.42 -17.50 -25.71
N LEU F 73 -8.72 -16.45 -24.94
CA LEU F 73 -9.91 -15.64 -25.14
C LEU F 73 -9.42 -14.35 -25.82
N THR F 74 -9.95 -14.07 -27.03
CA THR F 74 -9.59 -12.84 -27.75
C THR F 74 -10.79 -11.94 -27.81
N ILE F 75 -10.58 -10.66 -27.46
CA ILE F 75 -11.65 -9.67 -27.62
C ILE F 75 -11.14 -8.72 -28.68
N SER F 76 -11.75 -8.73 -29.85
CA SER F 76 -11.36 -7.79 -30.89
C SER F 76 -12.17 -6.52 -30.56
N SER F 77 -11.64 -5.35 -30.86
CA SER F 77 -12.30 -4.03 -30.61
C SER F 77 -13.04 -4.01 -29.28
N LEU F 78 -12.27 -3.99 -28.18
CA LEU F 78 -12.77 -3.96 -26.83
C LEU F 78 -13.74 -2.80 -26.66
N GLN F 79 -14.97 -3.10 -26.24
CA GLN F 79 -16.06 -2.13 -26.08
C GLN F 79 -16.23 -1.70 -24.64
N PRO F 80 -16.88 -0.54 -24.35
CA PRO F 80 -17.02 -0.13 -22.94
C PRO F 80 -17.71 -1.17 -22.05
N GLU F 81 -18.70 -1.92 -22.58
CA GLU F 81 -19.39 -2.92 -21.79
C GLU F 81 -18.57 -4.22 -21.52
N ASP F 82 -17.31 -4.30 -22.02
CA ASP F 82 -16.42 -5.46 -21.87
C ASP F 82 -15.51 -5.34 -20.65
N PHE F 83 -15.52 -4.15 -20.01
CA PHE F 83 -14.69 -3.95 -18.82
C PHE F 83 -15.38 -4.72 -17.67
N ALA F 84 -14.67 -5.75 -17.15
CA ALA F 84 -15.18 -6.74 -16.22
C ALA F 84 -14.05 -7.70 -15.86
N THR F 85 -14.39 -8.74 -15.08
CA THR F 85 -13.50 -9.86 -14.73
C THR F 85 -13.89 -11.04 -15.61
N TYR F 86 -12.88 -11.74 -16.14
CA TYR F 86 -13.07 -12.89 -17.01
C TYR F 86 -12.48 -14.10 -16.33
N TYR F 87 -13.16 -15.26 -16.41
CA TYR F 87 -12.67 -16.52 -15.83
C TYR F 87 -12.70 -17.62 -16.86
N CYS F 88 -11.67 -18.48 -16.86
CA CYS F 88 -11.71 -19.68 -17.66
C CYS F 88 -12.14 -20.78 -16.69
N GLN F 89 -12.70 -21.88 -17.20
CA GLN F 89 -13.13 -23.01 -16.38
C GLN F 89 -12.94 -24.29 -17.15
N GLN F 90 -12.26 -25.29 -16.57
CA GLN F 90 -12.23 -26.57 -17.25
C GLN F 90 -13.52 -27.33 -16.92
N ALA F 91 -14.16 -27.90 -17.96
CA ALA F 91 -15.41 -28.69 -17.85
C ALA F 91 -15.09 -30.14 -18.22
N TYR F 92 -13.85 -30.53 -18.00
CA TYR F 92 -13.34 -31.82 -18.40
C TYR F 92 -13.50 -32.89 -17.34
N LYS F 93 -13.20 -32.58 -16.09
CA LYS F 93 -13.22 -33.58 -15.03
C LYS F 93 -13.55 -32.91 -13.72
N THR F 94 -14.36 -33.57 -12.88
CA THR F 94 -14.67 -32.98 -11.58
C THR F 94 -13.51 -33.22 -10.59
N PRO F 95 -13.27 -32.32 -9.62
CA PRO F 95 -13.99 -31.08 -9.36
C PRO F 95 -13.76 -30.05 -10.47
N TYR F 96 -14.86 -29.42 -10.97
CA TYR F 96 -14.73 -28.37 -12.00
C TYR F 96 -13.93 -27.24 -11.39
N THR F 97 -12.92 -26.75 -12.10
CA THR F 97 -12.03 -25.72 -11.57
C THR F 97 -11.97 -24.48 -12.50
N PHE F 98 -11.82 -23.32 -11.90
CA PHE F 98 -11.76 -22.03 -12.58
C PHE F 98 -10.35 -21.43 -12.48
N GLY F 99 -10.00 -20.57 -13.44
CA GLY F 99 -8.78 -19.77 -13.37
C GLY F 99 -8.99 -18.71 -12.30
N GLN F 100 -7.92 -18.01 -11.90
CA GLN F 100 -8.04 -17.01 -10.82
C GLN F 100 -8.77 -15.72 -11.23
N GLY F 101 -9.01 -15.54 -12.52
CA GLY F 101 -9.68 -14.35 -13.01
C GLY F 101 -8.72 -13.29 -13.55
N THR F 102 -9.18 -12.55 -14.57
CA THR F 102 -8.46 -11.46 -15.21
C THR F 102 -9.36 -10.25 -15.09
N LYS F 103 -8.90 -9.21 -14.36
CA LYS F 103 -9.68 -7.99 -14.25
C LYS F 103 -9.26 -7.03 -15.38
N VAL F 104 -10.24 -6.65 -16.23
CA VAL F 104 -9.97 -5.77 -17.35
C VAL F 104 -10.50 -4.39 -16.99
N GLU F 105 -9.60 -3.37 -16.84
CA GLU F 105 -9.98 -1.98 -16.57
C GLU F 105 -9.71 -1.12 -17.82
N ILE F 106 -10.39 0.04 -17.91
CA ILE F 106 -10.25 0.99 -19.02
C ILE F 106 -9.10 1.93 -18.76
N LYS F 107 -8.20 2.12 -19.75
CA LYS F 107 -7.12 3.10 -19.65
C LYS F 107 -7.79 4.46 -19.90
N ARG F 108 -7.21 5.49 -19.32
CA ARG F 108 -7.71 6.86 -19.39
C ARG F 108 -6.46 7.72 -19.19
N THR F 109 -6.55 9.04 -19.46
CA THR F 109 -5.43 9.94 -19.15
C THR F 109 -5.37 10.09 -17.60
N VAL F 110 -4.20 10.45 -17.07
CA VAL F 110 -4.02 10.74 -15.64
C VAL F 110 -4.96 11.86 -15.19
N ALA F 111 -5.66 11.66 -14.06
CA ALA F 111 -6.55 12.68 -13.47
C ALA F 111 -6.25 12.74 -11.99
N ALA F 112 -5.84 13.91 -11.52
CA ALA F 112 -5.56 14.18 -10.14
C ALA F 112 -6.88 14.13 -9.33
N PRO F 113 -6.85 13.66 -8.08
CA PRO F 113 -8.10 13.71 -7.29
C PRO F 113 -8.41 15.14 -6.80
N SER F 114 -9.68 15.45 -6.59
CA SER F 114 -10.04 16.67 -5.85
C SER F 114 -10.21 16.10 -4.39
N VAL F 115 -9.60 16.75 -3.40
CA VAL F 115 -9.56 16.21 -2.05
C VAL F 115 -10.46 17.03 -1.10
N PHE F 116 -11.22 16.32 -0.21
CA PHE F 116 -12.13 16.93 0.76
C PHE F 116 -11.93 16.25 2.12
N ILE F 117 -12.01 17.04 3.19
CA ILE F 117 -11.90 16.53 4.56
C ILE F 117 -13.18 16.87 5.35
N PHE F 118 -13.74 15.86 6.02
CA PHE F 118 -14.94 16.06 6.83
C PHE F 118 -14.63 15.85 8.31
N PRO F 119 -14.83 16.87 9.16
CA PRO F 119 -14.68 16.64 10.61
C PRO F 119 -15.80 15.71 11.11
N PRO F 120 -15.68 15.08 12.30
CA PRO F 120 -16.81 14.27 12.78
C PRO F 120 -18.02 15.17 13.02
N SER F 121 -19.22 14.66 12.82
CA SER F 121 -20.43 15.46 13.04
C SER F 121 -20.66 15.61 14.55
N ASP F 122 -21.40 16.65 14.96
CA ASP F 122 -21.76 16.86 16.37
C ASP F 122 -22.62 15.72 16.85
N GLU F 123 -23.52 15.21 15.95
CA GLU F 123 -24.39 14.06 16.23
C GLU F 123 -23.57 12.81 16.64
N GLN F 124 -22.47 12.51 15.89
CA GLN F 124 -21.61 11.34 16.21
C GLN F 124 -20.85 11.54 17.52
N LEU F 125 -20.30 12.75 17.73
CA LEU F 125 -19.54 13.15 18.92
C LEU F 125 -20.30 12.82 20.21
N LYS F 126 -21.64 12.99 20.23
CA LYS F 126 -22.50 12.64 21.37
C LYS F 126 -22.32 11.17 21.78
N SER F 127 -22.20 10.25 20.78
CA SER F 127 -22.05 8.82 21.05
C SER F 127 -20.66 8.40 21.63
N GLY F 128 -19.70 9.32 21.64
CA GLY F 128 -18.37 9.06 22.20
C GLY F 128 -17.30 8.62 21.23
N THR F 129 -17.63 8.70 19.93
CA THR F 129 -16.72 8.32 18.86
C THR F 129 -16.56 9.43 17.83
N ALA F 130 -15.39 9.49 17.21
CA ALA F 130 -15.07 10.49 16.21
C ALA F 130 -14.49 9.85 14.94
N SER F 131 -15.19 10.03 13.81
CA SER F 131 -14.74 9.55 12.51
C SER F 131 -14.40 10.78 11.67
N VAL F 132 -13.15 10.86 11.17
CA VAL F 132 -12.69 11.96 10.35
C VAL F 132 -12.56 11.37 8.94
N VAL F 133 -13.26 11.95 7.97
CA VAL F 133 -13.29 11.36 6.62
C VAL F 133 -12.55 12.22 5.61
N CYS F 134 -11.59 11.63 4.89
CA CYS F 134 -10.89 12.26 3.79
C CYS F 134 -11.36 11.58 2.49
N LEU F 135 -11.88 12.38 1.53
CA LEU F 135 -12.36 11.88 0.25
C LEU F 135 -11.42 12.28 -0.90
N LEU F 136 -11.04 11.30 -1.74
CA LEU F 136 -10.22 11.57 -2.93
C LEU F 136 -11.19 11.27 -4.04
N ASN F 137 -11.59 12.31 -4.76
CA ASN F 137 -12.64 12.22 -5.75
C ASN F 137 -12.16 12.18 -7.19
N ASN F 138 -12.64 11.17 -7.95
CA ASN F 138 -12.46 11.02 -9.40
C ASN F 138 -11.04 11.13 -9.89
N PHE F 139 -10.22 10.14 -9.55
CA PHE F 139 -8.82 10.15 -9.95
C PHE F 139 -8.46 8.92 -10.82
N TYR F 140 -7.35 9.01 -11.56
CA TYR F 140 -6.81 7.93 -12.42
C TYR F 140 -5.31 8.14 -12.54
N PRO F 141 -4.44 7.12 -12.28
CA PRO F 141 -4.75 5.70 -12.00
C PRO F 141 -5.25 5.45 -10.58
N ARG F 142 -5.72 4.23 -10.33
CA ARG F 142 -6.28 3.80 -9.03
C ARG F 142 -5.31 3.99 -7.84
N GLU F 143 -3.99 3.91 -8.10
CA GLU F 143 -2.96 4.03 -7.06
C GLU F 143 -2.92 5.41 -6.43
N ALA F 144 -3.03 5.47 -5.12
CA ALA F 144 -3.02 6.73 -4.37
C ALA F 144 -2.54 6.46 -2.95
N LYS F 145 -1.84 7.43 -2.34
CA LYS F 145 -1.32 7.34 -0.98
C LYS F 145 -1.98 8.41 -0.11
N VAL F 146 -2.59 8.00 1.01
CA VAL F 146 -3.26 8.92 1.94
C VAL F 146 -2.54 8.82 3.30
N GLN F 147 -2.05 9.97 3.81
CA GLN F 147 -1.31 10.06 5.08
C GLN F 147 -2.05 11.01 6.07
N TRP F 148 -2.38 10.50 7.27
CA TRP F 148 -3.06 11.30 8.29
C TRP F 148 -2.07 11.87 9.31
N LYS F 149 -2.24 13.15 9.65
CA LYS F 149 -1.45 13.82 10.68
C LYS F 149 -2.39 14.49 11.66
N VAL F 150 -2.16 14.27 12.97
CA VAL F 150 -2.94 14.92 14.03
C VAL F 150 -1.93 15.74 14.83
N ASP F 151 -2.03 17.09 14.76
CA ASP F 151 -1.10 18.05 15.38
C ASP F 151 0.36 17.70 15.01
N ASN F 152 0.60 17.44 13.69
CA ASN F 152 1.89 17.09 13.07
C ASN F 152 2.37 15.67 13.37
N ALA F 153 1.59 14.88 14.11
CA ALA F 153 1.95 13.50 14.41
C ALA F 153 1.31 12.52 13.42
N LEU F 154 2.17 11.80 12.66
CA LEU F 154 1.80 10.79 11.67
C LEU F 154 1.01 9.67 12.38
N GLN F 155 -0.21 9.40 11.89
CA GLN F 155 -1.10 8.38 12.45
C GLN F 155 -0.81 7.02 11.84
N SER F 156 -1.01 5.92 12.60
CA SER F 156 -0.85 4.53 12.14
C SER F 156 -1.82 3.62 12.87
N GLY F 157 -2.40 2.67 12.12
CA GLY F 157 -3.31 1.66 12.63
C GLY F 157 -4.72 2.09 12.96
N ASN F 158 -5.02 3.41 12.82
CA ASN F 158 -6.35 3.95 13.17
C ASN F 158 -7.14 4.49 11.96
N SER F 159 -6.77 4.06 10.74
CA SER F 159 -7.46 4.48 9.53
C SER F 159 -7.84 3.32 8.64
N GLN F 160 -8.94 3.48 7.88
CA GLN F 160 -9.44 2.45 6.97
C GLN F 160 -9.73 3.13 5.64
N GLU F 161 -9.33 2.50 4.55
CA GLU F 161 -9.62 3.02 3.22
C GLU F 161 -10.65 2.16 2.52
N SER F 162 -11.41 2.78 1.62
CA SER F 162 -12.34 2.06 0.75
C SER F 162 -12.25 2.70 -0.64
N VAL F 163 -12.23 1.89 -1.71
CA VAL F 163 -12.10 2.37 -3.10
C VAL F 163 -13.32 1.92 -3.91
N THR F 164 -13.88 2.79 -4.75
CA THR F 164 -15.01 2.38 -5.60
C THR F 164 -14.50 1.58 -6.81
N GLU F 165 -15.43 0.96 -7.54
CA GLU F 165 -15.09 0.29 -8.82
C GLU F 165 -14.92 1.46 -9.81
N GLN F 166 -14.28 1.21 -10.92
CA GLN F 166 -14.04 2.20 -11.97
C GLN F 166 -15.37 2.77 -12.47
N ASP F 167 -15.44 4.09 -12.62
CA ASP F 167 -16.64 4.78 -13.07
C ASP F 167 -16.87 4.46 -14.56
N SER F 168 -18.09 4.07 -14.91
CA SER F 168 -18.49 3.70 -16.27
C SER F 168 -18.51 4.91 -17.22
N LYS F 169 -18.73 6.11 -16.69
CA LYS F 169 -18.80 7.36 -17.48
C LYS F 169 -17.47 8.04 -17.68
N ASP F 170 -16.64 8.20 -16.59
CA ASP F 170 -15.36 8.89 -16.75
C ASP F 170 -14.09 8.06 -16.51
N SER F 171 -14.23 6.76 -16.23
CA SER F 171 -13.11 5.80 -16.04
C SER F 171 -12.21 6.11 -14.84
N THR F 172 -12.74 6.88 -13.86
CA THR F 172 -11.98 7.24 -12.67
C THR F 172 -12.32 6.35 -11.47
N TYR F 173 -11.52 6.51 -10.42
CA TYR F 173 -11.70 5.85 -9.13
C TYR F 173 -11.92 6.94 -8.08
N SER F 174 -12.58 6.58 -6.99
CA SER F 174 -12.71 7.48 -5.84
C SER F 174 -12.34 6.68 -4.60
N LEU F 175 -11.82 7.36 -3.59
CA LEU F 175 -11.39 6.65 -2.40
C LEU F 175 -11.78 7.43 -1.15
N SER F 176 -12.15 6.71 -0.09
CA SER F 176 -12.38 7.37 1.20
C SER F 176 -11.38 6.82 2.20
N SER F 177 -10.79 7.69 3.02
CA SER F 177 -9.93 7.27 4.12
C SER F 177 -10.61 7.81 5.38
N THR F 178 -10.92 6.92 6.33
CA THR F 178 -11.60 7.28 7.56
C THR F 178 -10.68 7.05 8.75
N LEU F 179 -10.37 8.13 9.47
CA LEU F 179 -9.56 8.12 10.69
C LEU F 179 -10.54 7.94 11.87
N THR F 180 -10.36 6.88 12.67
CA THR F 180 -11.25 6.64 13.80
C THR F 180 -10.52 6.85 15.11
N LEU F 181 -11.08 7.73 15.93
CA LEU F 181 -10.54 8.06 17.24
C LEU F 181 -11.67 8.10 18.23
N SER F 182 -11.31 7.95 19.53
CA SER F 182 -12.27 8.12 20.60
C SER F 182 -12.55 9.64 20.69
N LYS F 183 -13.72 10.02 21.19
CA LYS F 183 -14.07 11.43 21.39
C LYS F 183 -12.99 12.10 22.28
N ALA F 184 -12.50 11.36 23.32
CA ALA F 184 -11.46 11.78 24.26
C ALA F 184 -10.18 12.19 23.52
N ASP F 185 -9.64 11.33 22.64
CA ASP F 185 -8.47 11.64 21.82
C ASP F 185 -8.73 12.79 20.85
N TYR F 186 -9.92 12.83 20.22
CA TYR F 186 -10.27 13.89 19.27
C TYR F 186 -10.24 15.30 19.91
N GLU F 187 -10.80 15.41 21.11
CA GLU F 187 -10.89 16.67 21.85
C GLU F 187 -9.56 17.16 22.43
N LYS F 188 -8.52 16.32 22.49
CA LYS F 188 -7.23 16.79 22.98
C LYS F 188 -6.30 17.32 21.87
N HIS F 189 -6.81 17.33 20.61
CA HIS F 189 -6.02 17.82 19.48
C HIS F 189 -6.69 18.89 18.62
N LYS F 190 -5.87 19.72 17.96
CA LYS F 190 -6.38 20.83 17.16
C LYS F 190 -6.38 20.59 15.65
N VAL F 191 -5.18 20.35 15.05
CA VAL F 191 -4.95 20.23 13.61
C VAL F 191 -5.11 18.81 13.09
N TYR F 192 -6.15 18.58 12.24
CA TYR F 192 -6.45 17.28 11.58
C TYR F 192 -6.19 17.43 10.09
N ALA F 193 -5.21 16.71 9.57
CA ALA F 193 -4.79 16.83 8.18
C ALA F 193 -4.68 15.51 7.47
N CYS F 194 -5.10 15.55 6.23
CA CYS F 194 -5.07 14.44 5.31
C CYS F 194 -4.09 14.84 4.21
N GLU F 195 -3.08 14.04 3.95
CA GLU F 195 -2.10 14.31 2.89
C GLU F 195 -2.25 13.29 1.77
N VAL F 196 -2.40 13.78 0.53
CA VAL F 196 -2.65 12.93 -0.62
C VAL F 196 -1.53 13.01 -1.63
N THR F 197 -0.98 11.83 -1.99
CA THR F 197 0.05 11.64 -2.99
C THR F 197 -0.58 10.85 -4.14
N HIS F 198 -0.51 11.42 -5.35
CA HIS F 198 -1.05 10.80 -6.56
C HIS F 198 -0.28 11.33 -7.76
N GLN F 199 -0.15 10.49 -8.77
CA GLN F 199 0.52 10.76 -10.05
C GLN F 199 0.08 12.08 -10.73
N GLY F 200 -1.21 12.44 -10.66
CA GLY F 200 -1.71 13.68 -11.28
C GLY F 200 -1.42 14.96 -10.51
N LEU F 201 -0.86 14.84 -9.30
CA LEU F 201 -0.48 15.98 -8.44
C LEU F 201 1.03 16.17 -8.53
N SER F 202 1.50 17.38 -8.85
CA SER F 202 2.95 17.64 -8.96
C SER F 202 3.62 17.60 -7.59
N SER F 203 2.84 17.84 -6.55
CA SER F 203 3.27 17.79 -5.16
C SER F 203 2.13 17.21 -4.33
N PRO F 204 2.41 16.47 -3.22
CA PRO F 204 1.31 15.97 -2.38
C PRO F 204 0.41 17.12 -1.91
N VAL F 205 -0.92 16.90 -1.86
CA VAL F 205 -1.91 17.91 -1.46
C VAL F 205 -2.38 17.63 -0.03
N THR F 206 -2.50 18.67 0.79
CA THR F 206 -2.98 18.53 2.16
C THR F 206 -4.27 19.32 2.35
N LYS F 207 -5.28 18.67 2.92
CA LYS F 207 -6.55 19.27 3.32
C LYS F 207 -6.62 19.07 4.81
N SER F 208 -6.91 20.15 5.51
CA SER F 208 -6.93 20.11 6.97
C SER F 208 -7.99 21.01 7.56
N PHE F 209 -8.25 20.83 8.85
CA PHE F 209 -9.13 21.72 9.61
C PHE F 209 -8.58 21.81 11.05
N ASN F 210 -9.02 22.85 11.77
CA ASN F 210 -8.71 23.06 13.19
C ASN F 210 -10.00 22.76 13.91
N ARG F 211 -9.97 21.77 14.84
CA ARG F 211 -11.14 21.35 15.64
C ARG F 211 -11.77 22.57 16.33
N GLY F 212 -13.08 22.75 16.18
CA GLY F 212 -13.80 23.88 16.77
C GLY F 212 -13.70 25.20 16.01
N GLU F 213 -13.27 25.14 14.73
CA GLU F 213 -13.16 26.32 13.86
C GLU F 213 -13.87 26.07 12.54
#